data_5X1I
#
_entry.id   5X1I
#
_cell.length_a   102.004
_cell.length_b   118.604
_cell.length_c   128.838
_cell.angle_alpha   90.00
_cell.angle_beta   90.00
_cell.angle_gamma   90.00
#
_symmetry.space_group_name_H-M   'P 21 21 2'
#
loop_
_entity.id
_entity.type
_entity.pdbx_description
1 polymer 'Vanillate/3-O-methylgallate O-demethylase'
2 non-polymer 1,2-ETHANEDIOL
3 water water
#
_entity_poly.entity_id   1
_entity_poly.type   'polypeptide(L)'
_entity_poly.pdbx_seq_one_letter_code
;GSSMSAPTNLEQVLAAGGNTVEMLRNSQIGAYVYPVVAPEFSNWRTEQWAWRNSAVLFDQTHHMVDLYIRGKDALKLLSD
TMINSPKGWEPNKAKQYVPVTPYGHVIGDGIIFYLAEEEFVYVGRAPAANWLMYHAQTGGYNVDIVHDDRSPSRPMGKPV
QRISWRFQIQGPKAWDVIEKLHGGTLEKLKFFNMAEMNIAGMKIRTLRHGMAGAPGLEIWGPYETQEKARNAILEAGKEF
GLIPVGSRAYPSNTLESGWIPSPLPAIYTGDKLKAYREWLPANSYEASGAIGGSFVSSNIEDYYVNPYEIGYGPFVKFDH
DFIGRDALEAIDPATQRKKVTLAWNGDDMAKIYASLFDTEADAHYKFFDLPLANYANTNADAVLDAAGNVVGMSMFTGYS
YNEKRALSLATIDHEIPVGTELTVLWGEENGGTRKTTVEPHKQMAVRAVVSPVPYSVTARETYEGGWRKAAVTA
;
_entity_poly.pdbx_strand_id   A,B,C
#
loop_
_chem_comp.id
_chem_comp.type
_chem_comp.name
_chem_comp.formula
EDO non-polymer 1,2-ETHANEDIOL 'C2 H6 O2'
#
# COMPACT_ATOMS: atom_id res chain seq x y z
N ALA A 6 31.17 -58.42 -13.61
CA ALA A 6 31.90 -58.85 -12.43
C ALA A 6 31.60 -58.01 -11.15
N PRO A 7 31.56 -56.67 -11.22
CA PRO A 7 31.41 -55.89 -9.98
C PRO A 7 30.01 -56.01 -9.39
N THR A 8 29.94 -56.17 -8.07
CA THR A 8 28.64 -56.19 -7.40
C THR A 8 28.42 -55.06 -6.43
N ASN A 9 29.38 -54.16 -6.23
CA ASN A 9 29.12 -52.99 -5.39
C ASN A 9 29.84 -51.77 -5.94
N LEU A 10 29.47 -50.59 -5.41
CA LEU A 10 30.04 -49.34 -5.90
C LEU A 10 31.56 -49.31 -5.74
N GLU A 11 32.07 -49.83 -4.62
CA GLU A 11 33.50 -49.76 -4.39
C GLU A 11 34.26 -50.50 -5.50
N GLN A 12 33.77 -51.67 -5.91
CA GLN A 12 34.40 -52.39 -7.03
C GLN A 12 34.29 -51.60 -8.33
N VAL A 13 33.14 -50.97 -8.58
CA VAL A 13 32.96 -50.16 -9.79
C VAL A 13 34.00 -49.05 -9.86
N LEU A 14 34.17 -48.31 -8.76
CA LEU A 14 35.14 -47.22 -8.77
C LEU A 14 36.55 -47.74 -8.92
N ALA A 15 36.87 -48.87 -8.28
CA ALA A 15 38.23 -49.39 -8.37
C ALA A 15 38.57 -49.77 -9.80
N ALA A 16 37.61 -50.33 -10.52
CA ALA A 16 37.82 -50.73 -11.90
C ALA A 16 37.50 -49.62 -12.91
N GLY A 17 37.02 -48.46 -12.47
CA GLY A 17 36.54 -47.47 -13.39
C GLY A 17 37.44 -46.29 -13.70
N GLY A 18 38.66 -46.26 -13.17
CA GLY A 18 39.50 -45.10 -13.44
C GLY A 18 39.03 -43.88 -12.67
N ASN A 19 39.36 -42.71 -13.21
CA ASN A 19 38.96 -41.46 -12.58
C ASN A 19 37.44 -41.40 -12.41
N THR A 20 36.99 -41.14 -11.18
CA THR A 20 35.55 -41.18 -10.88
C THR A 20 34.79 -40.10 -11.64
N VAL A 21 35.35 -38.89 -11.76
CA VAL A 21 34.66 -37.84 -12.53
C VAL A 21 34.53 -38.27 -13.99
N GLU A 22 35.60 -38.83 -14.57
CA GLU A 22 35.53 -39.24 -15.97
C GLU A 22 34.50 -40.36 -16.15
N MET A 23 34.42 -41.28 -15.19
CA MET A 23 33.46 -42.37 -15.30
C MET A 23 32.03 -41.85 -15.33
N LEU A 24 31.70 -40.94 -14.42
CA LEU A 24 30.33 -40.44 -14.28
C LEU A 24 29.98 -39.47 -15.40
N ARG A 25 30.93 -38.66 -15.85
CA ARG A 25 30.63 -37.73 -16.92
C ARG A 25 30.55 -38.40 -18.28
N ASN A 26 30.90 -39.68 -18.38
CA ASN A 26 30.82 -40.44 -19.63
C ASN A 26 29.91 -41.65 -19.48
N SER A 27 29.10 -41.68 -18.42
CA SER A 27 28.23 -42.81 -18.14
C SER A 27 27.29 -43.09 -19.31
N GLN A 28 27.00 -44.37 -19.53
CA GLN A 28 26.13 -44.77 -20.64
C GLN A 28 24.69 -44.98 -20.21
N ILE A 29 24.28 -44.41 -19.08
CA ILE A 29 22.96 -44.73 -18.53
C ILE A 29 21.80 -44.18 -19.38
N GLY A 30 21.96 -43.02 -20.01
CA GLY A 30 20.78 -42.32 -20.56
C GLY A 30 20.11 -41.34 -19.60
N ALA A 31 18.91 -40.88 -19.98
CA ALA A 31 18.28 -39.74 -19.30
C ALA A 31 17.61 -40.09 -17.98
N TYR A 32 17.73 -39.19 -16.99
CA TYR A 32 16.98 -39.31 -15.74
C TYR A 32 15.50 -39.10 -16.02
N VAL A 33 14.71 -40.14 -15.88
CA VAL A 33 13.34 -40.15 -16.40
C VAL A 33 12.37 -39.95 -15.24
N TYR A 34 11.23 -39.33 -15.55
CA TYR A 34 10.05 -39.27 -14.68
C TYR A 34 8.96 -40.13 -15.31
N PRO A 35 8.75 -41.36 -14.82
CA PRO A 35 8.05 -42.41 -15.59
C PRO A 35 6.54 -42.54 -15.36
N VAL A 36 5.93 -43.39 -16.22
CA VAL A 36 4.54 -43.88 -16.15
C VAL A 36 3.54 -42.78 -16.48
N VAL A 37 3.62 -41.65 -15.77
CA VAL A 37 2.71 -40.53 -16.03
C VAL A 37 2.89 -40.01 -17.45
N ALA A 38 1.78 -39.74 -18.12
CA ALA A 38 1.82 -39.27 -19.50
C ALA A 38 2.65 -37.99 -19.60
N PRO A 39 3.46 -37.85 -20.66
CA PRO A 39 4.23 -36.60 -20.83
C PRO A 39 3.38 -35.34 -20.77
N GLU A 40 2.24 -35.34 -21.47
CA GLU A 40 1.37 -34.18 -21.49
C GLU A 40 -0.06 -34.67 -21.44
N PHE A 41 -0.93 -33.87 -20.80
CA PHE A 41 -2.37 -34.10 -20.91
C PHE A 41 -3.02 -33.10 -21.84
N SER A 42 -2.65 -31.83 -21.70
CA SER A 42 -3.07 -30.80 -22.64
C SER A 42 -1.79 -30.37 -23.38
N ASN A 43 -1.02 -29.45 -22.84
CA ASN A 43 0.34 -29.21 -23.31
C ASN A 43 1.13 -28.64 -22.14
N TRP A 44 2.44 -28.84 -22.15
CA TRP A 44 3.24 -28.41 -21.00
C TRP A 44 3.17 -26.91 -20.75
N ARG A 45 2.93 -26.09 -21.79
CA ARG A 45 2.83 -24.66 -21.57
C ARG A 45 1.56 -24.30 -20.77
N THR A 46 0.41 -24.81 -21.21
CA THR A 46 -0.82 -24.60 -20.46
C THR A 46 -0.76 -25.23 -19.07
N GLU A 47 -0.04 -26.35 -18.95
CA GLU A 47 0.04 -27.02 -17.66
C GLU A 47 0.89 -26.21 -16.67
N GLN A 48 1.99 -25.62 -17.15
CA GLN A 48 2.74 -24.69 -16.30
C GLN A 48 1.90 -23.48 -15.93
N TRP A 49 1.17 -22.93 -16.90
CA TRP A 49 0.36 -21.74 -16.65
C TRP A 49 -0.67 -22.01 -15.55
N ALA A 50 -1.22 -23.23 -15.52
CA ALA A 50 -2.32 -23.51 -14.62
C ALA A 50 -1.89 -23.54 -13.15
N TRP A 51 -0.65 -23.95 -12.85
CA TRP A 51 -0.28 -23.92 -11.45
C TRP A 51 -0.07 -22.50 -10.92
N ARG A 52 0.04 -21.51 -11.81
CA ARG A 52 0.04 -20.13 -11.37
C ARG A 52 -1.30 -19.42 -11.58
N ASN A 53 -2.22 -19.97 -12.37
CA ASN A 53 -3.42 -19.20 -12.73
C ASN A 53 -4.74 -19.91 -12.47
N SER A 54 -4.75 -21.23 -12.32
CA SER A 54 -6.01 -21.89 -11.99
C SER A 54 -5.73 -22.94 -10.92
N ALA A 55 -5.72 -24.21 -11.32
CA ALA A 55 -5.34 -25.26 -10.38
C ALA A 55 -4.84 -26.46 -11.16
N VAL A 56 -4.04 -27.29 -10.49
CA VAL A 56 -3.48 -28.47 -11.14
C VAL A 56 -3.57 -29.66 -10.21
N LEU A 57 -3.59 -30.85 -10.83
CA LEU A 57 -3.42 -32.11 -10.13
C LEU A 57 -2.05 -32.63 -10.53
N PHE A 58 -1.13 -32.70 -9.56
CA PHE A 58 0.18 -33.33 -9.78
C PHE A 58 0.09 -34.80 -9.41
N ASP A 59 0.52 -35.69 -10.31
CA ASP A 59 0.54 -37.12 -10.04
C ASP A 59 1.95 -37.53 -9.62
N GLN A 60 2.16 -37.72 -8.31
CA GLN A 60 3.47 -38.00 -7.76
C GLN A 60 3.66 -39.47 -7.41
N THR A 61 2.80 -40.35 -7.97
CA THR A 61 2.73 -41.73 -7.53
C THR A 61 3.93 -42.57 -7.97
N HIS A 62 4.65 -42.15 -9.00
CA HIS A 62 5.57 -43.08 -9.65
C HIS A 62 7.05 -42.70 -9.68
N HIS A 63 7.42 -41.45 -9.44
CA HIS A 63 8.81 -41.11 -9.68
C HIS A 63 9.72 -41.13 -8.45
N MET A 64 9.20 -41.42 -7.26
N MET A 64 9.20 -41.41 -7.26
CA MET A 64 9.99 -41.34 -6.04
CA MET A 64 10.02 -41.37 -6.06
C MET A 64 10.00 -42.68 -5.31
C MET A 64 10.05 -42.73 -5.38
N VAL A 65 11.07 -42.91 -4.55
CA VAL A 65 11.21 -44.11 -3.71
C VAL A 65 10.46 -43.88 -2.41
N ASP A 66 9.73 -44.88 -1.94
CA ASP A 66 9.08 -44.86 -0.64
C ASP A 66 9.76 -45.87 0.29
N LEU A 67 10.11 -45.40 1.50
CA LEU A 67 10.64 -46.24 2.58
C LEU A 67 9.66 -46.21 3.76
N TYR A 68 9.01 -47.31 4.05
CA TYR A 68 8.14 -47.39 5.22
C TYR A 68 9.00 -47.87 6.38
N ILE A 69 9.14 -47.03 7.41
CA ILE A 69 10.09 -47.25 8.49
C ILE A 69 9.31 -47.38 9.78
N ARG A 70 9.43 -48.53 10.44
CA ARG A 70 8.64 -48.85 11.63
C ARG A 70 9.52 -49.43 12.72
N GLY A 71 9.13 -49.20 13.98
CA GLY A 71 9.77 -49.90 15.09
C GLY A 71 10.26 -48.95 16.16
N LYS A 72 10.78 -49.57 17.24
CA LYS A 72 11.15 -48.80 18.44
C LYS A 72 12.23 -47.78 18.14
N ASP A 73 13.16 -48.11 17.24
CA ASP A 73 14.29 -47.26 16.95
C ASP A 73 14.12 -46.44 15.68
N ALA A 74 12.90 -46.35 15.13
CA ALA A 74 12.69 -45.61 13.90
C ALA A 74 13.10 -44.14 14.06
N LEU A 75 12.61 -43.48 15.11
CA LEU A 75 12.90 -42.06 15.30
C LEU A 75 14.38 -41.82 15.56
N LYS A 76 15.03 -42.71 16.32
CA LYS A 76 16.46 -42.56 16.60
C LYS A 76 17.29 -42.71 15.33
N LEU A 77 16.88 -43.61 14.43
CA LEU A 77 17.55 -43.74 13.14
C LEU A 77 17.51 -42.44 12.37
N LEU A 78 16.34 -41.79 12.32
CA LEU A 78 16.23 -40.49 11.65
C LEU A 78 17.05 -39.44 12.36
N SER A 79 16.88 -39.33 13.68
CA SER A 79 17.62 -38.32 14.44
C SER A 79 19.13 -38.50 14.26
N ASP A 80 19.62 -39.74 14.32
CA ASP A 80 21.04 -39.99 14.19
C ASP A 80 21.59 -39.64 12.81
N THR A 81 20.76 -39.52 11.78
CA THR A 81 21.26 -39.32 10.42
C THR A 81 20.84 -38.02 9.76
N MET A 82 20.05 -37.18 10.43
CA MET A 82 19.54 -35.96 9.81
C MET A 82 20.13 -34.74 10.49
N ILE A 83 20.31 -33.67 9.70
CA ILE A 83 20.73 -32.40 10.26
C ILE A 83 19.57 -31.76 11.03
N ASN A 84 18.33 -32.15 10.71
CA ASN A 84 17.13 -31.53 11.23
C ASN A 84 16.95 -31.77 12.74
N SER A 85 16.34 -30.79 13.43
CA SER A 85 16.03 -30.99 14.85
C SER A 85 14.93 -32.02 15.01
N PRO A 86 15.11 -33.04 15.86
CA PRO A 86 14.00 -33.91 16.24
C PRO A 86 13.21 -33.44 17.44
N LYS A 87 13.62 -32.35 18.09
CA LYS A 87 12.97 -31.95 19.32
C LYS A 87 11.55 -31.48 19.05
N GLY A 88 10.59 -32.05 19.76
CA GLY A 88 9.20 -31.68 19.60
C GLY A 88 8.53 -32.29 18.40
N TRP A 89 9.21 -33.17 17.67
CA TRP A 89 8.61 -33.82 16.53
C TRP A 89 7.60 -34.85 16.99
N GLU A 90 6.36 -34.70 16.54
CA GLU A 90 5.22 -35.52 16.87
C GLU A 90 4.58 -36.07 15.60
N PRO A 91 3.81 -37.16 15.70
CA PRO A 91 3.01 -37.60 14.55
C PRO A 91 2.16 -36.47 13.98
N ASN A 92 1.96 -36.55 12.66
CA ASN A 92 1.19 -35.60 11.86
C ASN A 92 1.96 -34.31 11.62
N LYS A 93 3.28 -34.43 11.59
CA LYS A 93 4.15 -33.38 11.09
C LYS A 93 5.20 -34.03 10.18
N ALA A 94 5.43 -33.43 9.02
CA ALA A 94 6.48 -33.92 8.14
C ALA A 94 7.68 -32.99 8.19
N LYS A 95 8.84 -33.53 7.78
CA LYS A 95 10.09 -32.79 7.70
C LYS A 95 10.78 -33.07 6.38
N GLN A 96 11.50 -32.08 5.88
CA GLN A 96 12.41 -32.33 4.76
C GLN A 96 13.72 -32.86 5.35
N TYR A 97 13.81 -34.19 5.43
CA TYR A 97 14.98 -34.90 5.94
C TYR A 97 16.21 -34.66 5.07
N VAL A 98 17.28 -34.13 5.66
CA VAL A 98 18.54 -33.94 4.93
C VAL A 98 19.71 -34.62 5.65
N PRO A 99 20.24 -35.71 5.11
CA PRO A 99 21.42 -36.35 5.71
C PRO A 99 22.72 -35.86 5.07
N VAL A 100 23.74 -35.67 5.90
CA VAL A 100 25.09 -35.38 5.41
C VAL A 100 26.01 -36.54 5.77
N THR A 101 27.13 -36.62 5.06
CA THR A 101 28.18 -37.58 5.36
C THR A 101 28.95 -37.14 6.61
N PRO A 102 29.83 -38.00 7.13
CA PRO A 102 30.71 -37.54 8.22
C PRO A 102 31.57 -36.33 7.84
N TYR A 103 31.72 -36.05 6.55
CA TYR A 103 32.51 -34.91 6.08
C TYR A 103 31.69 -33.66 5.86
N GLY A 104 30.38 -33.70 6.17
CA GLY A 104 29.53 -32.53 6.11
C GLY A 104 28.83 -32.29 4.78
N HIS A 105 28.95 -33.19 3.81
CA HIS A 105 28.38 -32.98 2.48
C HIS A 105 27.01 -33.66 2.34
N VAL A 106 26.14 -33.03 1.57
CA VAL A 106 24.78 -33.54 1.36
C VAL A 106 24.81 -34.89 0.64
N ILE A 107 24.09 -35.85 1.18
CA ILE A 107 23.85 -37.11 0.48
C ILE A 107 22.64 -37.01 -0.44
N GLY A 108 21.57 -36.45 0.09
CA GLY A 108 20.35 -36.25 -0.67
C GLY A 108 19.35 -35.59 0.25
N ASP A 109 18.06 -35.80 -0.04
CA ASP A 109 17.03 -35.28 0.83
C ASP A 109 15.73 -35.99 0.44
N GLY A 110 14.75 -35.92 1.34
CA GLY A 110 13.42 -36.41 1.02
C GLY A 110 12.45 -35.91 2.06
N ILE A 111 11.17 -36.23 1.88
CA ILE A 111 10.15 -35.86 2.85
C ILE A 111 9.91 -37.05 3.75
N ILE A 112 9.97 -36.83 5.06
N ILE A 112 9.95 -36.83 5.05
CA ILE A 112 9.72 -37.89 6.01
CA ILE A 112 9.69 -37.89 6.00
C ILE A 112 8.42 -37.56 6.76
C ILE A 112 8.42 -37.56 6.76
N PHE A 113 7.43 -38.43 6.61
CA PHE A 113 6.14 -38.26 7.26
C PHE A 113 6.15 -39.02 8.58
N TYR A 114 5.76 -38.35 9.66
CA TYR A 114 5.61 -39.00 10.96
C TYR A 114 4.13 -39.36 11.07
N LEU A 115 3.81 -40.61 10.69
CA LEU A 115 2.41 -40.99 10.55
C LEU A 115 1.78 -41.34 11.89
N ALA A 116 2.53 -42.01 12.77
CA ALA A 116 2.04 -42.44 14.07
C ALA A 116 3.25 -42.82 14.91
N GLU A 117 3.02 -43.12 16.18
CA GLU A 117 4.11 -43.58 17.02
C GLU A 117 4.82 -44.76 16.37
N GLU A 118 6.13 -44.62 16.21
CA GLU A 118 7.02 -45.65 15.65
C GLU A 118 6.66 -46.00 14.21
N GLU A 119 6.10 -45.05 13.46
CA GLU A 119 5.71 -45.30 12.07
C GLU A 119 6.01 -44.06 11.24
N PHE A 120 6.96 -44.18 10.31
CA PHE A 120 7.37 -43.09 9.43
C PHE A 120 7.37 -43.57 7.99
N VAL A 121 7.27 -42.63 7.05
CA VAL A 121 7.51 -42.93 5.64
C VAL A 121 8.43 -41.89 5.07
N TYR A 122 9.47 -42.34 4.38
CA TYR A 122 10.31 -41.47 3.55
C TYR A 122 9.79 -41.50 2.12
N VAL A 123 9.73 -40.34 1.48
CA VAL A 123 9.39 -40.21 0.07
C VAL A 123 10.42 -39.31 -0.56
N GLY A 124 11.16 -39.83 -1.54
CA GLY A 124 12.14 -39.00 -2.20
C GLY A 124 12.99 -39.82 -3.14
N ARG A 125 14.09 -39.21 -3.57
CA ARG A 125 14.95 -39.90 -4.52
C ARG A 125 15.77 -41.00 -3.83
N ALA A 126 16.42 -41.83 -4.66
CA ALA A 126 17.13 -43.00 -4.13
C ALA A 126 18.26 -42.67 -3.14
N PRO A 127 19.09 -41.65 -3.32
CA PRO A 127 20.29 -41.54 -2.45
C PRO A 127 20.01 -41.48 -0.96
N ALA A 128 19.04 -40.67 -0.49
CA ALA A 128 18.81 -40.65 0.95
C ALA A 128 18.11 -41.91 1.42
N ALA A 129 17.33 -42.55 0.55
CA ALA A 129 16.72 -43.83 0.92
C ALA A 129 17.77 -44.90 1.11
N ASN A 130 18.77 -44.94 0.22
CA ASN A 130 19.84 -45.93 0.33
C ASN A 130 20.61 -45.76 1.63
N TRP A 131 20.85 -44.51 2.02
CA TRP A 131 21.56 -44.21 3.26
C TRP A 131 20.78 -44.69 4.48
N LEU A 132 19.48 -44.38 4.51
CA LEU A 132 18.62 -44.85 5.58
C LEU A 132 18.64 -46.38 5.66
N MET A 133 18.53 -47.05 4.51
CA MET A 133 18.50 -48.51 4.53
C MET A 133 19.82 -49.10 5.04
N TYR A 134 20.94 -48.51 4.63
CA TYR A 134 22.24 -49.01 5.07
C TYR A 134 22.38 -48.90 6.58
N HIS A 135 21.96 -47.77 7.15
CA HIS A 135 22.10 -47.60 8.59
C HIS A 135 21.11 -48.45 9.35
N ALA A 136 19.89 -48.60 8.81
CA ALA A 136 18.94 -49.52 9.44
C ALA A 136 19.47 -50.94 9.43
N GLN A 137 20.21 -51.31 8.39
CA GLN A 137 20.71 -52.67 8.19
C GLN A 137 21.90 -52.97 9.09
N THR A 138 22.85 -52.04 9.16
CA THR A 138 24.17 -52.30 9.72
C THR A 138 24.41 -51.66 11.07
N GLY A 139 23.60 -50.70 11.47
CA GLY A 139 23.81 -49.99 12.71
C GLY A 139 23.12 -50.58 13.92
N GLY A 140 22.48 -51.73 13.78
CA GLY A 140 21.86 -52.37 14.93
C GLY A 140 20.61 -51.69 15.45
N TYR A 141 19.89 -50.97 14.61
CA TYR A 141 18.65 -50.33 15.03
C TYR A 141 17.52 -51.35 15.11
N ASN A 142 16.68 -51.24 16.12
CA ASN A 142 15.50 -52.10 16.23
C ASN A 142 14.40 -51.50 15.36
N VAL A 143 14.44 -51.84 14.07
CA VAL A 143 13.58 -51.17 13.08
C VAL A 143 13.29 -52.16 11.98
N ASP A 144 12.16 -51.93 11.30
CA ASP A 144 11.72 -52.76 10.18
C ASP A 144 11.43 -51.82 9.02
N ILE A 145 11.94 -52.14 7.84
CA ILE A 145 11.80 -51.25 6.70
C ILE A 145 11.19 -52.00 5.52
N VAL A 146 10.19 -51.41 4.88
CA VAL A 146 9.70 -51.87 3.58
C VAL A 146 10.14 -50.86 2.53
N HIS A 147 10.89 -51.32 1.54
CA HIS A 147 11.36 -50.49 0.45
C HIS A 147 10.40 -50.68 -0.72
N ASP A 148 9.86 -49.57 -1.25
CA ASP A 148 8.97 -49.62 -2.42
C ASP A 148 9.58 -48.70 -3.46
N ASP A 149 10.26 -49.30 -4.43
CA ASP A 149 11.04 -48.53 -5.38
C ASP A 149 10.13 -47.66 -6.24
N ARG A 150 10.71 -46.61 -6.81
CA ARG A 150 10.04 -45.85 -7.87
C ARG A 150 9.71 -46.80 -9.03
N SER A 151 8.74 -46.40 -9.85
CA SER A 151 8.30 -47.24 -10.95
C SER A 151 9.38 -47.31 -12.02
N PRO A 152 9.38 -48.37 -12.84
CA PRO A 152 10.45 -48.54 -13.84
C PRO A 152 10.39 -47.45 -14.90
N SER A 153 11.55 -46.87 -15.21
CA SER A 153 11.55 -45.64 -16.01
C SER A 153 11.33 -45.90 -17.50
N ARG A 154 11.32 -47.17 -17.92
CA ARG A 154 10.86 -47.57 -19.25
C ARG A 154 10.17 -48.91 -19.12
N PRO A 155 8.94 -48.92 -18.60
CA PRO A 155 8.28 -50.20 -18.27
C PRO A 155 7.90 -51.02 -19.50
N MET A 156 7.07 -50.45 -20.36
CA MET A 156 6.60 -51.11 -21.57
C MET A 156 5.87 -52.42 -21.25
N GLY A 157 5.00 -52.39 -20.25
CA GLY A 157 4.35 -53.59 -19.76
C GLY A 157 5.16 -54.28 -18.69
N VAL A 160 3.34 -51.78 -13.53
CA VAL A 160 3.47 -50.68 -12.58
C VAL A 160 2.42 -50.78 -11.46
N GLN A 161 2.90 -50.84 -10.23
CA GLN A 161 2.08 -50.75 -9.03
C GLN A 161 2.94 -50.21 -7.90
N ARG A 162 2.33 -49.48 -6.98
CA ARG A 162 2.99 -48.97 -5.79
C ARG A 162 2.16 -49.36 -4.58
N ILE A 163 2.73 -49.16 -3.39
CA ILE A 163 1.94 -49.34 -2.17
C ILE A 163 0.95 -48.20 -1.99
N SER A 164 1.33 -46.98 -2.35
CA SER A 164 0.47 -45.81 -2.16
C SER A 164 0.44 -44.98 -3.43
N TRP A 165 -0.68 -44.27 -3.64
CA TRP A 165 -0.68 -43.17 -4.59
C TRP A 165 -0.42 -41.86 -3.85
N ARG A 166 0.09 -40.86 -4.56
CA ARG A 166 0.40 -39.56 -3.95
C ARG A 166 0.12 -38.49 -4.99
N PHE A 167 -0.72 -37.52 -4.65
CA PHE A 167 -1.11 -36.43 -5.52
C PHE A 167 -0.82 -35.11 -4.82
N GLN A 168 -0.69 -34.03 -5.60
CA GLN A 168 -0.80 -32.69 -5.02
C GLN A 168 -1.87 -31.92 -5.76
N ILE A 169 -2.63 -31.09 -5.03
CA ILE A 169 -3.56 -30.14 -5.61
C ILE A 169 -3.01 -28.76 -5.30
N GLN A 170 -2.69 -27.99 -6.35
CA GLN A 170 -1.94 -26.75 -6.21
C GLN A 170 -2.50 -25.71 -7.16
N GLY A 171 -2.17 -24.44 -6.89
CA GLY A 171 -2.60 -23.36 -7.73
C GLY A 171 -3.42 -22.34 -6.95
N PRO A 172 -3.63 -21.16 -7.52
CA PRO A 172 -4.46 -20.15 -6.82
C PRO A 172 -5.87 -20.63 -6.51
N LYS A 173 -6.42 -21.57 -7.27
CA LYS A 173 -7.76 -22.07 -7.00
C LYS A 173 -7.75 -23.43 -6.32
N ALA A 174 -6.57 -23.90 -5.88
CA ALA A 174 -6.51 -25.23 -5.27
C ALA A 174 -7.40 -25.33 -4.02
N TRP A 175 -7.37 -24.32 -3.15
CA TRP A 175 -8.12 -24.46 -1.90
C TRP A 175 -9.63 -24.47 -2.16
N ASP A 176 -10.10 -23.74 -3.17
CA ASP A 176 -11.49 -23.86 -3.61
C ASP A 176 -11.81 -25.29 -4.04
N VAL A 177 -10.92 -25.92 -4.81
CA VAL A 177 -11.18 -27.30 -5.21
C VAL A 177 -11.21 -28.19 -3.98
N ILE A 178 -10.25 -27.98 -3.07
CA ILE A 178 -10.12 -28.82 -1.88
C ILE A 178 -11.38 -28.74 -1.01
N GLU A 179 -11.90 -27.54 -0.79
CA GLU A 179 -13.09 -27.41 0.06
C GLU A 179 -14.33 -27.95 -0.64
N LYS A 180 -14.40 -27.81 -1.96
CA LYS A 180 -15.50 -28.45 -2.69
C LYS A 180 -15.45 -29.96 -2.50
N LEU A 181 -14.26 -30.54 -2.62
CA LEU A 181 -14.13 -31.98 -2.37
C LEU A 181 -14.49 -32.32 -0.92
N HIS A 182 -14.01 -31.51 0.02
CA HIS A 182 -14.23 -31.81 1.42
C HIS A 182 -15.70 -31.71 1.80
N GLY A 183 -16.45 -30.87 1.12
CA GLY A 183 -17.83 -30.62 1.49
C GLY A 183 -18.00 -29.48 2.46
N GLY A 184 -16.95 -28.70 2.71
CA GLY A 184 -17.05 -27.57 3.59
C GLY A 184 -15.68 -26.97 3.82
N THR A 185 -15.61 -26.08 4.81
CA THR A 185 -14.38 -25.36 5.10
C THR A 185 -13.31 -26.34 5.59
N LEU A 186 -12.07 -26.14 5.12
CA LEU A 186 -10.94 -26.92 5.59
C LEU A 186 -9.88 -25.97 6.13
N GLU A 187 -9.48 -26.18 7.38
CA GLU A 187 -8.50 -25.30 7.99
C GLU A 187 -7.16 -25.45 7.28
N LYS A 188 -6.50 -24.32 7.05
CA LYS A 188 -5.13 -24.30 6.52
C LYS A 188 -4.18 -24.38 7.71
N LEU A 189 -3.60 -25.56 7.91
CA LEU A 189 -2.63 -25.75 8.98
C LEU A 189 -1.31 -25.09 8.61
N LYS A 190 -0.35 -25.12 9.54
CA LYS A 190 0.99 -24.65 9.22
C LYS A 190 1.64 -25.57 8.19
N PHE A 191 2.58 -25.01 7.44
CA PHE A 191 3.29 -25.77 6.41
C PHE A 191 3.80 -27.10 6.94
N PHE A 192 3.56 -28.17 6.18
CA PHE A 192 4.01 -29.53 6.47
C PHE A 192 3.34 -30.14 7.68
N ASN A 193 2.25 -29.55 8.20
CA ASN A 193 1.43 -30.24 9.19
C ASN A 193 0.42 -31.11 8.47
N MET A 194 0.08 -32.23 9.09
CA MET A 194 -0.74 -33.26 8.47
C MET A 194 -2.09 -33.37 9.16
N ALA A 195 -3.13 -33.65 8.37
CA ALA A 195 -4.46 -33.90 8.92
C ALA A 195 -5.24 -34.79 7.96
N GLU A 196 -6.50 -34.47 7.72
CA GLU A 196 -7.28 -35.30 6.82
C GLU A 196 -8.38 -34.46 6.18
N MET A 197 -8.97 -35.01 5.12
CA MET A 197 -10.04 -34.37 4.39
C MET A 197 -10.92 -35.47 3.79
N ASN A 198 -12.10 -35.05 3.31
CA ASN A 198 -13.00 -35.96 2.61
C ASN A 198 -12.78 -35.83 1.11
N ILE A 199 -12.64 -36.97 0.43
CA ILE A 199 -12.74 -37.05 -1.02
C ILE A 199 -13.63 -38.25 -1.33
N ALA A 200 -14.83 -37.99 -1.84
CA ALA A 200 -15.71 -39.04 -2.34
C ALA A 200 -15.97 -40.11 -1.29
N GLY A 201 -16.21 -39.69 -0.06
CA GLY A 201 -16.52 -40.60 1.03
C GLY A 201 -15.32 -41.22 1.73
N MET A 202 -14.11 -41.02 1.23
CA MET A 202 -12.92 -41.52 1.91
C MET A 202 -12.34 -40.46 2.83
N LYS A 203 -11.75 -40.91 3.94
CA LYS A 203 -10.90 -40.08 4.79
C LYS A 203 -9.50 -40.13 4.20
N ILE A 204 -9.02 -39.00 3.67
CA ILE A 204 -7.74 -38.93 2.96
C ILE A 204 -6.78 -38.09 3.79
N ARG A 205 -5.59 -38.63 4.06
CA ARG A 205 -4.61 -37.88 4.82
C ARG A 205 -3.97 -36.80 3.95
N THR A 206 -3.67 -35.67 4.58
CA THR A 206 -3.24 -34.46 3.90
C THR A 206 -1.92 -33.99 4.48
N LEU A 207 -1.20 -33.23 3.67
CA LEU A 207 0.04 -32.56 4.05
C LEU A 207 -0.05 -31.14 3.53
N ARG A 208 0.02 -30.16 4.44
CA ARG A 208 -0.10 -28.76 4.04
C ARG A 208 1.09 -28.35 3.17
N HIS A 209 0.80 -27.83 1.96
CA HIS A 209 1.81 -27.57 0.95
C HIS A 209 1.43 -26.26 0.25
N GLY A 210 2.17 -25.91 -0.79
CA GLY A 210 1.80 -24.72 -1.54
C GLY A 210 2.88 -24.33 -2.51
N MET A 211 2.53 -23.38 -3.38
CA MET A 211 3.47 -22.90 -4.39
C MET A 211 2.91 -21.64 -5.03
N ALA A 212 3.82 -20.83 -5.57
CA ALA A 212 3.45 -19.60 -6.27
C ALA A 212 2.56 -18.72 -5.40
N GLY A 213 2.76 -18.75 -4.09
CA GLY A 213 2.04 -17.86 -3.19
C GLY A 213 0.65 -18.30 -2.82
N ALA A 214 0.27 -19.56 -3.10
CA ALA A 214 -1.06 -20.07 -2.82
C ALA A 214 -0.98 -21.42 -2.11
N PRO A 215 -1.82 -21.64 -1.11
CA PRO A 215 -1.75 -22.91 -0.35
C PRO A 215 -2.42 -24.03 -1.12
N GLY A 216 -1.86 -25.21 -0.97
CA GLY A 216 -2.41 -26.42 -1.54
C GLY A 216 -2.12 -27.60 -0.63
N LEU A 217 -2.34 -28.82 -1.12
CA LEU A 217 -2.18 -30.01 -0.31
C LEU A 217 -1.45 -31.08 -1.11
N GLU A 218 -0.68 -31.90 -0.39
CA GLU A 218 -0.35 -33.23 -0.84
C GLU A 218 -1.30 -34.22 -0.15
N ILE A 219 -1.73 -35.23 -0.91
CA ILE A 219 -2.67 -36.23 -0.40
C ILE A 219 -2.17 -37.60 -0.85
N TRP A 220 -2.49 -38.62 -0.06
CA TRP A 220 -2.03 -39.97 -0.40
C TRP A 220 -3.03 -40.98 0.16
N GLY A 221 -2.89 -42.22 -0.33
CA GLY A 221 -3.66 -43.32 0.21
C GLY A 221 -3.25 -44.63 -0.42
N PRO A 222 -3.87 -45.73 0.00
CA PRO A 222 -3.49 -47.03 -0.55
C PRO A 222 -3.82 -47.12 -2.04
N TYR A 223 -2.95 -47.81 -2.77
CA TYR A 223 -2.94 -47.76 -4.23
C TYR A 223 -4.31 -48.05 -4.83
N GLU A 224 -5.13 -48.83 -4.12
CA GLU A 224 -6.40 -49.29 -4.68
C GLU A 224 -7.41 -48.15 -4.82
N THR A 225 -7.37 -47.13 -3.98
CA THR A 225 -8.34 -46.04 -4.08
C THR A 225 -7.88 -44.94 -5.02
N GLN A 226 -6.85 -45.19 -5.83
CA GLN A 226 -6.24 -44.12 -6.60
C GLN A 226 -7.19 -43.52 -7.62
N GLU A 227 -7.90 -44.37 -8.36
CA GLU A 227 -8.75 -43.88 -9.45
C GLU A 227 -10.00 -43.21 -8.92
N LYS A 228 -10.56 -43.75 -7.83
CA LYS A 228 -11.68 -43.08 -7.17
C LYS A 228 -11.28 -41.65 -6.79
N ALA A 229 -10.12 -41.50 -6.18
CA ALA A 229 -9.66 -40.18 -5.75
C ALA A 229 -9.42 -39.29 -6.96
N ARG A 230 -8.69 -39.79 -7.96
CA ARG A 230 -8.32 -38.95 -9.10
C ARG A 230 -9.56 -38.45 -9.85
N ASN A 231 -10.52 -39.34 -10.09
CA ASN A 231 -11.71 -38.94 -10.84
C ASN A 231 -12.54 -37.93 -10.04
N ALA A 232 -12.62 -38.11 -8.73
CA ALA A 232 -13.34 -37.14 -7.90
C ALA A 232 -12.69 -35.76 -7.98
N ILE A 233 -11.36 -35.72 -7.94
CA ILE A 233 -10.63 -34.45 -8.01
C ILE A 233 -10.85 -33.78 -9.37
N LEU A 234 -10.67 -34.53 -10.45
CA LEU A 234 -10.85 -33.94 -11.77
C LEU A 234 -12.28 -33.45 -11.96
N GLU A 235 -13.25 -34.21 -11.47
CA GLU A 235 -14.66 -33.83 -11.57
C GLU A 235 -14.94 -32.53 -10.83
N ALA A 236 -14.59 -32.49 -9.54
CA ALA A 236 -14.84 -31.29 -8.73
C ALA A 236 -14.06 -30.10 -9.24
N GLY A 237 -12.89 -30.33 -9.85
CA GLY A 237 -12.01 -29.23 -10.22
C GLY A 237 -12.38 -28.55 -11.53
N LYS A 238 -13.20 -29.20 -12.36
CA LYS A 238 -13.59 -28.59 -13.62
C LYS A 238 -14.14 -27.18 -13.42
N GLU A 239 -14.94 -26.99 -12.36
CA GLU A 239 -15.52 -25.68 -12.07
C GLU A 239 -14.48 -24.60 -11.98
N PHE A 240 -13.28 -24.93 -11.47
CA PHE A 240 -12.26 -23.93 -11.23
C PHE A 240 -11.11 -24.00 -12.23
N GLY A 241 -11.28 -24.72 -13.32
CA GLY A 241 -10.22 -24.83 -14.30
C GLY A 241 -9.08 -25.75 -13.94
N LEU A 242 -9.30 -26.70 -13.02
CA LEU A 242 -8.22 -27.62 -12.67
C LEU A 242 -7.90 -28.53 -13.84
N ILE A 243 -6.62 -28.66 -14.15
CA ILE A 243 -6.20 -29.63 -15.17
C ILE A 243 -5.10 -30.53 -14.60
N PRO A 244 -5.01 -31.77 -15.08
CA PRO A 244 -3.89 -32.62 -14.71
C PRO A 244 -2.61 -32.18 -15.41
N VAL A 245 -1.48 -32.38 -14.74
CA VAL A 245 -0.18 -32.04 -15.28
C VAL A 245 0.58 -33.32 -15.59
N GLY A 246 1.26 -33.33 -16.75
CA GLY A 246 2.01 -34.50 -17.17
C GLY A 246 3.48 -34.46 -16.73
N SER A 247 4.21 -35.52 -17.08
CA SER A 247 5.59 -35.65 -16.60
C SER A 247 6.57 -34.73 -17.32
N ARG A 248 6.20 -34.16 -18.45
CA ARG A 248 7.08 -33.20 -19.12
C ARG A 248 7.13 -31.88 -18.35
N ALA A 249 5.97 -31.32 -18.01
CA ALA A 249 5.90 -30.05 -17.30
C ALA A 249 6.29 -30.19 -15.83
N TYR A 250 5.84 -31.26 -15.18
CA TYR A 250 5.89 -31.35 -13.72
C TYR A 250 7.25 -31.00 -13.12
N PRO A 251 8.37 -31.61 -13.54
CA PRO A 251 9.65 -31.34 -12.85
C PRO A 251 10.20 -29.96 -13.11
N SER A 252 9.72 -29.25 -14.13
CA SER A 252 10.12 -27.86 -14.33
C SER A 252 9.55 -26.94 -13.26
N ASN A 253 8.58 -27.39 -12.47
CA ASN A 253 8.02 -26.50 -11.47
C ASN A 253 9.10 -26.03 -10.49
N THR A 254 10.09 -26.87 -10.21
CA THR A 254 11.06 -26.51 -9.20
C THR A 254 11.97 -25.37 -9.65
N LEU A 255 12.00 -25.07 -10.95
CA LEU A 255 12.73 -23.89 -11.39
C LEU A 255 12.12 -22.61 -10.84
N GLU A 256 10.80 -22.62 -10.64
CA GLU A 256 10.09 -21.51 -10.02
C GLU A 256 10.07 -21.63 -8.50
N SER A 257 10.14 -22.85 -7.95
CA SER A 257 10.17 -23.09 -6.50
C SER A 257 11.55 -22.84 -5.89
N GLY A 258 12.61 -23.34 -6.51
CA GLY A 258 13.95 -23.22 -5.98
C GLY A 258 14.53 -24.48 -5.37
N TRP A 259 13.78 -25.59 -5.27
CA TRP A 259 14.35 -26.82 -4.73
C TRP A 259 15.28 -27.47 -5.75
N ILE A 260 16.53 -27.70 -5.37
CA ILE A 260 17.48 -28.42 -6.23
C ILE A 260 17.30 -29.91 -5.99
N PRO A 261 16.74 -30.66 -6.95
CA PRO A 261 16.44 -32.07 -6.70
C PRO A 261 17.65 -32.97 -6.66
N SER A 262 18.78 -32.58 -7.27
CA SER A 262 19.80 -33.55 -7.68
C SER A 262 21.23 -33.16 -7.30
N PRO A 263 21.49 -32.86 -6.04
CA PRO A 263 22.91 -32.74 -5.63
C PRO A 263 23.58 -34.10 -5.77
N LEU A 264 24.86 -34.10 -6.12
CA LEU A 264 25.59 -35.36 -6.23
C LEU A 264 25.69 -36.03 -4.86
N PRO A 265 25.31 -37.30 -4.72
CA PRO A 265 25.48 -37.95 -3.42
C PRO A 265 26.96 -38.01 -3.08
N ALA A 266 27.34 -37.38 -1.97
CA ALA A 266 28.75 -37.08 -1.74
C ALA A 266 29.50 -38.27 -1.10
N ILE A 267 29.40 -39.44 -1.72
CA ILE A 267 29.81 -40.66 -1.04
C ILE A 267 30.93 -41.41 -1.78
N TYR A 268 31.55 -40.79 -2.78
CA TYR A 268 32.51 -41.47 -3.64
C TYR A 268 33.94 -41.47 -3.10
N THR A 269 34.20 -40.71 -2.04
CA THR A 269 35.53 -40.59 -1.44
C THR A 269 35.38 -40.65 0.07
N GLY A 270 36.49 -40.85 0.77
CA GLY A 270 36.45 -40.81 2.21
C GLY A 270 36.52 -42.18 2.86
N ASP A 271 37.48 -42.34 3.77
CA ASP A 271 37.66 -43.63 4.44
C ASP A 271 36.44 -44.02 5.25
N LYS A 272 35.76 -43.04 5.85
CA LYS A 272 34.59 -43.39 6.66
C LYS A 272 33.39 -43.79 5.83
N LEU A 273 33.47 -43.67 4.50
CA LEU A 273 32.37 -44.03 3.63
C LEU A 273 32.66 -45.27 2.82
N LYS A 274 33.81 -45.92 3.03
CA LYS A 274 34.14 -47.11 2.26
C LYS A 274 33.14 -48.23 2.54
N ALA A 275 32.73 -48.40 3.80
CA ALA A 275 31.77 -49.45 4.12
C ALA A 275 30.45 -49.26 3.37
N TYR A 276 30.00 -48.00 3.27
CA TYR A 276 28.79 -47.70 2.51
C TYR A 276 28.98 -48.02 1.03
N ARG A 277 30.13 -47.65 0.46
CA ARG A 277 30.40 -47.94 -0.95
C ARG A 277 30.43 -49.44 -1.23
N GLU A 278 30.95 -50.23 -0.28
CA GLU A 278 30.92 -51.69 -0.43
C GLU A 278 29.51 -52.26 -0.30
N TRP A 279 28.62 -51.53 0.37
CA TRP A 279 27.23 -51.97 0.54
C TRP A 279 26.39 -51.60 -0.67
N LEU A 280 26.62 -50.42 -1.27
CA LEU A 280 25.80 -49.97 -2.40
C LEU A 280 25.99 -50.90 -3.60
N PRO A 281 24.90 -51.36 -4.24
CA PRO A 281 25.04 -52.27 -5.38
C PRO A 281 25.72 -51.60 -6.55
N ALA A 282 26.29 -52.42 -7.45
CA ALA A 282 26.88 -51.91 -8.69
C ALA A 282 25.85 -51.32 -9.65
N ASN A 283 24.58 -51.71 -9.55
CA ASN A 283 23.56 -51.06 -10.37
C ASN A 283 22.77 -50.02 -9.60
N SER A 284 23.30 -49.56 -8.46
CA SER A 284 22.64 -48.48 -7.75
C SER A 284 22.60 -47.20 -8.58
N TYR A 285 21.76 -46.27 -8.15
CA TYR A 285 21.73 -44.92 -8.71
C TYR A 285 23.12 -44.30 -8.68
N GLU A 286 23.83 -44.45 -7.56
CA GLU A 286 25.12 -43.81 -7.39
C GLU A 286 26.19 -44.39 -8.32
N ALA A 287 26.16 -45.70 -8.56
CA ALA A 287 27.17 -46.31 -9.39
C ALA A 287 26.92 -46.09 -10.87
N SER A 288 25.65 -46.01 -11.28
CA SER A 288 25.27 -46.11 -12.68
C SER A 288 24.94 -44.77 -13.32
N GLY A 289 24.67 -43.74 -12.51
CA GLY A 289 24.15 -42.48 -12.98
C GLY A 289 25.22 -41.69 -13.69
N ALA A 290 24.87 -40.44 -14.02
CA ALA A 290 25.74 -39.62 -14.87
C ALA A 290 25.82 -38.20 -14.34
N ILE A 291 26.94 -37.53 -14.62
CA ILE A 291 27.11 -36.10 -14.39
C ILE A 291 27.21 -35.40 -15.73
N GLY A 292 26.51 -34.28 -15.89
CA GLY A 292 26.57 -33.53 -17.12
C GLY A 292 26.82 -32.05 -16.88
N GLY A 293 27.35 -31.39 -17.90
CA GLY A 293 27.52 -29.95 -17.87
C GLY A 293 28.96 -29.52 -17.97
N SER A 294 29.16 -28.20 -17.93
CA SER A 294 30.45 -27.63 -18.31
C SER A 294 31.47 -27.62 -17.18
N PHE A 295 31.08 -27.91 -15.94
CA PHE A 295 32.05 -27.82 -14.86
C PHE A 295 32.96 -29.05 -14.87
N VAL A 296 34.26 -28.83 -15.03
CA VAL A 296 35.23 -29.92 -15.13
C VAL A 296 36.23 -29.81 -13.99
N SER A 297 36.36 -30.88 -13.21
CA SER A 297 37.46 -31.03 -12.27
C SER A 297 37.85 -32.50 -12.28
N SER A 298 39.11 -32.79 -11.95
CA SER A 298 39.49 -34.19 -11.84
C SER A 298 39.18 -34.77 -10.46
N ASN A 299 38.69 -33.95 -9.54
CA ASN A 299 38.39 -34.39 -8.18
C ASN A 299 36.88 -34.44 -7.98
N ILE A 300 36.34 -35.64 -7.73
CA ILE A 300 34.89 -35.76 -7.61
C ILE A 300 34.37 -34.91 -6.45
N GLU A 301 35.21 -34.64 -5.45
CA GLU A 301 34.76 -33.84 -4.31
C GLU A 301 34.39 -32.42 -4.70
N ASP A 302 34.94 -31.90 -5.80
CA ASP A 302 34.57 -30.56 -6.25
C ASP A 302 33.13 -30.45 -6.72
N TYR A 303 32.43 -31.60 -6.85
CA TYR A 303 31.02 -31.62 -7.22
C TYR A 303 30.12 -31.72 -5.99
N TYR A 304 30.68 -31.89 -4.80
CA TYR A 304 29.90 -32.02 -3.59
C TYR A 304 29.37 -30.66 -3.16
N VAL A 305 28.19 -30.67 -2.52
CA VAL A 305 27.73 -29.49 -1.79
C VAL A 305 27.45 -29.84 -0.35
N ASN A 306 27.50 -28.84 0.51
CA ASN A 306 27.09 -28.97 1.90
C ASN A 306 25.73 -28.29 2.08
N PRO A 307 25.04 -28.54 3.20
CA PRO A 307 23.64 -28.04 3.32
C PRO A 307 23.50 -26.55 3.15
N TYR A 308 24.46 -25.76 3.66
CA TYR A 308 24.33 -24.30 3.60
C TYR A 308 24.33 -23.79 2.17
N GLU A 309 25.00 -24.51 1.26
CA GLU A 309 25.16 -24.05 -0.11
C GLU A 309 23.90 -24.23 -0.95
N ILE A 310 22.97 -25.07 -0.54
CA ILE A 310 21.80 -25.28 -1.38
C ILE A 310 20.50 -25.00 -0.64
N GLY A 311 20.55 -24.14 0.38
CA GLY A 311 19.33 -23.65 1.01
C GLY A 311 18.90 -24.37 2.26
N TYR A 312 19.66 -25.35 2.74
CA TYR A 312 19.29 -26.11 3.93
C TYR A 312 19.98 -25.64 5.21
N GLY A 313 20.80 -24.59 5.16
CA GLY A 313 21.36 -24.02 6.37
C GLY A 313 20.40 -23.86 7.55
N PRO A 314 19.22 -23.26 7.30
CA PRO A 314 18.24 -23.10 8.38
C PRO A 314 17.72 -24.40 8.97
N PHE A 315 17.89 -25.55 8.32
CA PHE A 315 17.46 -26.82 8.90
C PHE A 315 18.45 -27.35 9.93
N VAL A 316 19.71 -26.95 9.84
CA VAL A 316 20.76 -27.49 10.70
C VAL A 316 20.48 -27.04 12.14
N LYS A 317 20.38 -27.99 13.05
CA LYS A 317 20.15 -27.68 14.45
C LYS A 317 21.07 -28.53 15.31
N PHE A 318 21.99 -27.88 16.03
CA PHE A 318 22.96 -28.59 16.86
C PHE A 318 22.36 -28.91 18.24
N ASP A 319 21.22 -29.62 18.22
CA ASP A 319 20.51 -29.98 19.44
C ASP A 319 20.34 -31.48 19.59
N HIS A 320 21.06 -32.27 18.80
CA HIS A 320 20.98 -33.72 18.78
C HIS A 320 22.26 -34.21 18.13
N ASP A 321 22.67 -35.44 18.47
CA ASP A 321 23.84 -36.03 17.83
C ASP A 321 23.46 -36.52 16.44
N PHE A 322 24.30 -36.25 15.46
CA PHE A 322 24.04 -36.79 14.13
C PHE A 322 25.33 -36.88 13.34
N ILE A 323 25.29 -37.76 12.33
CA ILE A 323 26.43 -37.95 11.43
C ILE A 323 26.75 -36.65 10.73
N GLY A 324 28.02 -36.22 10.80
CA GLY A 324 28.46 -34.98 10.20
C GLY A 324 28.27 -33.73 11.06
N ARG A 325 27.73 -33.86 12.27
CA ARG A 325 27.54 -32.68 13.11
C ARG A 325 28.84 -31.92 13.32
N ASP A 326 29.92 -32.63 13.66
CA ASP A 326 31.18 -31.95 13.92
C ASP A 326 31.67 -31.20 12.69
N ALA A 327 31.52 -31.80 11.49
CA ALA A 327 31.90 -31.09 10.27
C ALA A 327 31.07 -29.82 10.08
N LEU A 328 29.76 -29.89 10.34
CA LEU A 328 28.95 -28.69 10.11
C LEU A 328 29.24 -27.62 11.17
N GLU A 329 29.54 -28.03 12.40
CA GLU A 329 29.87 -27.03 13.41
C GLU A 329 31.13 -26.24 13.05
N ALA A 330 32.02 -26.82 12.23
CA ALA A 330 33.28 -26.18 11.87
C ALA A 330 33.14 -25.22 10.68
N ILE A 331 32.00 -25.24 10.01
CA ILE A 331 31.69 -24.38 8.87
C ILE A 331 31.22 -23.02 9.39
N ASP A 332 31.66 -21.95 8.74
CA ASP A 332 31.10 -20.62 8.97
C ASP A 332 29.95 -20.40 7.98
N PRO A 333 28.69 -20.38 8.43
CA PRO A 333 27.57 -20.23 7.48
C PRO A 333 27.62 -18.95 6.68
N ALA A 334 28.23 -17.90 7.24
CA ALA A 334 28.23 -16.58 6.62
C ALA A 334 29.12 -16.49 5.40
N THR A 335 30.01 -17.45 5.18
CA THR A 335 30.91 -17.42 4.03
C THR A 335 30.62 -18.53 3.02
N GLN A 336 29.56 -19.31 3.23
CA GLN A 336 29.24 -20.39 2.31
C GLN A 336 28.58 -19.84 1.04
N ARG A 337 28.76 -20.55 -0.07
CA ARG A 337 28.03 -20.21 -1.27
C ARG A 337 26.53 -20.25 -0.98
N LYS A 338 25.77 -19.52 -1.79
CA LYS A 338 24.34 -19.34 -1.55
C LYS A 338 23.56 -19.78 -2.79
N LYS A 339 22.46 -20.49 -2.56
CA LYS A 339 21.54 -20.82 -3.64
C LYS A 339 20.87 -19.56 -4.20
N VAL A 340 20.84 -19.46 -5.54
CA VAL A 340 20.17 -18.36 -6.26
C VAL A 340 19.44 -18.94 -7.46
N THR A 341 18.58 -18.13 -8.06
CA THR A 341 18.07 -18.42 -9.41
C THR A 341 18.87 -17.57 -10.40
N LEU A 342 19.33 -18.19 -11.48
CA LEU A 342 19.93 -17.46 -12.57
C LEU A 342 18.88 -17.28 -13.65
N ALA A 343 18.71 -16.03 -14.13
CA ALA A 343 17.76 -15.73 -15.20
C ALA A 343 18.55 -15.60 -16.49
N TRP A 344 18.36 -16.54 -17.42
CA TRP A 344 19.20 -16.59 -18.61
C TRP A 344 18.75 -15.57 -19.64
N ASN A 345 19.73 -14.95 -20.31
CA ASN A 345 19.47 -13.90 -21.28
C ASN A 345 18.71 -14.45 -22.48
N GLY A 346 17.61 -13.78 -22.84
CA GLY A 346 16.72 -14.29 -23.87
C GLY A 346 17.27 -14.18 -25.28
N ASP A 347 18.11 -13.18 -25.53
CA ASP A 347 18.80 -13.10 -26.83
C ASP A 347 19.78 -14.26 -26.99
N ASP A 348 20.47 -14.62 -25.92
CA ASP A 348 21.35 -15.78 -25.98
C ASP A 348 20.57 -17.07 -26.18
N MET A 349 19.40 -17.19 -25.52
CA MET A 349 18.54 -18.36 -25.73
C MET A 349 18.12 -18.47 -27.19
N ALA A 350 17.73 -17.35 -27.80
CA ALA A 350 17.35 -17.36 -29.22
C ALA A 350 18.51 -17.79 -30.10
N LYS A 351 19.74 -17.43 -29.72
CA LYS A 351 20.93 -17.79 -30.48
C LYS A 351 21.19 -19.29 -30.36
N ILE A 352 20.96 -19.85 -29.17
CA ILE A 352 21.13 -21.29 -28.98
C ILE A 352 20.18 -22.05 -29.89
N TYR A 353 18.89 -21.68 -29.88
CA TYR A 353 17.91 -22.37 -30.72
C TYR A 353 18.13 -22.09 -32.19
N ALA A 354 18.59 -20.88 -32.54
CA ALA A 354 18.80 -20.56 -33.95
C ALA A 354 19.84 -21.47 -34.59
N SER A 355 20.86 -21.86 -33.84
CA SER A 355 21.91 -22.70 -34.42
C SER A 355 21.38 -24.07 -34.85
N LEU A 356 20.21 -24.49 -34.38
CA LEU A 356 19.64 -25.75 -34.84
C LEU A 356 19.20 -25.69 -36.31
N PHE A 357 18.96 -24.50 -36.84
CA PHE A 357 18.44 -24.36 -38.19
C PHE A 357 19.47 -23.77 -39.14
N ASP A 358 20.75 -23.76 -38.74
CA ASP A 358 21.84 -23.25 -39.56
C ASP A 358 22.44 -24.43 -40.33
N THR A 359 22.20 -24.47 -41.65
CA THR A 359 22.64 -25.58 -42.48
C THR A 359 24.09 -25.47 -42.89
N GLU A 360 24.75 -24.34 -42.63
CA GLU A 360 26.14 -24.17 -43.02
C GLU A 360 27.12 -24.32 -41.86
N ALA A 361 26.67 -24.15 -40.61
CA ALA A 361 27.58 -24.13 -39.47
C ALA A 361 28.17 -25.51 -39.21
N ASP A 362 29.45 -25.52 -38.83
CA ASP A 362 30.14 -26.76 -38.46
C ASP A 362 29.54 -27.38 -37.20
N ALA A 363 29.02 -26.54 -36.31
CA ALA A 363 28.47 -27.04 -35.06
C ALA A 363 27.33 -26.13 -34.62
N HIS A 364 26.52 -26.63 -33.72
CA HIS A 364 25.46 -25.85 -33.09
C HIS A 364 25.65 -25.89 -31.58
N TYR A 365 24.95 -25.01 -30.88
CA TYR A 365 24.97 -25.00 -29.42
C TYR A 365 24.16 -26.17 -28.85
N LYS A 366 24.54 -26.60 -27.64
CA LYS A 366 23.92 -27.75 -26.99
C LYS A 366 22.39 -27.63 -26.98
N PHE A 367 21.72 -28.70 -27.38
CA PHE A 367 20.26 -28.69 -27.40
C PHE A 367 19.73 -28.40 -26.02
N PHE A 368 18.81 -27.42 -25.93
CA PHE A 368 18.18 -26.96 -24.69
C PHE A 368 16.71 -27.41 -24.72
N ASP A 369 16.43 -28.57 -24.15
CA ASP A 369 15.08 -29.10 -24.21
C ASP A 369 14.14 -28.24 -23.35
N LEU A 370 12.84 -28.32 -23.66
CA LEU A 370 11.84 -27.51 -22.97
C LEU A 370 10.70 -28.38 -22.47
N PRO A 371 10.20 -28.14 -21.24
CA PRO A 371 10.65 -27.07 -20.33
C PRO A 371 11.83 -27.46 -19.43
N LEU A 372 12.37 -28.67 -19.59
CA LEU A 372 13.50 -29.10 -18.76
C LEU A 372 14.66 -29.45 -19.68
N ALA A 373 15.81 -28.79 -19.47
CA ALA A 373 16.96 -28.99 -20.34
C ALA A 373 18.04 -29.89 -19.74
N ASN A 374 17.83 -30.43 -18.55
CA ASN A 374 18.84 -31.31 -17.95
C ASN A 374 19.12 -32.50 -18.86
N TYR A 375 20.38 -32.93 -18.90
CA TYR A 375 20.70 -34.08 -19.73
C TYR A 375 21.59 -35.07 -18.98
N ALA A 376 21.49 -35.06 -17.66
CA ALA A 376 22.12 -36.03 -16.80
C ALA A 376 21.31 -36.10 -15.52
N ASN A 377 21.63 -37.08 -14.68
CA ASN A 377 20.99 -37.21 -13.38
C ASN A 377 21.50 -36.17 -12.37
N THR A 378 22.78 -35.82 -12.47
CA THR A 378 23.38 -34.72 -11.71
C THR A 378 23.89 -33.69 -12.71
N ASN A 379 23.52 -32.44 -12.50
CA ASN A 379 23.85 -31.35 -13.41
C ASN A 379 24.90 -30.45 -12.76
N ALA A 380 25.91 -30.05 -13.53
CA ALA A 380 27.02 -29.25 -13.00
C ALA A 380 27.59 -28.39 -14.13
N ASP A 381 27.04 -27.19 -14.28
CA ASP A 381 27.54 -26.20 -15.22
C ASP A 381 28.33 -25.14 -14.46
N ALA A 382 29.45 -24.71 -15.05
CA ALA A 382 30.29 -23.68 -14.45
C ALA A 382 29.63 -22.31 -14.58
N VAL A 383 29.64 -21.55 -13.48
CA VAL A 383 29.18 -20.17 -13.44
C VAL A 383 30.41 -19.28 -13.33
N LEU A 384 30.54 -18.31 -14.24
CA LEU A 384 31.74 -17.51 -14.34
C LEU A 384 31.44 -16.03 -14.12
N ASP A 385 32.44 -15.29 -13.61
CA ASP A 385 32.28 -13.85 -13.49
C ASP A 385 32.86 -13.16 -14.73
N ALA A 386 32.78 -11.83 -14.73
CA ALA A 386 33.27 -11.05 -15.85
C ALA A 386 34.75 -11.32 -16.14
N ALA A 387 35.51 -11.69 -15.11
CA ALA A 387 36.92 -12.00 -15.30
C ALA A 387 37.16 -13.43 -15.74
N GLY A 388 36.12 -14.26 -15.81
CA GLY A 388 36.29 -15.65 -16.18
C GLY A 388 36.66 -16.59 -15.06
N ASN A 389 36.53 -16.17 -13.81
CA ASN A 389 36.76 -17.12 -12.72
C ASN A 389 35.49 -17.92 -12.48
N VAL A 390 35.65 -19.17 -12.05
CA VAL A 390 34.50 -19.95 -11.62
C VAL A 390 34.05 -19.43 -10.26
N VAL A 391 32.81 -18.96 -10.18
CA VAL A 391 32.25 -18.45 -8.95
C VAL A 391 31.01 -19.23 -8.50
N GLY A 392 30.70 -20.35 -9.15
CA GLY A 392 29.51 -21.08 -8.74
C GLY A 392 29.24 -22.29 -9.60
N MET A 393 28.15 -22.99 -9.28
CA MET A 393 27.77 -24.22 -9.98
C MET A 393 26.27 -24.17 -10.23
N SER A 394 25.87 -24.27 -11.51
CA SER A 394 24.47 -24.30 -11.91
C SER A 394 24.02 -25.75 -12.00
N MET A 395 22.87 -26.06 -11.38
CA MET A 395 22.54 -27.43 -10.99
C MET A 395 21.19 -27.95 -11.48
N PHE A 396 20.39 -27.11 -12.14
CA PHE A 396 19.07 -27.53 -12.63
C PHE A 396 18.59 -26.46 -13.59
N THR A 397 18.20 -26.83 -14.81
CA THR A 397 18.05 -25.87 -15.89
C THR A 397 16.79 -26.14 -16.70
N GLY A 398 16.10 -25.08 -17.08
CA GLY A 398 14.93 -25.24 -17.91
C GLY A 398 14.27 -23.91 -18.26
N TYR A 399 12.96 -23.91 -18.45
CA TYR A 399 12.27 -22.74 -18.98
C TYR A 399 10.88 -22.66 -18.35
N SER A 400 10.47 -21.44 -18.02
CA SER A 400 9.15 -21.16 -17.45
C SER A 400 8.31 -20.39 -18.47
N TYR A 401 7.22 -21.02 -18.95
CA TYR A 401 6.24 -20.30 -19.77
C TYR A 401 5.58 -19.17 -18.98
N ASN A 402 5.48 -19.32 -17.65
CA ASN A 402 4.92 -18.24 -16.84
C ASN A 402 5.79 -16.99 -16.91
N GLU A 403 7.11 -17.15 -16.91
CA GLU A 403 8.03 -16.02 -16.97
C GLU A 403 8.49 -15.67 -18.39
N LYS A 404 8.28 -16.57 -19.35
CA LYS A 404 8.89 -16.45 -20.68
C LYS A 404 10.40 -16.30 -20.56
N ARG A 405 10.99 -17.09 -19.63
CA ARG A 405 12.42 -17.03 -19.36
C ARG A 405 12.98 -18.43 -19.17
N ALA A 406 14.18 -18.65 -19.71
CA ALA A 406 15.01 -19.75 -19.27
C ALA A 406 15.60 -19.42 -17.90
N LEU A 407 15.69 -20.43 -17.03
CA LEU A 407 16.11 -20.24 -15.65
C LEU A 407 16.98 -21.41 -15.22
N SER A 408 17.90 -21.17 -14.28
CA SER A 408 18.56 -22.28 -13.63
C SER A 408 18.76 -21.98 -12.15
N LEU A 409 18.90 -23.06 -11.38
CA LEU A 409 19.13 -22.99 -9.95
C LEU A 409 20.62 -23.24 -9.71
N ALA A 410 21.26 -22.33 -8.97
CA ALA A 410 22.70 -22.39 -8.83
C ALA A 410 23.11 -22.06 -7.40
N THR A 411 24.36 -22.39 -7.06
CA THR A 411 25.00 -21.97 -5.82
C THR A 411 26.23 -21.15 -6.19
N ILE A 412 26.36 -19.93 -5.65
CA ILE A 412 27.40 -18.99 -6.09
C ILE A 412 28.07 -18.34 -4.89
N ASP A 413 29.23 -17.74 -5.14
CA ASP A 413 29.99 -17.04 -4.09
C ASP A 413 29.10 -16.05 -3.35
N HIS A 414 29.16 -16.08 -2.01
CA HIS A 414 28.16 -15.38 -1.20
C HIS A 414 28.18 -13.88 -1.38
N GLU A 415 29.30 -13.30 -1.80
CA GLU A 415 29.41 -11.85 -1.86
C GLU A 415 28.90 -11.26 -3.17
N ILE A 416 28.34 -12.08 -4.07
CA ILE A 416 27.85 -11.61 -5.35
C ILE A 416 26.42 -11.10 -5.18
N PRO A 417 26.15 -9.84 -5.48
CA PRO A 417 24.80 -9.29 -5.24
C PRO A 417 23.78 -9.72 -6.27
N VAL A 418 22.53 -9.78 -5.80
CA VAL A 418 21.41 -9.92 -6.69
C VAL A 418 21.47 -8.82 -7.74
N GLY A 419 21.08 -9.17 -8.97
CA GLY A 419 21.18 -8.26 -10.09
C GLY A 419 22.46 -8.36 -10.88
N THR A 420 23.48 -9.06 -10.37
CA THR A 420 24.74 -9.15 -11.10
C THR A 420 24.61 -10.06 -12.31
N GLU A 421 25.19 -9.65 -13.43
CA GLU A 421 25.20 -10.46 -14.64
C GLU A 421 26.44 -11.35 -14.63
N LEU A 422 26.24 -12.65 -14.50
CA LEU A 422 27.30 -13.64 -14.65
C LEU A 422 27.08 -14.37 -15.98
N THR A 423 27.92 -15.37 -16.26
CA THR A 423 27.65 -16.26 -17.39
C THR A 423 27.57 -17.70 -16.90
N VAL A 424 26.72 -18.50 -17.54
CA VAL A 424 26.74 -19.95 -17.36
C VAL A 424 27.33 -20.55 -18.62
N LEU A 425 28.38 -21.35 -18.47
CA LEU A 425 28.95 -22.07 -19.59
C LEU A 425 28.01 -23.23 -19.92
N TRP A 426 27.31 -23.13 -21.04
CA TRP A 426 26.31 -24.11 -21.44
C TRP A 426 26.89 -25.02 -22.52
N GLY A 427 26.79 -26.32 -22.31
CA GLY A 427 27.42 -27.31 -23.16
C GLY A 427 28.70 -27.85 -22.54
N GLU A 428 29.19 -28.94 -23.12
CA GLU A 428 30.39 -29.62 -22.65
C GLU A 428 31.54 -29.37 -23.62
N GLU A 429 32.75 -29.71 -23.15
CA GLU A 429 33.98 -29.43 -23.86
C GLU A 429 34.23 -30.43 -24.99
N ASN A 430 35.07 -30.03 -25.94
CA ASN A 430 35.62 -30.95 -26.94
C ASN A 430 34.53 -31.67 -27.74
N GLY A 431 33.42 -30.98 -27.99
CA GLY A 431 32.33 -31.56 -28.74
C GLY A 431 31.36 -32.38 -27.91
N GLY A 432 31.62 -32.56 -26.63
CA GLY A 432 30.69 -33.25 -25.75
C GLY A 432 31.26 -34.53 -25.20
N THR A 433 30.81 -34.92 -24.01
CA THR A 433 31.17 -36.21 -23.44
C THR A 433 30.50 -37.33 -24.23
N ARG A 434 30.78 -38.58 -23.81
CA ARG A 434 30.21 -39.77 -24.41
C ARG A 434 28.85 -40.18 -23.84
N LYS A 435 28.23 -39.36 -22.98
CA LYS A 435 26.88 -39.68 -22.54
C LYS A 435 25.93 -39.80 -23.73
N THR A 436 24.99 -40.74 -23.66
CA THR A 436 24.09 -40.97 -24.79
C THR A 436 23.07 -39.85 -24.95
N THR A 437 22.92 -38.99 -23.94
CA THR A 437 22.03 -37.84 -24.03
C THR A 437 22.68 -36.65 -24.72
N VAL A 438 23.93 -36.77 -25.13
CA VAL A 438 24.68 -35.61 -25.62
C VAL A 438 24.92 -35.77 -27.11
N GLU A 439 24.32 -34.89 -27.90
CA GLU A 439 24.65 -34.74 -29.31
C GLU A 439 25.91 -33.87 -29.45
N PRO A 440 26.64 -33.97 -30.58
CA PRO A 440 27.82 -33.12 -30.74
C PRO A 440 27.43 -31.65 -30.80
N HIS A 441 28.23 -30.81 -30.14
CA HIS A 441 27.87 -29.40 -29.96
C HIS A 441 29.10 -28.61 -29.54
N LYS A 442 28.99 -27.30 -29.70
CA LYS A 442 29.94 -26.36 -29.13
C LYS A 442 29.30 -25.65 -27.95
N GLN A 443 30.14 -25.02 -27.13
CA GLN A 443 29.69 -24.38 -25.90
C GLN A 443 29.34 -22.92 -26.14
N MET A 444 28.53 -22.36 -25.23
CA MET A 444 28.22 -20.94 -25.21
C MET A 444 28.27 -20.41 -23.78
N ALA A 445 28.85 -19.23 -23.62
CA ALA A 445 28.82 -18.53 -22.33
C ALA A 445 27.55 -17.69 -22.29
N VAL A 446 26.53 -18.20 -21.59
CA VAL A 446 25.20 -17.57 -21.56
C VAL A 446 25.15 -16.54 -20.45
N ARG A 447 24.74 -15.32 -20.80
CA ARG A 447 24.57 -14.27 -19.79
C ARG A 447 23.39 -14.61 -18.90
N ALA A 448 23.55 -14.37 -17.61
CA ALA A 448 22.50 -14.73 -16.66
C ALA A 448 22.55 -13.82 -15.43
N VAL A 449 21.39 -13.37 -14.98
CA VAL A 449 21.30 -12.38 -13.91
C VAL A 449 20.98 -13.08 -12.61
N VAL A 450 21.80 -12.84 -11.59
CA VAL A 450 21.56 -13.38 -10.25
C VAL A 450 20.23 -12.86 -9.74
N SER A 451 19.34 -13.78 -9.37
CA SER A 451 17.98 -13.45 -8.98
C SER A 451 17.67 -14.17 -7.68
N PRO A 452 16.63 -13.77 -6.98
CA PRO A 452 16.29 -14.43 -5.72
C PRO A 452 15.81 -15.85 -5.96
N VAL A 453 15.75 -16.59 -4.87
CA VAL A 453 15.15 -17.92 -4.87
C VAL A 453 14.15 -17.96 -3.73
N PRO A 454 12.89 -18.36 -3.97
CA PRO A 454 12.23 -18.70 -5.25
C PRO A 454 12.29 -17.55 -6.25
N TYR A 455 12.22 -17.86 -7.55
CA TYR A 455 12.52 -16.84 -8.55
C TYR A 455 11.57 -15.65 -8.48
N SER A 456 12.15 -14.46 -8.64
CA SER A 456 11.43 -13.21 -8.92
C SER A 456 12.30 -12.33 -9.81
N VAL A 457 11.65 -11.50 -10.63
CA VAL A 457 12.37 -10.73 -11.65
C VAL A 457 13.32 -9.72 -10.98
N THR A 458 14.55 -9.59 -11.53
CA THR A 458 15.54 -8.71 -10.95
C THR A 458 15.91 -7.63 -11.98
N ALA A 459 17.20 -7.49 -12.31
CA ALA A 459 17.75 -6.32 -13.00
C ALA A 459 19.28 -6.46 -13.09
N ALA B 6 -30.81 0.12 21.56
CA ALA B 6 -29.92 1.20 22.00
C ALA B 6 -28.91 0.71 23.04
N PRO B 7 -27.83 0.06 22.58
CA PRO B 7 -26.84 -0.48 23.53
C PRO B 7 -26.06 0.64 24.19
N THR B 8 -25.72 0.44 25.47
CA THR B 8 -25.01 1.44 26.24
C THR B 8 -23.55 1.11 26.52
N ASN B 9 -23.13 -0.15 26.37
CA ASN B 9 -21.73 -0.50 26.61
C ASN B 9 -21.23 -1.44 25.52
N LEU B 10 -19.93 -1.75 25.56
CA LEU B 10 -19.31 -2.57 24.52
C LEU B 10 -19.89 -3.98 24.53
N GLU B 11 -20.07 -4.55 25.73
CA GLU B 11 -20.59 -5.91 25.85
C GLU B 11 -21.92 -6.05 25.12
N GLN B 12 -22.78 -5.04 25.23
CA GLN B 12 -24.09 -5.11 24.56
C GLN B 12 -23.97 -4.90 23.05
N VAL B 13 -23.08 -4.00 22.63
CA VAL B 13 -22.80 -3.86 21.20
C VAL B 13 -22.37 -5.20 20.62
N LEU B 14 -21.46 -5.88 21.30
CA LEU B 14 -20.98 -7.17 20.78
C LEU B 14 -22.10 -8.18 20.74
N ALA B 15 -22.94 -8.19 21.78
CA ALA B 15 -24.01 -9.19 21.88
C ALA B 15 -25.06 -9.01 20.79
N ALA B 16 -25.26 -7.78 20.32
CA ALA B 16 -26.22 -7.50 19.25
C ALA B 16 -25.57 -7.46 17.87
N GLY B 17 -24.24 -7.47 17.80
CA GLY B 17 -23.54 -7.31 16.55
C GLY B 17 -23.19 -8.57 15.79
N GLY B 18 -23.52 -9.75 16.30
CA GLY B 18 -23.15 -10.97 15.62
C GLY B 18 -21.71 -11.38 15.88
N ASN B 19 -21.08 -11.98 14.86
CA ASN B 19 -19.67 -12.32 14.94
C ASN B 19 -18.85 -11.05 15.08
N THR B 20 -17.92 -11.04 16.05
CA THR B 20 -17.21 -9.81 16.37
C THR B 20 -16.34 -9.33 15.22
N VAL B 21 -15.69 -10.26 14.50
CA VAL B 21 -14.89 -9.85 13.35
C VAL B 21 -15.77 -9.26 12.27
N GLU B 22 -16.91 -9.89 11.99
CA GLU B 22 -17.81 -9.38 10.96
C GLU B 22 -18.31 -7.99 11.33
N MET B 23 -18.66 -7.78 12.61
CA MET B 23 -19.13 -6.47 13.04
C MET B 23 -18.10 -5.38 12.82
N LEU B 24 -16.86 -5.62 13.25
CA LEU B 24 -15.82 -4.59 13.15
C LEU B 24 -15.40 -4.37 11.71
N ARG B 25 -15.36 -5.45 10.92
CA ARG B 25 -14.95 -5.33 9.53
C ARG B 25 -16.04 -4.72 8.65
N ASN B 26 -17.25 -4.53 9.17
CA ASN B 26 -18.32 -3.90 8.40
C ASN B 26 -18.85 -2.65 9.09
N SER B 27 -18.08 -2.10 10.03
CA SER B 27 -18.49 -0.93 10.79
C SER B 27 -18.67 0.28 9.88
N GLN B 28 -19.58 1.16 10.30
CA GLN B 28 -19.97 2.32 9.50
C GLN B 28 -19.32 3.62 9.98
N ILE B 29 -18.21 3.53 10.72
CA ILE B 29 -17.57 4.68 11.35
C ILE B 29 -16.86 5.61 10.37
N GLY B 30 -16.44 5.13 9.18
CA GLY B 30 -15.58 5.92 8.31
C GLY B 30 -14.10 5.78 8.62
N ALA B 31 -13.32 6.76 8.12
CA ALA B 31 -11.86 6.70 8.22
C ALA B 31 -11.35 7.25 9.55
N TYR B 32 -10.22 6.70 9.98
CA TYR B 32 -9.49 7.24 11.12
C TYR B 32 -8.85 8.56 10.71
N VAL B 33 -9.30 9.66 11.32
CA VAL B 33 -8.95 11.01 10.91
C VAL B 33 -7.88 11.56 11.85
N TYR B 34 -6.92 12.30 11.28
CA TYR B 34 -5.99 13.13 12.02
C TYR B 34 -6.47 14.58 11.91
N PRO B 35 -7.20 15.09 12.90
CA PRO B 35 -8.09 16.24 12.68
C PRO B 35 -7.47 17.60 12.98
N VAL B 36 -8.26 18.64 12.65
CA VAL B 36 -8.00 20.05 12.95
C VAL B 36 -6.80 20.61 12.19
N VAL B 37 -5.66 19.91 12.25
CA VAL B 37 -4.48 20.42 11.55
C VAL B 37 -4.77 20.45 10.06
N ALA B 38 -4.37 21.53 9.41
CA ALA B 38 -4.61 21.66 7.98
C ALA B 38 -3.96 20.49 7.24
N PRO B 39 -4.62 19.92 6.23
CA PRO B 39 -4.02 18.75 5.58
C PRO B 39 -2.67 19.04 4.98
N GLU B 40 -2.48 20.25 4.41
CA GLU B 40 -1.19 20.63 3.85
C GLU B 40 -0.89 22.09 4.12
N PHE B 41 0.39 22.40 4.27
CA PHE B 41 0.87 23.78 4.32
C PHE B 41 1.58 24.18 3.04
N SER B 42 2.47 23.34 2.53
CA SER B 42 3.04 23.48 1.20
C SER B 42 2.48 22.37 0.30
N ASN B 43 3.09 21.19 0.36
CA ASN B 43 2.46 19.97 -0.13
C ASN B 43 3.09 18.81 0.62
N TRP B 44 2.46 17.64 0.56
CA TRP B 44 2.92 16.58 1.45
C TRP B 44 4.24 15.97 1.00
N ARG B 45 4.59 16.07 -0.29
CA ARG B 45 5.87 15.56 -0.73
C ARG B 45 7.02 16.41 -0.22
N THR B 46 6.87 17.73 -0.33
CA THR B 46 7.84 18.66 0.21
C THR B 46 7.94 18.51 1.73
N GLU B 47 6.80 18.25 2.39
CA GLU B 47 6.81 18.19 3.84
C GLU B 47 7.53 16.94 4.33
N GLN B 48 7.27 15.79 3.72
CA GLN B 48 8.08 14.60 3.97
C GLN B 48 9.57 14.87 3.71
N TRP B 49 9.86 15.46 2.55
CA TRP B 49 11.24 15.75 2.17
C TRP B 49 11.96 16.55 3.24
N ALA B 50 11.26 17.52 3.83
CA ALA B 50 11.87 18.41 4.81
C ALA B 50 12.33 17.66 6.06
N TRP B 51 11.55 16.68 6.53
CA TRP B 51 11.95 16.01 7.76
C TRP B 51 13.18 15.12 7.56
N ARG B 52 13.46 14.73 6.32
CA ARG B 52 14.70 14.06 5.97
C ARG B 52 15.85 15.03 5.70
N ASN B 53 15.55 16.22 5.17
CA ASN B 53 16.60 17.06 4.57
C ASN B 53 16.79 18.43 5.20
N SER B 54 15.80 18.97 5.89
CA SER B 54 15.99 20.25 6.54
C SER B 54 15.49 20.16 7.97
N ALA B 55 14.29 20.68 8.24
CA ALA B 55 13.67 20.53 9.55
C ALA B 55 12.18 20.76 9.39
N VAL B 56 11.41 20.23 10.34
CA VAL B 56 9.95 20.34 10.29
C VAL B 56 9.41 20.66 11.66
N LEU B 57 8.23 21.28 11.66
CA LEU B 57 7.38 21.40 12.83
C LEU B 57 6.22 20.42 12.66
N PHE B 58 6.19 19.38 13.49
CA PHE B 58 5.03 18.50 13.59
C PHE B 58 4.06 19.12 14.60
N ASP B 59 2.79 19.24 14.21
CA ASP B 59 1.74 19.73 15.11
C ASP B 59 1.01 18.52 15.66
N GLN B 60 1.30 18.15 16.91
CA GLN B 60 0.72 16.96 17.50
C GLN B 60 -0.33 17.31 18.55
N THR B 61 -0.92 18.50 18.42
CA THR B 61 -1.83 19.00 19.44
C THR B 61 -3.21 18.30 19.44
N HIS B 62 -3.63 17.68 18.33
CA HIS B 62 -5.03 17.35 18.19
C HIS B 62 -5.38 15.88 18.00
N HIS B 63 -4.45 15.01 17.63
CA HIS B 63 -4.86 13.65 17.29
C HIS B 63 -4.73 12.64 18.44
N MET B 64 -4.17 13.00 19.59
CA MET B 64 -4.01 12.03 20.67
C MET B 64 -4.87 12.40 21.88
N VAL B 65 -5.18 11.37 22.67
CA VAL B 65 -5.85 11.54 23.96
C VAL B 65 -4.80 11.85 25.04
N ASP B 66 -5.09 12.80 25.92
CA ASP B 66 -4.21 13.09 27.04
C ASP B 66 -4.89 12.71 28.36
N LEU B 67 -4.15 12.05 29.24
CA LEU B 67 -4.59 11.81 30.61
C LEU B 67 -3.62 12.50 31.55
N TYR B 68 -4.15 13.35 32.44
CA TYR B 68 -3.36 13.94 33.50
C TYR B 68 -3.60 13.14 34.77
N ILE B 69 -2.56 12.47 35.25
CA ILE B 69 -2.64 11.50 36.33
C ILE B 69 -1.87 12.07 37.51
N ARG B 70 -2.57 12.32 38.63
CA ARG B 70 -2.00 13.01 39.78
C ARG B 70 -2.34 12.24 41.04
N GLY B 71 -1.37 12.05 41.93
CA GLY B 71 -1.69 11.52 43.25
C GLY B 71 -0.71 10.55 43.85
N LYS B 72 -0.96 10.13 45.10
CA LYS B 72 0.02 9.28 45.78
C LYS B 72 0.18 7.95 45.06
N ASP B 73 -0.89 7.42 44.48
CA ASP B 73 -0.89 6.10 43.88
C ASP B 73 -0.69 6.12 42.38
N ALA B 74 -0.27 7.25 41.81
CA ALA B 74 -0.15 7.35 40.35
C ALA B 74 0.94 6.44 39.83
N LEU B 75 2.11 6.42 40.49
CA LEU B 75 3.18 5.53 40.05
C LEU B 75 2.75 4.08 40.19
N LYS B 76 2.05 3.74 41.29
CA LYS B 76 1.62 2.36 41.49
C LYS B 76 0.63 1.92 40.43
N LEU B 77 -0.27 2.82 40.01
CA LEU B 77 -1.24 2.47 38.97
C LEU B 77 -0.54 2.08 37.68
N LEU B 78 0.47 2.85 37.28
CA LEU B 78 1.19 2.56 36.05
C LEU B 78 1.96 1.25 36.18
N SER B 79 2.71 1.11 37.29
CA SER B 79 3.48 -0.10 37.55
C SER B 79 2.60 -1.34 37.50
N ASP B 80 1.39 -1.26 38.09
CA ASP B 80 0.49 -2.41 38.14
C ASP B 80 -0.06 -2.78 36.76
N THR B 81 -0.02 -1.88 35.78
CA THR B 81 -0.65 -2.12 34.49
C THR B 81 0.32 -2.14 33.31
N MET B 82 1.60 -1.91 33.52
CA MET B 82 2.56 -1.83 32.42
C MET B 82 3.53 -3.01 32.41
N ILE B 83 3.94 -3.42 31.21
CA ILE B 83 5.00 -4.42 31.11
C ILE B 83 6.34 -3.83 31.51
N ASN B 84 6.48 -2.51 31.43
CA ASN B 84 7.76 -1.85 31.66
C ASN B 84 8.18 -1.96 33.12
N SER B 85 9.49 -2.01 33.35
CA SER B 85 10.02 -1.95 34.70
C SER B 85 9.85 -0.54 35.26
N PRO B 86 9.37 -0.38 36.49
CA PRO B 86 9.39 0.93 37.14
C PRO B 86 10.69 1.24 37.86
N LYS B 87 11.65 0.33 37.84
CA LYS B 87 12.88 0.50 38.62
C LYS B 87 13.66 1.71 38.12
N GLY B 88 13.99 2.62 39.02
CA GLY B 88 14.77 3.79 38.67
C GLY B 88 14.02 4.89 37.96
N TRP B 89 12.71 4.72 37.73
CA TRP B 89 11.92 5.76 37.10
C TRP B 89 11.79 6.96 38.03
N GLU B 90 12.16 8.13 37.54
CA GLU B 90 12.06 9.36 38.33
C GLU B 90 11.55 10.47 37.44
N PRO B 91 11.13 11.59 38.02
CA PRO B 91 10.64 12.71 37.20
C PRO B 91 11.67 13.15 36.16
N ASN B 92 11.15 13.67 35.05
CA ASN B 92 11.89 14.08 33.87
C ASN B 92 12.45 12.92 33.06
N LYS B 93 11.85 11.74 33.18
CA LYS B 93 12.07 10.66 32.24
C LYS B 93 10.71 10.17 31.77
N ALA B 94 10.56 9.97 30.47
CA ALA B 94 9.33 9.43 29.90
C ALA B 94 9.51 7.95 29.61
N LYS B 95 8.39 7.26 29.42
CA LYS B 95 8.40 5.85 29.04
C LYS B 95 7.34 5.64 27.97
N GLN B 96 7.57 4.64 27.11
CA GLN B 96 6.51 4.19 26.20
C GLN B 96 5.74 3.11 26.96
N TYR B 97 4.67 3.53 27.61
CA TYR B 97 3.81 2.69 28.45
C TYR B 97 3.08 1.68 27.57
N VAL B 98 3.24 0.40 27.87
CA VAL B 98 2.55 -0.65 27.12
C VAL B 98 1.77 -1.56 28.08
N PRO B 99 0.44 -1.48 28.10
CA PRO B 99 -0.34 -2.41 28.94
C PRO B 99 -0.81 -3.64 28.16
N VAL B 100 -0.76 -4.81 28.79
CA VAL B 100 -1.40 -6.00 28.26
C VAL B 100 -2.58 -6.41 29.14
N THR B 101 -3.46 -7.22 28.55
CA THR B 101 -4.61 -7.84 29.21
C THR B 101 -4.12 -8.97 30.14
N PRO B 102 -5.01 -9.49 31.02
CA PRO B 102 -4.63 -10.70 31.79
C PRO B 102 -4.18 -11.87 30.93
N TYR B 103 -4.53 -11.87 29.63
CA TYR B 103 -4.13 -12.93 28.71
C TYR B 103 -2.85 -12.60 27.95
N GLY B 104 -2.22 -11.46 28.22
CA GLY B 104 -0.92 -11.18 27.66
C GLY B 104 -0.90 -10.47 26.32
N HIS B 105 -2.03 -9.98 25.84
CA HIS B 105 -2.13 -9.32 24.55
C HIS B 105 -2.14 -7.80 24.72
N VAL B 106 -1.54 -7.10 23.74
CA VAL B 106 -1.45 -5.64 23.79
C VAL B 106 -2.84 -5.02 23.75
N ILE B 107 -3.08 -4.07 24.66
CA ILE B 107 -4.26 -3.20 24.61
C ILE B 107 -4.00 -1.97 23.74
N GLY B 108 -2.81 -1.40 23.86
CA GLY B 108 -2.44 -0.18 23.17
C GLY B 108 -1.09 0.26 23.69
N ASP B 109 -0.80 1.55 23.50
CA ASP B 109 0.45 2.08 24.04
C ASP B 109 0.37 3.61 24.02
N GLY B 110 1.25 4.23 24.78
CA GLY B 110 1.31 5.67 24.77
C GLY B 110 2.60 6.10 25.44
N ILE B 111 2.85 7.40 25.39
CA ILE B 111 4.01 7.98 26.07
C ILE B 111 3.53 8.52 27.39
N ILE B 112 4.20 8.14 28.47
CA ILE B 112 3.86 8.68 29.79
C ILE B 112 5.04 9.51 30.28
N PHE B 113 4.75 10.78 30.55
CA PHE B 113 5.72 11.74 31.05
C PHE B 113 5.66 11.76 32.57
N TYR B 114 6.81 11.55 33.21
CA TYR B 114 6.96 11.67 34.67
C TYR B 114 7.31 13.13 34.92
N LEU B 115 6.30 13.95 35.20
CA LEU B 115 6.47 15.41 35.28
C LEU B 115 7.09 15.85 36.60
N ALA B 116 6.62 15.28 37.70
CA ALA B 116 7.15 15.59 39.03
C ALA B 116 6.62 14.50 39.96
N GLU B 117 7.02 14.57 41.22
CA GLU B 117 6.50 13.64 42.21
C GLU B 117 4.98 13.59 42.12
N GLU B 118 4.44 12.37 42.00
CA GLU B 118 3.00 12.15 41.95
C GLU B 118 2.32 12.88 40.79
N GLU B 119 3.02 13.14 39.68
CA GLU B 119 2.42 13.87 38.57
C GLU B 119 2.88 13.27 37.25
N PHE B 120 1.92 12.78 36.46
CA PHE B 120 2.19 12.12 35.20
C PHE B 120 1.21 12.58 34.14
N VAL B 121 1.59 12.43 32.87
CA VAL B 121 0.70 12.68 31.74
C VAL B 121 0.86 11.55 30.73
N TYR B 122 -0.26 10.93 30.36
CA TYR B 122 -0.31 9.97 29.26
C TYR B 122 -0.73 10.70 27.99
N VAL B 123 -0.03 10.43 26.89
CA VAL B 123 -0.39 10.96 25.57
C VAL B 123 -0.37 9.79 24.59
N GLY B 124 -1.50 9.52 23.95
CA GLY B 124 -1.56 8.39 23.04
C GLY B 124 -2.98 8.16 22.57
N ARG B 125 -3.17 7.06 21.85
CA ARG B 125 -4.51 6.77 21.35
C ARG B 125 -5.43 6.38 22.51
N ALA B 126 -6.72 6.28 22.20
CA ALA B 126 -7.72 6.05 23.23
C ALA B 126 -7.57 4.72 23.98
N PRO B 127 -7.25 3.58 23.35
CA PRO B 127 -7.35 2.30 24.09
C PRO B 127 -6.55 2.24 25.39
N ALA B 128 -5.28 2.62 25.40
CA ALA B 128 -4.55 2.54 26.66
C ALA B 128 -5.04 3.61 27.64
N ALA B 129 -5.53 4.76 27.14
CA ALA B 129 -6.12 5.76 28.02
C ALA B 129 -7.36 5.23 28.72
N ASN B 130 -8.22 4.55 27.96
CA ASN B 130 -9.43 3.95 28.53
C ASN B 130 -9.09 2.94 29.62
N TRP B 131 -8.08 2.11 29.39
CA TRP B 131 -7.67 1.08 30.34
C TRP B 131 -7.14 1.69 31.62
N LEU B 132 -6.29 2.71 31.50
CA LEU B 132 -5.80 3.44 32.66
C LEU B 132 -6.94 4.03 33.48
N MET B 133 -7.93 4.65 32.82
CA MET B 133 -9.05 5.26 33.53
C MET B 133 -9.89 4.21 34.24
N TYR B 134 -10.13 3.08 33.58
CA TYR B 134 -10.87 1.99 34.19
C TYR B 134 -10.19 1.50 35.47
N HIS B 135 -8.90 1.20 35.39
CA HIS B 135 -8.20 0.69 36.56
C HIS B 135 -8.04 1.76 37.63
N ALA B 136 -7.84 3.02 37.24
CA ALA B 136 -7.83 4.10 38.21
C ALA B 136 -9.13 4.15 39.01
N GLN B 137 -10.26 4.03 38.32
CA GLN B 137 -11.56 4.16 38.97
C GLN B 137 -11.89 2.92 39.81
N THR B 138 -11.79 1.74 39.20
CA THR B 138 -12.21 0.51 39.87
C THR B 138 -11.13 -0.08 40.77
N GLY B 139 -9.85 0.25 40.55
CA GLY B 139 -8.84 -0.22 41.50
C GLY B 139 -8.82 0.52 42.82
N GLY B 140 -9.56 1.62 42.93
CA GLY B 140 -9.54 2.41 44.15
C GLY B 140 -8.25 3.14 44.42
N TYR B 141 -7.44 3.39 43.38
CA TYR B 141 -6.16 4.06 43.55
C TYR B 141 -6.35 5.49 44.08
N ASN B 142 -5.50 5.88 45.03
CA ASN B 142 -5.50 7.26 45.52
C ASN B 142 -4.87 8.13 44.44
N VAL B 143 -5.69 8.52 43.47
CA VAL B 143 -5.22 9.22 42.29
C VAL B 143 -6.40 9.98 41.71
N ASP B 144 -6.10 11.11 41.05
CA ASP B 144 -7.09 11.88 40.30
C ASP B 144 -6.65 11.98 38.84
N ILE B 145 -7.59 11.79 37.93
CA ILE B 145 -7.29 11.79 36.50
C ILE B 145 -8.23 12.75 35.78
N VAL B 146 -7.66 13.63 34.96
CA VAL B 146 -8.39 14.48 34.03
C VAL B 146 -8.19 13.92 32.64
N HIS B 147 -9.28 13.59 31.96
CA HIS B 147 -9.26 13.05 30.61
C HIS B 147 -9.47 14.19 29.61
N ASP B 148 -8.50 14.39 28.72
CA ASP B 148 -8.59 15.44 27.70
C ASP B 148 -8.59 14.77 26.33
N ASP B 149 -9.79 14.61 25.76
CA ASP B 149 -9.97 13.80 24.57
C ASP B 149 -9.22 14.41 23.39
N ARG B 150 -8.93 13.57 22.40
CA ARG B 150 -8.49 14.04 21.10
C ARG B 150 -9.59 14.92 20.48
N SER B 151 -9.18 15.84 19.62
CA SER B 151 -10.10 16.80 19.02
C SER B 151 -11.07 16.12 18.05
N PRO B 152 -12.27 16.66 17.87
CA PRO B 152 -13.26 16.03 16.98
C PRO B 152 -12.75 15.90 15.55
N SER B 153 -13.05 14.75 14.94
CA SER B 153 -12.49 14.44 13.63
C SER B 153 -13.08 15.33 12.54
N ARG B 154 -14.29 15.83 12.75
CA ARG B 154 -14.94 16.77 11.81
C ARG B 154 -15.56 17.89 12.63
N PRO B 155 -14.74 18.84 13.09
CA PRO B 155 -15.28 19.91 13.96
C PRO B 155 -16.35 20.73 13.26
N MET B 156 -16.27 20.89 11.94
CA MET B 156 -17.31 21.54 11.15
C MET B 156 -17.52 22.99 11.55
N GLY B 157 -16.40 23.70 11.75
CA GLY B 157 -16.43 25.09 12.16
C GLY B 157 -16.54 25.33 13.64
N LYS B 158 -16.78 24.29 14.43
CA LYS B 158 -16.86 24.43 15.88
C LYS B 158 -15.48 24.78 16.45
N PRO B 159 -15.44 25.44 17.60
CA PRO B 159 -14.14 25.68 18.25
C PRO B 159 -13.58 24.40 18.87
N VAL B 160 -12.26 24.36 18.95
CA VAL B 160 -11.52 23.19 19.42
C VAL B 160 -10.56 23.64 20.51
N GLN B 161 -10.53 22.90 21.64
CA GLN B 161 -9.64 23.22 22.74
C GLN B 161 -8.93 21.97 23.25
N ARG B 162 -7.68 22.15 23.67
CA ARG B 162 -6.91 21.16 24.41
C ARG B 162 -6.32 21.85 25.64
N ILE B 163 -5.89 21.05 26.61
CA ILE B 163 -5.21 21.62 27.77
C ILE B 163 -3.79 22.06 27.40
N SER B 164 -3.09 21.29 26.57
CA SER B 164 -1.73 21.61 26.14
C SER B 164 -1.63 21.58 24.62
N TRP B 165 -0.73 22.39 24.08
CA TRP B 165 -0.25 22.19 22.72
C TRP B 165 0.99 21.31 22.76
N ARG B 166 1.21 20.56 21.70
CA ARG B 166 2.34 19.64 21.63
C ARG B 166 2.91 19.71 20.23
N PHE B 167 4.22 19.97 20.13
CA PHE B 167 4.93 20.03 18.86
C PHE B 167 6.13 19.09 18.89
N GLN B 168 6.62 18.77 17.70
CA GLN B 168 7.95 18.22 17.54
C GLN B 168 8.70 19.06 16.52
N ILE B 169 9.99 19.25 16.76
CA ILE B 169 10.92 19.82 15.82
C ILE B 169 11.93 18.73 15.47
N GLN B 170 11.88 18.27 14.22
CA GLN B 170 12.65 17.11 13.77
C GLN B 170 13.34 17.45 12.46
N GLY B 171 14.39 16.70 12.15
CA GLY B 171 15.07 16.84 10.90
C GLY B 171 16.55 17.03 11.14
N PRO B 172 17.35 16.97 10.07
CA PRO B 172 18.80 17.15 10.25
C PRO B 172 19.19 18.53 10.76
N LYS B 173 18.40 19.56 10.45
CA LYS B 173 18.69 20.91 10.93
C LYS B 173 17.97 21.24 12.22
N ALA B 174 17.22 20.28 12.80
CA ALA B 174 16.35 20.59 13.92
C ALA B 174 17.12 21.14 15.11
N TRP B 175 18.28 20.56 15.42
CA TRP B 175 18.99 21.04 16.59
C TRP B 175 19.58 22.41 16.35
N ASP B 176 19.89 22.73 15.09
CA ASP B 176 20.30 24.09 14.76
C ASP B 176 19.20 25.07 15.14
N VAL B 177 17.97 24.81 14.70
CA VAL B 177 16.82 25.66 15.01
C VAL B 177 16.60 25.74 16.52
N ILE B 178 16.66 24.59 17.18
CA ILE B 178 16.42 24.55 18.62
C ILE B 178 17.40 25.44 19.36
N GLU B 179 18.66 25.44 18.94
CA GLU B 179 19.63 26.24 19.68
C GLU B 179 19.51 27.73 19.36
N LYS B 180 19.03 28.08 18.16
CA LYS B 180 18.71 29.48 17.90
C LYS B 180 17.54 29.94 18.76
N LEU B 181 16.50 29.10 18.90
CA LEU B 181 15.38 29.44 19.77
C LEU B 181 15.83 29.59 21.21
N HIS B 182 16.72 28.70 21.65
CA HIS B 182 17.17 28.71 23.03
C HIS B 182 18.03 29.92 23.37
N GLY B 183 18.81 30.40 22.40
CA GLY B 183 19.79 31.45 22.66
C GLY B 183 21.12 30.94 23.14
N GLY B 184 21.41 29.66 22.97
CA GLY B 184 22.69 29.13 23.38
C GLY B 184 22.73 27.63 23.17
N THR B 185 23.82 27.02 23.63
CA THR B 185 23.97 25.59 23.49
C THR B 185 22.90 24.88 24.31
N LEU B 186 22.31 23.83 23.72
CA LEU B 186 21.37 22.96 24.42
C LEU B 186 21.94 21.56 24.43
N GLU B 187 22.13 21.01 25.62
CA GLU B 187 22.62 19.65 25.77
C GLU B 187 21.66 18.65 25.12
N LYS B 188 22.21 17.74 24.31
CA LYS B 188 21.42 16.63 23.76
C LYS B 188 21.31 15.56 24.83
N LEU B 189 20.16 15.51 25.51
CA LEU B 189 19.99 14.52 26.56
C LEU B 189 19.79 13.13 25.97
N LYS B 190 19.84 12.13 26.85
CA LYS B 190 19.58 10.77 26.41
C LYS B 190 18.15 10.64 25.93
N PHE B 191 17.93 9.68 25.04
CA PHE B 191 16.60 9.50 24.47
C PHE B 191 15.57 9.32 25.57
N PHE B 192 14.44 10.01 25.40
CA PHE B 192 13.31 10.09 26.32
C PHE B 192 13.64 10.74 27.66
N ASN B 193 14.80 11.38 27.81
CA ASN B 193 15.02 12.22 28.98
C ASN B 193 14.36 13.58 28.75
N MET B 194 13.90 14.20 29.83
CA MET B 194 13.20 15.47 29.74
C MET B 194 14.04 16.59 30.35
N ALA B 195 13.86 17.79 29.81
CA ALA B 195 14.46 18.99 30.39
C ALA B 195 13.63 20.21 30.03
N GLU B 196 14.29 21.34 29.79
CA GLU B 196 13.61 22.56 29.41
C GLU B 196 14.45 23.32 28.41
N MET B 197 13.81 24.31 27.78
CA MET B 197 14.47 25.18 26.84
C MET B 197 13.73 26.51 26.83
N ASN B 198 14.39 27.54 26.32
CA ASN B 198 13.72 28.84 26.15
C ASN B 198 13.13 28.95 24.75
N ILE B 199 11.87 29.40 24.68
CA ILE B 199 11.26 29.86 23.43
C ILE B 199 10.55 31.19 23.71
N ALA B 200 10.92 32.23 22.98
CA ALA B 200 10.34 33.58 23.10
C ALA B 200 10.13 33.98 24.57
N GLY B 201 11.16 33.82 25.38
CA GLY B 201 11.10 34.18 26.77
C GLY B 201 10.35 33.23 27.67
N MET B 202 9.74 32.18 27.12
CA MET B 202 9.05 31.17 27.92
C MET B 202 9.98 30.01 28.24
N LYS B 203 9.78 29.42 29.40
CA LYS B 203 10.46 28.18 29.81
C LYS B 203 9.61 27.02 29.34
N ILE B 204 10.02 26.39 28.24
CA ILE B 204 9.29 25.29 27.60
C ILE B 204 9.94 23.96 27.98
N ARG B 205 9.12 23.01 28.41
CA ARG B 205 9.64 21.68 28.77
C ARG B 205 9.87 20.84 27.52
N THR B 206 10.87 19.94 27.58
CA THR B 206 11.32 19.23 26.39
C THR B 206 11.43 17.73 26.65
N LEU B 207 11.32 16.97 25.56
CA LEU B 207 11.49 15.53 25.55
C LEU B 207 12.43 15.18 24.42
N ARG B 208 13.57 14.59 24.76
CA ARG B 208 14.55 14.23 23.75
C ARG B 208 13.99 13.18 22.79
N HIS B 209 14.09 13.48 21.50
CA HIS B 209 13.54 12.63 20.44
C HIS B 209 14.55 12.59 19.29
N GLY B 210 14.14 12.04 18.16
CA GLY B 210 15.05 11.91 17.04
C GLY B 210 14.35 11.29 15.86
N MET B 211 15.10 11.19 14.75
CA MET B 211 14.52 10.68 13.52
C MET B 211 15.59 10.07 12.60
N ALA B 214 19.62 12.10 13.67
CA ALA B 214 19.22 13.50 13.75
C ALA B 214 18.45 13.79 15.04
N PRO B 215 19.10 14.44 16.01
CA PRO B 215 18.44 14.73 17.28
C PRO B 215 17.30 15.72 17.09
N GLY B 216 16.18 15.46 17.78
CA GLY B 216 15.02 16.34 17.74
C GLY B 216 14.42 16.46 19.13
N LEU B 217 13.37 17.25 19.23
CA LEU B 217 12.68 17.42 20.51
C LEU B 217 11.18 17.36 20.31
N GLU B 218 10.49 16.84 21.32
CA GLU B 218 9.08 17.11 21.51
C GLU B 218 8.96 18.17 22.58
N ILE B 219 8.07 19.14 22.33
CA ILE B 219 7.89 20.25 23.26
C ILE B 219 6.40 20.45 23.48
N TRP B 220 6.05 21.01 24.64
CA TRP B 220 4.64 21.20 24.98
C TRP B 220 4.51 22.40 25.90
N GLY B 221 3.29 22.94 25.96
CA GLY B 221 2.99 24.04 26.85
C GLY B 221 1.51 24.31 26.96
N PRO B 222 1.14 25.26 27.82
CA PRO B 222 -0.27 25.63 27.98
C PRO B 222 -0.86 26.08 26.65
N TYR B 223 -2.06 25.56 26.35
CA TYR B 223 -2.67 25.76 25.03
C TYR B 223 -2.68 27.23 24.59
N GLU B 224 -2.80 28.17 25.53
CA GLU B 224 -2.95 29.56 25.13
C GLU B 224 -1.66 30.14 24.56
N THR B 225 -0.50 29.60 24.94
CA THR B 225 0.75 30.10 24.39
C THR B 225 1.14 29.40 23.10
N GLN B 226 0.21 28.69 22.46
CA GLN B 226 0.56 27.88 21.30
C GLN B 226 1.06 28.73 20.14
N GLU B 227 0.35 29.83 19.83
CA GLU B 227 0.71 30.59 18.64
C GLU B 227 1.98 31.39 18.86
N LYS B 228 2.22 31.87 20.08
CA LYS B 228 3.48 32.54 20.37
C LYS B 228 4.67 31.60 20.19
N ALA B 229 4.52 30.33 20.58
CA ALA B 229 5.61 29.38 20.40
C ALA B 229 5.73 28.97 18.93
N ARG B 230 4.60 28.68 18.28
CA ARG B 230 4.65 28.29 16.87
C ARG B 230 5.29 29.38 16.02
N ASN B 231 4.92 30.63 16.25
CA ASN B 231 5.47 31.73 15.45
C ASN B 231 6.98 31.88 15.69
N ALA B 232 7.44 31.76 16.94
CA ALA B 232 8.87 31.83 17.19
C ALA B 232 9.62 30.70 16.51
N ILE B 233 9.04 29.50 16.51
CA ILE B 233 9.67 28.35 15.85
C ILE B 233 9.75 28.58 14.35
N LEU B 234 8.62 28.93 13.73
CA LEU B 234 8.62 29.16 12.29
C LEU B 234 9.54 30.31 11.91
N GLU B 235 9.59 31.36 12.75
CA GLU B 235 10.47 32.49 12.45
C GLU B 235 11.94 32.09 12.58
N ALA B 236 12.29 31.44 13.68
CA ALA B 236 13.69 31.09 13.90
C ALA B 236 14.20 30.10 12.86
N GLY B 237 13.30 29.29 12.32
CA GLY B 237 13.69 28.16 11.49
C GLY B 237 13.63 28.40 10.00
N LYS B 238 13.01 29.52 9.59
CA LYS B 238 12.84 29.80 8.16
C LYS B 238 14.17 29.68 7.41
N GLU B 239 15.24 30.25 7.97
CA GLU B 239 16.54 30.28 7.30
C GLU B 239 17.12 28.89 7.08
N PHE B 240 16.80 27.95 7.97
CA PHE B 240 17.31 26.59 7.86
C PHE B 240 16.43 25.70 6.98
N GLY B 241 15.37 26.24 6.39
CA GLY B 241 14.45 25.45 5.62
C GLY B 241 13.33 24.79 6.41
N LEU B 242 13.15 25.15 7.67
CA LEU B 242 12.10 24.52 8.48
C LEU B 242 10.73 24.93 7.98
N ILE B 243 9.85 23.95 7.79
CA ILE B 243 8.49 24.22 7.34
C ILE B 243 7.51 23.46 8.22
N PRO B 244 6.27 23.93 8.36
CA PRO B 244 5.26 23.14 9.08
C PRO B 244 4.77 21.98 8.24
N VAL B 245 4.47 20.86 8.91
CA VAL B 245 3.92 19.67 8.29
C VAL B 245 2.42 19.60 8.56
N GLY B 246 1.66 19.19 7.54
CA GLY B 246 0.21 19.08 7.67
C GLY B 246 -0.23 17.68 8.09
N SER B 247 -1.54 17.55 8.31
CA SER B 247 -2.09 16.28 8.79
C SER B 247 -2.15 15.21 7.71
N ARG B 248 -1.98 15.58 6.43
CA ARG B 248 -1.92 14.57 5.39
C ARG B 248 -0.59 13.82 5.43
N ALA B 249 0.52 14.56 5.54
CA ALA B 249 1.83 13.93 5.54
C ALA B 249 2.19 13.39 6.93
N TYR B 250 1.77 14.07 7.99
CA TYR B 250 2.24 13.74 9.33
C TYR B 250 2.19 12.26 9.66
N PRO B 251 1.05 11.55 9.52
CA PRO B 251 0.98 10.17 10.02
C PRO B 251 1.79 9.20 9.18
N SER B 252 2.20 9.60 7.98
CA SER B 252 3.08 8.76 7.17
C SER B 252 4.50 8.72 7.70
N ASN B 253 4.87 9.61 8.63
CA ASN B 253 6.24 9.60 9.12
C ASN B 253 6.58 8.27 9.79
N THR B 254 5.60 7.64 10.44
CA THR B 254 5.86 6.40 11.17
C THR B 254 6.19 5.24 10.23
N LEU B 255 5.85 5.33 8.95
CA LEU B 255 6.27 4.29 8.01
C LEU B 255 7.79 4.24 7.89
N GLU B 256 8.45 5.38 8.04
CA GLU B 256 9.91 5.42 8.04
C GLU B 256 10.50 5.15 9.42
N SER B 257 9.85 5.63 10.50
CA SER B 257 10.41 5.46 11.83
C SER B 257 10.15 4.07 12.40
N GLY B 258 8.98 3.50 12.14
CA GLY B 258 8.72 2.10 12.41
C GLY B 258 7.79 1.80 13.57
N TRP B 259 7.09 2.78 14.11
CA TRP B 259 6.13 2.55 15.18
C TRP B 259 4.79 2.16 14.56
N ILE B 260 4.24 1.02 14.98
CA ILE B 260 2.93 0.58 14.53
C ILE B 260 1.89 1.21 15.46
N PRO B 261 1.08 2.16 14.99
CA PRO B 261 0.18 2.88 15.90
C PRO B 261 -1.10 2.14 16.24
N SER B 262 -1.45 1.08 15.52
CA SER B 262 -2.84 0.64 15.52
C SER B 262 -3.07 -0.83 15.84
N PRO B 263 -2.41 -1.44 16.83
CA PRO B 263 -2.81 -2.79 17.21
C PRO B 263 -4.27 -2.79 17.67
N LEU B 264 -4.98 -3.87 17.36
CA LEU B 264 -6.33 -4.03 17.87
C LEU B 264 -6.26 -4.15 19.38
N PRO B 265 -7.06 -3.38 20.13
CA PRO B 265 -7.10 -3.58 21.59
C PRO B 265 -7.69 -4.96 21.87
N ALA B 266 -6.92 -5.80 22.55
CA ALA B 266 -7.25 -7.22 22.61
C ALA B 266 -8.22 -7.52 23.75
N ILE B 267 -9.39 -6.87 23.73
CA ILE B 267 -10.28 -6.88 24.87
C ILE B 267 -11.66 -7.47 24.54
N TYR B 268 -11.83 -8.08 23.36
CA TYR B 268 -13.15 -8.51 22.90
C TYR B 268 -13.55 -9.90 23.39
N THR B 269 -12.63 -10.66 23.96
CA THR B 269 -12.89 -12.02 24.43
C THR B 269 -12.31 -12.20 25.82
N GLY B 270 -12.74 -13.28 26.49
CA GLY B 270 -12.20 -13.62 27.80
C GLY B 270 -13.02 -13.14 28.98
N ASP B 271 -13.35 -14.06 29.91
CA ASP B 271 -14.18 -13.71 31.06
C ASP B 271 -13.51 -12.67 31.95
N LYS B 272 -12.19 -12.73 32.09
CA LYS B 272 -11.50 -11.73 32.91
C LYS B 272 -11.61 -10.32 32.33
N LEU B 273 -12.04 -10.17 31.08
CA LEU B 273 -12.25 -8.85 30.51
C LEU B 273 -13.71 -8.50 30.35
N LYS B 274 -14.62 -9.37 30.79
CA LYS B 274 -16.04 -9.07 30.68
C LYS B 274 -16.41 -7.77 31.39
N ALA B 275 -15.87 -7.57 32.60
CA ALA B 275 -16.23 -6.38 33.36
C ALA B 275 -15.76 -5.10 32.68
N TYR B 276 -14.57 -5.13 32.07
CA TYR B 276 -14.11 -3.99 31.28
C TYR B 276 -15.02 -3.73 30.09
N ARG B 277 -15.40 -4.80 29.37
CA ARG B 277 -16.33 -4.66 28.26
C ARG B 277 -17.63 -4.00 28.69
N GLU B 278 -18.10 -4.30 29.90
CA GLU B 278 -19.33 -3.66 30.35
C GLU B 278 -19.09 -2.23 30.80
N TRP B 279 -17.83 -1.86 31.07
CA TRP B 279 -17.49 -0.49 31.46
C TRP B 279 -17.34 0.43 30.25
N LEU B 280 -16.79 -0.09 29.15
CA LEU B 280 -16.56 0.77 28.00
C LEU B 280 -17.91 1.19 27.40
N PRO B 281 -18.06 2.47 27.04
CA PRO B 281 -19.30 2.91 26.39
C PRO B 281 -19.45 2.33 25.00
N ALA B 282 -20.71 2.26 24.58
CA ALA B 282 -21.05 1.79 23.24
C ALA B 282 -20.50 2.68 22.14
N ASN B 283 -20.21 3.95 22.42
CA ASN B 283 -19.61 4.82 21.41
C ASN B 283 -18.10 4.94 21.60
N SER B 284 -17.50 4.05 22.39
CA SER B 284 -16.05 4.03 22.52
C SER B 284 -15.37 3.71 21.19
N TYR B 285 -14.09 4.08 21.11
CA TYR B 285 -13.19 3.64 20.06
C TYR B 285 -13.33 2.14 19.83
N GLU B 286 -13.39 1.37 20.91
CA GLU B 286 -13.35 -0.08 20.80
C GLU B 286 -14.67 -0.64 20.28
N ALA B 287 -15.79 -0.04 20.65
CA ALA B 287 -17.07 -0.55 20.19
C ALA B 287 -17.43 -0.07 18.79
N SER B 288 -16.98 1.13 18.40
CA SER B 288 -17.46 1.77 17.18
C SER B 288 -16.49 1.74 16.02
N GLY B 289 -15.22 1.43 16.27
CA GLY B 289 -14.20 1.44 15.24
C GLY B 289 -14.34 0.30 14.24
N ALA B 290 -13.34 0.19 13.36
CA ALA B 290 -13.38 -0.75 12.25
C ALA B 290 -12.03 -1.42 12.05
N ILE B 291 -12.09 -2.64 11.49
CA ILE B 291 -10.94 -3.37 10.99
C ILE B 291 -11.03 -3.42 9.48
N GLY B 292 -9.92 -3.17 8.80
CA GLY B 292 -9.90 -3.27 7.35
C GLY B 292 -8.73 -4.11 6.89
N GLY B 293 -8.86 -4.63 5.67
CA GLY B 293 -7.77 -5.31 5.02
C GLY B 293 -8.09 -6.76 4.73
N SER B 294 -7.10 -7.42 4.12
CA SER B 294 -7.32 -8.72 3.50
C SER B 294 -7.31 -9.87 4.49
N PHE B 295 -6.80 -9.69 5.72
CA PHE B 295 -6.72 -10.84 6.61
C PHE B 295 -8.10 -11.14 7.19
N VAL B 296 -8.57 -12.36 6.99
CA VAL B 296 -9.92 -12.77 7.34
C VAL B 296 -9.83 -13.98 8.27
N SER B 297 -10.43 -13.86 9.44
CA SER B 297 -10.69 -14.95 10.35
C SER B 297 -12.04 -14.68 11.01
N SER B 298 -12.71 -15.74 11.44
CA SER B 298 -13.92 -15.56 12.21
C SER B 298 -13.63 -15.45 13.71
N ASN B 299 -12.36 -15.62 14.10
CA ASN B 299 -11.94 -15.58 15.50
C ASN B 299 -11.21 -14.27 15.72
N ILE B 300 -11.81 -13.36 16.52
CA ILE B 300 -11.24 -12.03 16.72
C ILE B 300 -9.85 -12.13 17.36
N GLU B 301 -9.58 -13.21 18.11
CA GLU B 301 -8.29 -13.34 18.78
C GLU B 301 -7.13 -13.45 17.80
N ASP B 302 -7.41 -13.85 16.55
CA ASP B 302 -6.38 -13.94 15.53
C ASP B 302 -5.83 -12.59 15.12
N TYR B 303 -6.52 -11.51 15.47
CA TYR B 303 -6.08 -10.15 15.22
C TYR B 303 -5.31 -9.54 16.41
N TYR B 304 -5.25 -10.25 17.52
CA TYR B 304 -4.50 -9.76 18.68
C TYR B 304 -3.00 -9.88 18.43
N VAL B 305 -2.22 -9.00 19.07
CA VAL B 305 -0.76 -9.14 19.07
C VAL B 305 -0.29 -9.06 20.50
N ASN B 306 0.87 -9.65 20.76
CA ASN B 306 1.51 -9.53 22.07
C ASN B 306 2.74 -8.61 21.92
N PRO B 307 3.31 -8.12 23.03
CA PRO B 307 4.34 -7.07 22.91
C PRO B 307 5.53 -7.45 22.03
N TYR B 308 5.93 -8.74 22.04
CA TYR B 308 7.08 -9.18 21.27
C TYR B 308 6.85 -9.01 19.78
N GLU B 309 5.61 -9.09 19.33
CA GLU B 309 5.34 -9.10 17.89
C GLU B 309 5.45 -7.74 17.26
N ILE B 310 5.34 -6.66 18.04
CA ILE B 310 5.32 -5.34 17.43
C ILE B 310 6.47 -4.47 17.94
N GLY B 311 7.51 -5.09 18.49
CA GLY B 311 8.72 -4.36 18.82
C GLY B 311 8.89 -3.98 20.29
N TYR B 312 7.99 -4.41 21.16
CA TYR B 312 8.06 -4.01 22.57
C TYR B 312 8.64 -5.11 23.46
N GLY B 313 9.11 -6.22 22.88
CA GLY B 313 9.84 -7.22 23.62
C GLY B 313 10.87 -6.69 24.60
N PRO B 314 11.74 -5.78 24.16
CA PRO B 314 12.77 -5.27 25.06
C PRO B 314 12.22 -4.45 26.24
N PHE B 315 10.96 -3.99 26.18
CA PHE B 315 10.33 -3.26 27.28
C PHE B 315 9.89 -4.19 28.41
N VAL B 316 9.63 -5.45 28.10
CA VAL B 316 9.09 -6.39 29.08
C VAL B 316 10.13 -6.62 30.17
N LYS B 317 9.72 -6.44 31.42
CA LYS B 317 10.55 -6.79 32.57
C LYS B 317 9.67 -7.45 33.60
N PHE B 318 10.09 -8.61 34.10
CA PHE B 318 9.30 -9.35 35.07
C PHE B 318 9.71 -9.05 36.51
N ASP B 319 10.30 -7.88 36.76
CA ASP B 319 10.77 -7.45 38.07
C ASP B 319 9.69 -6.83 38.93
N HIS B 320 8.44 -6.84 38.47
CA HIS B 320 7.35 -6.21 39.19
C HIS B 320 6.08 -7.00 38.91
N ASP B 321 5.04 -6.76 39.71
CA ASP B 321 3.75 -7.37 39.42
C ASP B 321 3.00 -6.52 38.39
N PHE B 322 2.32 -7.18 37.45
CA PHE B 322 1.47 -6.41 36.53
C PHE B 322 0.42 -7.31 35.87
N ILE B 323 -0.66 -6.68 35.41
CA ILE B 323 -1.72 -7.42 34.75
C ILE B 323 -1.15 -8.10 33.52
N GLY B 324 -1.41 -9.40 33.38
CA GLY B 324 -0.90 -10.18 32.25
C GLY B 324 0.47 -10.81 32.47
N ARG B 325 1.10 -10.59 33.62
CA ARG B 325 2.46 -11.05 33.85
C ARG B 325 2.60 -12.56 33.61
N ASP B 326 1.71 -13.36 34.23
CA ASP B 326 1.79 -14.81 34.08
C ASP B 326 1.64 -15.24 32.63
N ALA B 327 0.68 -14.64 31.92
CA ALA B 327 0.47 -15.05 30.54
C ALA B 327 1.66 -14.66 29.68
N LEU B 328 2.22 -13.46 29.91
N LEU B 328 2.22 -13.48 29.93
CA LEU B 328 3.40 -13.06 29.17
CA LEU B 328 3.39 -13.05 29.17
C LEU B 328 4.57 -13.98 29.46
C LEU B 328 4.61 -13.93 29.48
N GLU B 329 4.75 -14.35 30.74
CA GLU B 329 5.81 -15.29 31.11
C GLU B 329 5.71 -16.58 30.29
N ALA B 330 4.48 -17.04 30.04
CA ALA B 330 4.28 -18.32 29.38
C ALA B 330 4.66 -18.28 27.91
N ILE B 331 4.76 -17.07 27.33
CA ILE B 331 5.11 -16.91 25.94
C ILE B 331 6.62 -17.08 25.78
N ASP B 332 7.03 -17.79 24.72
CA ASP B 332 8.44 -17.95 24.41
C ASP B 332 8.88 -16.80 23.50
N PRO B 333 9.70 -15.87 23.97
CA PRO B 333 10.08 -14.72 23.12
C PRO B 333 10.81 -15.11 21.85
N ALA B 334 11.58 -16.21 21.87
CA ALA B 334 12.43 -16.56 20.74
C ALA B 334 11.64 -17.05 19.54
N THR B 335 10.39 -17.47 19.72
CA THR B 335 9.58 -17.97 18.61
C THR B 335 8.49 -17.01 18.18
N GLN B 336 8.43 -15.79 18.74
CA GLN B 336 7.35 -14.87 18.40
C GLN B 336 7.63 -14.18 17.08
N ARG B 337 6.56 -13.73 16.42
CA ARG B 337 6.73 -12.94 15.21
C ARG B 337 7.48 -11.65 15.54
N LYS B 338 8.06 -11.05 14.50
CA LYS B 338 8.88 -9.86 14.67
C LYS B 338 8.37 -8.76 13.75
N LYS B 339 8.50 -7.53 14.23
CA LYS B 339 8.15 -6.37 13.42
C LYS B 339 9.22 -6.11 12.35
N VAL B 340 8.75 -5.82 11.14
CA VAL B 340 9.60 -5.52 10.00
C VAL B 340 8.93 -4.41 9.21
N THR B 341 9.69 -3.81 8.30
CA THR B 341 9.15 -2.99 7.22
C THR B 341 9.05 -3.84 5.97
N LEU B 342 7.94 -3.69 5.23
CA LEU B 342 7.78 -4.31 3.92
C LEU B 342 7.85 -3.23 2.86
N ALA B 343 8.74 -3.40 1.87
CA ALA B 343 8.91 -2.43 0.78
C ALA B 343 8.19 -2.98 -0.46
N TRP B 344 7.13 -2.29 -0.85
CA TRP B 344 6.21 -2.79 -1.86
C TRP B 344 6.78 -2.54 -3.26
N ASN B 345 6.51 -3.49 -4.14
CA ASN B 345 7.09 -3.46 -5.49
C ASN B 345 6.54 -2.31 -6.33
N GLY B 346 7.44 -1.48 -6.88
CA GLY B 346 7.01 -0.28 -7.57
C GLY B 346 6.21 -0.53 -8.83
N ASP B 347 6.51 -1.63 -9.53
CA ASP B 347 5.70 -2.03 -10.68
C ASP B 347 4.30 -2.43 -10.26
N ASP B 348 4.17 -3.06 -9.09
CA ASP B 348 2.84 -3.43 -8.61
C ASP B 348 2.05 -2.19 -8.18
N MET B 349 2.72 -1.22 -7.53
CA MET B 349 2.07 0.06 -7.21
C MET B 349 1.57 0.75 -8.48
N ALA B 350 2.40 0.80 -9.53
CA ALA B 350 1.99 1.40 -10.78
C ALA B 350 0.79 0.67 -11.36
N LYS B 351 0.73 -0.65 -11.18
CA LYS B 351 -0.41 -1.41 -11.69
C LYS B 351 -1.69 -1.09 -10.91
N ILE B 352 -1.56 -0.88 -9.60
CA ILE B 352 -2.72 -0.52 -8.79
C ILE B 352 -3.28 0.83 -9.25
N TYR B 353 -2.40 1.81 -9.49
CA TYR B 353 -2.90 3.12 -9.85
C TYR B 353 -3.36 3.17 -11.30
N ALA B 354 -2.76 2.34 -12.18
CA ALA B 354 -3.16 2.36 -13.58
C ALA B 354 -4.62 1.93 -13.72
N SER B 355 -5.06 0.99 -12.88
CA SER B 355 -6.40 0.44 -12.99
C SER B 355 -7.50 1.46 -12.71
N LEU B 356 -7.18 2.62 -12.13
CA LEU B 356 -8.19 3.65 -11.92
C LEU B 356 -8.55 4.37 -13.22
N PHE B 357 -7.66 4.31 -14.21
CA PHE B 357 -7.86 5.01 -15.47
C PHE B 357 -8.27 4.07 -16.60
N ASP B 358 -8.74 2.88 -16.27
CA ASP B 358 -9.17 1.87 -17.24
C ASP B 358 -10.69 1.98 -17.39
N THR B 359 -11.14 2.61 -18.48
CA THR B 359 -12.58 2.82 -18.67
C THR B 359 -13.31 1.55 -19.07
N GLU B 360 -12.60 0.47 -19.39
CA GLU B 360 -13.21 -0.76 -19.86
C GLU B 360 -13.19 -1.88 -18.83
N ALA B 361 -12.30 -1.84 -17.85
CA ALA B 361 -12.17 -2.96 -16.92
C ALA B 361 -13.42 -3.11 -16.07
N ASP B 362 -13.71 -4.37 -15.74
CA ASP B 362 -14.83 -4.67 -14.85
C ASP B 362 -14.61 -4.07 -13.47
N ALA B 363 -13.42 -4.25 -12.90
CA ALA B 363 -13.13 -3.75 -11.57
C ALA B 363 -11.74 -3.13 -11.57
N HIS B 364 -11.42 -2.42 -10.49
CA HIS B 364 -10.09 -1.88 -10.31
C HIS B 364 -9.55 -2.35 -8.97
N TYR B 365 -8.27 -2.11 -8.74
CA TYR B 365 -7.66 -2.49 -7.48
C TYR B 365 -7.95 -1.45 -6.40
N LYS B 366 -7.95 -1.92 -5.15
CA LYS B 366 -8.30 -1.07 -4.03
C LYS B 366 -7.55 0.24 -4.09
N PHE B 367 -8.27 1.34 -3.98
CA PHE B 367 -7.64 2.65 -4.02
C PHE B 367 -6.62 2.79 -2.90
N PHE B 368 -5.38 3.15 -3.27
CA PHE B 368 -4.23 3.32 -2.39
C PHE B 368 -3.94 4.81 -2.26
N ASP B 369 -4.43 5.42 -1.20
CA ASP B 369 -4.28 6.87 -1.01
C ASP B 369 -2.83 7.22 -0.65
N LEU B 370 -2.46 8.48 -0.95
CA LEU B 370 -1.09 8.91 -0.71
C LEU B 370 -1.07 10.16 0.16
N PRO B 371 -0.14 10.26 1.13
CA PRO B 371 0.88 9.25 1.42
C PRO B 371 0.49 8.20 2.47
N LEU B 372 -0.79 8.13 2.84
CA LEU B 372 -1.27 7.10 3.77
C LEU B 372 -2.46 6.39 3.17
N ALA B 373 -2.40 5.05 3.11
CA ALA B 373 -3.40 4.25 2.43
C ALA B 373 -4.37 3.50 3.34
N ASN B 374 -4.25 3.64 4.66
CA ASN B 374 -5.17 2.97 5.58
C ASN B 374 -6.59 3.42 5.36
N TYR B 375 -7.54 2.48 5.46
CA TYR B 375 -8.97 2.80 5.37
C TYR B 375 -9.78 2.22 6.54
N ALA B 376 -9.14 1.98 7.69
CA ALA B 376 -9.81 1.68 8.94
C ALA B 376 -8.89 2.08 10.07
N ASN B 377 -9.39 2.06 11.32
CA ASN B 377 -8.45 2.45 12.37
C ASN B 377 -7.56 1.29 12.82
N THR B 378 -7.99 0.06 12.62
CA THR B 378 -7.13 -1.11 12.77
C THR B 378 -6.95 -1.77 11.39
N ASN B 379 -5.70 -1.95 10.99
CA ASN B 379 -5.37 -2.47 9.66
C ASN B 379 -4.82 -3.88 9.80
N ALA B 380 -5.31 -4.80 8.94
CA ALA B 380 -4.88 -6.20 9.01
C ALA B 380 -4.93 -6.80 7.60
N ASP B 381 -3.83 -6.68 6.86
CA ASP B 381 -3.65 -7.38 5.58
C ASP B 381 -2.83 -8.65 5.78
N ALA B 382 -3.24 -9.73 5.13
CA ALA B 382 -2.47 -10.97 5.22
C ALA B 382 -1.14 -10.85 4.49
N VAL B 383 -0.08 -11.40 5.09
CA VAL B 383 1.22 -11.48 4.47
C VAL B 383 1.47 -12.95 4.18
N LEU B 384 1.84 -13.26 2.94
CA LEU B 384 1.99 -14.65 2.53
C LEU B 384 3.39 -14.91 2.01
N ASP B 385 3.86 -16.14 2.18
CA ASP B 385 5.14 -16.52 1.63
C ASP B 385 4.94 -17.28 0.31
N ALA B 386 6.00 -17.90 -0.17
CA ALA B 386 5.95 -18.54 -1.49
C ALA B 386 5.09 -19.79 -1.51
N ALA B 387 4.89 -20.43 -0.36
CA ALA B 387 4.02 -21.58 -0.25
C ALA B 387 2.59 -21.22 0.13
N GLY B 388 2.22 -19.94 0.05
CA GLY B 388 0.88 -19.55 0.42
C GLY B 388 0.59 -19.62 1.90
N ASN B 389 1.61 -19.75 2.75
CA ASN B 389 1.38 -19.65 4.18
C ASN B 389 1.09 -18.21 4.56
N VAL B 390 0.14 -18.04 5.48
CA VAL B 390 -0.01 -16.73 6.12
C VAL B 390 1.12 -16.62 7.14
N VAL B 391 2.10 -15.77 6.88
CA VAL B 391 3.28 -15.66 7.74
C VAL B 391 3.30 -14.36 8.54
N GLY B 392 2.27 -13.54 8.43
CA GLY B 392 2.22 -12.33 9.23
C GLY B 392 1.03 -11.47 8.87
N MET B 393 1.03 -10.27 9.46
CA MET B 393 -0.04 -9.30 9.34
C MET B 393 0.61 -7.96 9.03
N SER B 394 0.14 -7.29 7.97
CA SER B 394 0.58 -5.94 7.64
C SER B 394 -0.42 -4.94 8.24
N MET B 395 0.10 -3.94 8.98
CA MET B 395 -0.69 -3.20 9.95
C MET B 395 -0.70 -1.69 9.77
N PHE B 396 0.01 -1.16 8.78
CA PHE B 396 0.04 0.29 8.57
C PHE B 396 0.72 0.51 7.21
N THR B 397 0.08 1.26 6.30
CA THR B 397 0.47 1.21 4.90
C THR B 397 0.46 2.61 4.27
N GLY B 398 1.50 2.93 3.49
CA GLY B 398 1.47 4.19 2.76
C GLY B 398 2.69 4.33 1.87
N TYR B 399 3.18 5.56 1.72
CA TYR B 399 4.22 5.86 0.73
C TYR B 399 5.16 6.94 1.27
N SER B 400 6.44 6.78 0.98
CA SER B 400 7.48 7.71 1.35
C SER B 400 8.03 8.40 0.10
N TYR B 401 7.87 9.72 0.03
CA TYR B 401 8.52 10.48 -1.04
C TYR B 401 10.03 10.44 -0.91
N ASN B 402 10.55 10.27 0.32
CA ASN B 402 11.98 10.20 0.49
C ASN B 402 12.54 8.93 -0.14
N GLU B 403 11.81 7.83 -0.01
CA GLU B 403 12.25 6.56 -0.57
C GLU B 403 11.69 6.28 -1.95
N LYS B 404 10.73 7.08 -2.42
CA LYS B 404 9.99 6.79 -3.65
C LYS B 404 9.48 5.35 -3.66
N ARG B 405 8.99 4.91 -2.50
CA ARG B 405 8.49 3.55 -2.33
C ARG B 405 7.22 3.56 -1.51
N ALA B 406 6.29 2.68 -1.85
CA ALA B 406 5.24 2.30 -0.93
C ALA B 406 5.82 1.36 0.13
N LEU B 407 5.41 1.57 1.39
CA LEU B 407 5.94 0.86 2.55
C LEU B 407 4.79 0.44 3.46
N SER B 408 4.95 -0.70 4.13
CA SER B 408 4.07 -1.03 5.24
C SER B 408 4.86 -1.60 6.41
N LEU B 409 4.29 -1.48 7.61
CA LEU B 409 4.87 -2.08 8.80
C LEU B 409 4.11 -3.37 9.07
N ALA B 410 4.84 -4.46 9.33
CA ALA B 410 4.20 -5.75 9.50
C ALA B 410 4.86 -6.52 10.64
N THR B 411 4.16 -7.56 11.11
CA THR B 411 4.76 -8.54 12.02
C THR B 411 4.71 -9.90 11.33
N ILE B 412 5.86 -10.56 11.23
CA ILE B 412 6.01 -11.77 10.43
C ILE B 412 6.76 -12.84 11.21
N ASP B 413 6.59 -14.09 10.76
CA ASP B 413 7.33 -15.24 11.32
C ASP B 413 8.82 -14.91 11.50
N HIS B 414 9.35 -15.21 12.69
CA HIS B 414 10.65 -14.68 13.07
C HIS B 414 11.79 -15.22 12.22
N GLU B 415 11.64 -16.41 11.66
CA GLU B 415 12.76 -17.01 10.94
C GLU B 415 12.94 -16.44 9.53
N ILE B 416 12.01 -15.62 9.06
CA ILE B 416 12.11 -15.08 7.70
C ILE B 416 13.21 -14.02 7.65
N PRO B 417 14.23 -14.17 6.81
CA PRO B 417 15.34 -13.19 6.83
C PRO B 417 15.02 -11.94 6.03
N VAL B 418 15.69 -10.85 6.41
CA VAL B 418 15.63 -9.61 5.65
C VAL B 418 16.04 -9.92 4.21
N GLY B 419 15.32 -9.33 3.26
CA GLY B 419 15.57 -9.52 1.85
C GLY B 419 14.61 -10.46 1.18
N THR B 420 13.89 -11.28 1.96
CA THR B 420 12.90 -12.21 1.42
C THR B 420 11.76 -11.46 0.76
N GLU B 421 11.37 -11.91 -0.43
CA GLU B 421 10.18 -11.38 -1.09
C GLU B 421 8.98 -12.16 -0.61
N LEU B 422 8.01 -11.45 -0.05
CA LEU B 422 6.73 -12.00 0.33
C LEU B 422 5.66 -11.35 -0.54
N THR B 423 4.39 -11.61 -0.25
CA THR B 423 3.31 -10.84 -0.85
C THR B 423 2.40 -10.30 0.25
N VAL B 424 1.90 -9.09 0.03
CA VAL B 424 0.82 -8.55 0.84
C VAL B 424 -0.42 -8.55 -0.04
N LEU B 425 -1.47 -9.20 0.44
CA LEU B 425 -2.74 -9.20 -0.27
C LEU B 425 -3.41 -7.87 0.00
N TRP B 426 -3.60 -7.07 -1.05
CA TRP B 426 -4.10 -5.72 -0.91
C TRP B 426 -5.54 -5.66 -1.38
N GLY B 427 -6.42 -5.12 -0.53
CA GLY B 427 -7.85 -5.11 -0.78
C GLY B 427 -8.56 -6.24 -0.07
N GLU B 428 -9.89 -6.18 -0.10
CA GLU B 428 -10.73 -7.11 0.63
C GLU B 428 -11.49 -8.04 -0.32
N GLU B 429 -12.11 -9.05 0.26
CA GLU B 429 -12.74 -10.11 -0.51
C GLU B 429 -14.11 -9.69 -1.04
N ASN B 430 -14.55 -10.37 -2.12
CA ASN B 430 -15.92 -10.29 -2.64
C ASN B 430 -16.36 -8.86 -2.96
N GLY B 431 -15.46 -8.07 -3.52
CA GLY B 431 -15.76 -6.70 -3.88
C GLY B 431 -15.62 -5.70 -2.76
N GLY B 432 -15.38 -6.15 -1.53
CA GLY B 432 -15.21 -5.22 -0.44
C GLY B 432 -16.23 -5.37 0.66
N THR B 433 -15.81 -5.09 1.90
CA THR B 433 -16.73 -5.05 3.04
C THR B 433 -17.67 -3.84 2.89
N ARG B 434 -18.56 -3.69 3.88
CA ARG B 434 -19.55 -2.61 3.91
C ARG B 434 -19.01 -1.31 4.47
N LYS B 435 -17.74 -1.26 4.88
CA LYS B 435 -17.21 -0.02 5.42
C LYS B 435 -17.41 1.10 4.41
N THR B 436 -17.67 2.30 4.92
CA THR B 436 -17.94 3.44 4.06
C THR B 436 -16.68 4.00 3.43
N THR B 437 -15.52 3.57 3.89
CA THR B 437 -14.27 3.97 3.28
C THR B 437 -13.88 3.08 2.10
N VAL B 438 -14.67 2.05 1.80
CA VAL B 438 -14.32 1.04 0.80
C VAL B 438 -15.22 1.22 -0.42
N GLU B 439 -14.61 1.52 -1.56
CA GLU B 439 -15.22 1.46 -2.88
C GLU B 439 -15.14 0.05 -3.45
N PRO B 440 -16.00 -0.32 -4.40
CA PRO B 440 -15.91 -1.67 -4.97
C PRO B 440 -14.55 -1.86 -5.65
N HIS B 441 -13.99 -3.05 -5.49
CA HIS B 441 -12.64 -3.31 -5.98
C HIS B 441 -12.35 -4.80 -5.98
N LYS B 442 -11.24 -5.17 -6.63
CA LYS B 442 -10.69 -6.52 -6.59
C LYS B 442 -9.34 -6.50 -5.87
N GLN B 443 -8.88 -7.67 -5.44
CA GLN B 443 -7.65 -7.81 -4.67
C GLN B 443 -6.43 -7.92 -5.59
N MET B 444 -5.27 -7.58 -5.04
CA MET B 444 -4.00 -7.88 -5.68
C MET B 444 -3.06 -8.47 -4.65
N ALA B 445 -2.30 -9.48 -5.07
CA ALA B 445 -1.18 -9.99 -4.27
C ALA B 445 0.03 -9.15 -4.64
N VAL B 446 0.43 -8.24 -3.74
CA VAL B 446 1.51 -7.30 -4.01
C VAL B 446 2.83 -7.88 -3.51
N ARG B 447 3.85 -7.87 -4.36
CA ARG B 447 5.19 -8.30 -3.93
C ARG B 447 5.80 -7.27 -2.97
N ALA B 448 6.40 -7.77 -1.90
CA ALA B 448 6.92 -6.91 -0.85
C ALA B 448 8.15 -7.54 -0.23
N VAL B 449 9.21 -6.75 -0.05
CA VAL B 449 10.51 -7.25 0.40
C VAL B 449 10.68 -6.94 1.88
N VAL B 450 11.02 -7.96 2.66
CA VAL B 450 11.26 -7.78 4.09
C VAL B 450 12.48 -6.88 4.29
N SER B 451 12.30 -5.82 5.06
CA SER B 451 13.33 -4.81 5.23
C SER B 451 13.48 -4.46 6.70
N PRO B 452 14.59 -3.83 7.09
CA PRO B 452 14.77 -3.45 8.50
C PRO B 452 13.70 -2.48 8.98
N VAL B 453 13.54 -2.42 10.30
CA VAL B 453 12.77 -1.35 10.92
C VAL B 453 13.70 -0.71 11.94
N PRO B 454 13.92 0.62 11.90
CA PRO B 454 13.36 1.61 10.96
C PRO B 454 13.84 1.33 9.55
N TYR B 455 13.08 1.76 8.56
CA TYR B 455 13.37 1.33 7.19
C TYR B 455 14.72 1.83 6.72
N SER B 456 15.46 0.95 6.06
CA SER B 456 16.70 1.28 5.35
C SER B 456 16.82 0.37 4.13
N VAL B 457 17.66 0.78 3.17
CA VAL B 457 17.93 -0.07 1.99
C VAL B 457 19.34 -0.65 2.05
N ALA C 6 6.84 49.70 2.33
CA ALA C 6 5.86 48.63 2.52
C ALA C 6 4.62 48.87 1.66
N PRO C 7 4.45 48.05 0.61
CA PRO C 7 3.30 48.23 -0.28
C PRO C 7 1.97 48.15 0.44
N THR C 8 1.03 49.00 0.01
CA THR C 8 -0.28 49.13 0.62
C THR C 8 -1.43 48.70 -0.27
N ASN C 9 -1.27 48.76 -1.59
CA ASN C 9 -2.31 48.37 -2.53
C ASN C 9 -1.69 47.51 -3.63
N LEU C 10 -2.53 47.03 -4.53
CA LEU C 10 -2.05 46.17 -5.62
C LEU C 10 -1.05 46.89 -6.50
N GLU C 11 -1.38 48.12 -6.93
CA GLU C 11 -0.49 48.87 -7.81
C GLU C 11 0.92 48.93 -7.24
N GLN C 12 1.06 49.24 -5.96
CA GLN C 12 2.37 49.28 -5.34
C GLN C 12 3.01 47.89 -5.31
N VAL C 13 2.21 46.85 -5.08
CA VAL C 13 2.73 45.49 -5.09
C VAL C 13 3.26 45.13 -6.48
N LEU C 14 2.59 45.58 -7.54
CA LEU C 14 3.08 45.33 -8.88
C LEU C 14 4.29 46.18 -9.20
N ALA C 15 4.34 47.41 -8.67
CA ALA C 15 5.46 48.30 -8.95
C ALA C 15 6.78 47.74 -8.43
N ALA C 16 6.74 47.12 -7.25
CA ALA C 16 7.94 46.53 -6.67
C ALA C 16 8.14 45.06 -7.05
N GLY C 17 7.12 44.41 -7.60
CA GLY C 17 7.14 42.98 -7.83
C GLY C 17 7.77 42.51 -9.13
N GLY C 18 8.41 43.40 -9.89
CA GLY C 18 8.97 42.96 -11.15
C GLY C 18 7.90 42.52 -12.12
N ASN C 19 8.24 41.54 -12.95
CA ASN C 19 7.29 41.04 -13.94
C ASN C 19 6.05 40.47 -13.25
N THR C 20 4.89 40.91 -13.72
CA THR C 20 3.63 40.51 -13.07
C THR C 20 3.42 38.99 -13.16
N VAL C 21 3.66 38.39 -14.33
CA VAL C 21 3.52 36.94 -14.46
C VAL C 21 4.52 36.23 -13.55
N GLU C 22 5.78 36.63 -13.60
CA GLU C 22 6.77 36.00 -12.73
C GLU C 22 6.36 36.09 -11.26
N MET C 23 5.80 37.24 -10.85
CA MET C 23 5.36 37.38 -9.46
C MET C 23 4.28 36.37 -9.11
N LEU C 24 3.25 36.27 -9.95
CA LEU C 24 2.13 35.40 -9.65
C LEU C 24 2.48 33.92 -9.77
N ARG C 25 3.37 33.55 -10.70
CA ARG C 25 3.69 32.14 -10.90
C ARG C 25 4.67 31.59 -9.87
N ASN C 26 5.18 32.44 -8.98
CA ASN C 26 6.08 32.01 -7.92
C ASN C 26 5.58 32.49 -6.55
N SER C 27 4.29 32.84 -6.47
CA SER C 27 3.68 33.26 -5.21
C SER C 27 3.81 32.15 -4.16
N GLN C 28 4.12 32.56 -2.94
CA GLN C 28 4.26 31.65 -1.80
C GLN C 28 2.96 31.48 -1.02
N ILE C 29 1.82 31.68 -1.68
CA ILE C 29 0.52 31.70 -0.99
C ILE C 29 0.16 30.31 -0.46
N GLY C 30 0.48 29.26 -1.20
CA GLY C 30 0.00 27.92 -0.91
C GLY C 30 -1.07 27.48 -1.89
N ALA C 31 -1.82 26.45 -1.49
CA ALA C 31 -2.84 25.86 -2.34
C ALA C 31 -4.20 26.52 -2.15
N TYR C 32 -5.04 26.46 -3.19
CA TYR C 32 -6.39 27.01 -3.14
C TYR C 32 -7.31 26.01 -2.44
N VAL C 33 -7.60 26.28 -1.15
CA VAL C 33 -8.29 25.33 -0.28
C VAL C 33 -9.79 25.60 -0.32
N TYR C 34 -10.56 24.51 -0.18
CA TYR C 34 -11.99 24.56 0.04
C TYR C 34 -12.25 24.21 1.50
N PRO C 35 -12.45 25.19 2.38
CA PRO C 35 -12.16 25.02 3.80
C PRO C 35 -13.29 24.41 4.63
N VAL C 36 -12.94 24.16 5.90
CA VAL C 36 -13.84 23.86 7.03
C VAL C 36 -14.56 22.54 6.88
N VAL C 37 -15.20 22.32 5.72
CA VAL C 37 -15.88 21.05 5.47
C VAL C 37 -14.88 19.90 5.54
N ALA C 38 -15.33 18.76 6.07
CA ALA C 38 -14.48 17.58 6.18
C ALA C 38 -14.04 17.13 4.79
N PRO C 39 -12.76 16.75 4.61
CA PRO C 39 -12.34 16.22 3.31
C PRO C 39 -13.24 15.11 2.78
N GLU C 40 -13.56 14.13 3.61
CA GLU C 40 -14.38 13.01 3.22
C GLU C 40 -15.29 12.63 4.37
N PHE C 41 -16.50 12.18 4.03
CA PHE C 41 -17.43 11.57 4.99
C PHE C 41 -17.45 10.06 4.85
N SER C 42 -17.56 9.56 3.62
CA SER C 42 -17.34 8.14 3.37
C SER C 42 -16.00 7.97 2.68
N ASN C 43 -15.99 8.18 1.37
CA ASN C 43 -14.75 8.26 0.60
C ASN C 43 -15.07 8.97 -0.71
N TRP C 44 -14.09 9.69 -1.26
CA TRP C 44 -14.38 10.60 -2.37
C TRP C 44 -14.86 9.86 -3.62
N ARG C 45 -14.52 8.57 -3.77
CA ARG C 45 -15.00 7.79 -4.90
C ARG C 45 -16.49 7.51 -4.77
N THR C 46 -16.92 7.03 -3.60
CA THR C 46 -18.34 6.80 -3.36
C THR C 46 -19.13 8.11 -3.40
N GLU C 47 -18.53 9.20 -2.94
CA GLU C 47 -19.22 10.48 -2.93
C GLU C 47 -19.39 11.05 -4.33
N GLN C 48 -18.41 10.86 -5.21
CA GLN C 48 -18.60 11.21 -6.62
C GLN C 48 -19.66 10.33 -7.25
N TRP C 49 -19.63 9.03 -6.94
CA TRP C 49 -20.61 8.09 -7.46
C TRP C 49 -22.02 8.47 -7.07
N ALA C 50 -22.21 8.96 -5.84
CA ALA C 50 -23.56 9.13 -5.32
C ALA C 50 -24.28 10.28 -6.01
N TRP C 51 -23.55 11.33 -6.41
CA TRP C 51 -24.19 12.42 -7.12
C TRP C 51 -24.62 12.04 -8.52
N ARG C 52 -24.13 10.93 -9.05
CA ARG C 52 -24.68 10.42 -10.30
C ARG C 52 -25.73 9.35 -10.10
N ASN C 53 -25.73 8.63 -8.96
CA ASN C 53 -26.50 7.41 -8.82
C ASN C 53 -27.49 7.38 -7.67
N SER C 54 -27.38 8.25 -6.68
CA SER C 54 -28.35 8.29 -5.59
C SER C 54 -28.72 9.73 -5.30
N ALA C 55 -28.28 10.24 -4.15
CA ALA C 55 -28.44 11.65 -3.82
C ALA C 55 -27.28 12.06 -2.94
N VAL C 56 -26.94 13.34 -2.98
CA VAL C 56 -25.87 13.88 -2.14
C VAL C 56 -26.32 15.19 -1.53
N LEU C 57 -25.62 15.56 -0.46
CA LEU C 57 -25.71 16.87 0.14
C LEU C 57 -24.37 17.55 -0.06
N PHE C 58 -24.35 18.62 -0.88
CA PHE C 58 -23.17 19.48 -1.00
C PHE C 58 -23.26 20.55 0.08
N ASP C 59 -22.21 20.66 0.90
CA ASP C 59 -22.13 21.72 1.90
C ASP C 59 -21.32 22.85 1.28
N GLN C 60 -21.99 23.96 0.96
CA GLN C 60 -21.34 25.08 0.29
C GLN C 60 -21.24 26.31 1.18
N THR C 61 -21.27 26.10 2.50
CA THR C 61 -21.36 27.20 3.45
C THR C 61 -20.08 28.03 3.55
N HIS C 62 -18.93 27.47 3.15
CA HIS C 62 -17.67 28.01 3.64
C HIS C 62 -16.67 28.46 2.58
N HIS C 63 -16.80 28.04 1.33
CA HIS C 63 -15.75 28.40 0.37
C HIS C 63 -16.07 29.62 -0.48
N MET C 64 -17.31 30.09 -0.53
CA MET C 64 -17.61 31.24 -1.36
C MET C 64 -17.70 32.51 -0.50
N VAL C 65 -17.45 33.65 -1.14
CA VAL C 65 -17.63 34.95 -0.51
C VAL C 65 -19.07 35.39 -0.72
N ASP C 66 -19.68 35.92 0.34
CA ASP C 66 -21.05 36.42 0.28
C ASP C 66 -21.05 37.94 0.37
N LEU C 67 -21.77 38.57 -0.54
CA LEU C 67 -21.86 40.03 -0.63
C LEU C 67 -23.34 40.40 -0.71
N TYR C 68 -23.85 41.06 0.33
CA TYR C 68 -25.25 41.44 0.41
C TYR C 68 -25.40 42.89 -0.03
N ILE C 69 -26.24 43.14 -1.03
CA ILE C 69 -26.36 44.45 -1.67
C ILE C 69 -27.76 44.98 -1.42
N ARG C 70 -27.87 46.03 -0.61
CA ARG C 70 -29.13 46.69 -0.28
C ARG C 70 -29.07 48.16 -0.71
N GLY C 71 -30.23 48.79 -0.75
CA GLY C 71 -30.33 50.19 -1.14
C GLY C 71 -31.13 50.35 -2.44
N LYS C 72 -31.37 51.63 -2.78
CA LYS C 72 -32.19 51.93 -3.94
C LYS C 72 -31.44 51.68 -5.25
N ASP C 73 -30.15 52.00 -5.28
CA ASP C 73 -29.32 51.80 -6.46
C ASP C 73 -28.75 50.40 -6.55
N ALA C 74 -29.29 49.43 -5.81
CA ALA C 74 -28.73 48.08 -5.82
C ALA C 74 -28.79 47.47 -7.21
N LEU C 75 -29.98 47.49 -7.84
CA LEU C 75 -30.08 46.98 -9.20
C LEU C 75 -29.23 47.78 -10.17
N LYS C 76 -29.11 49.09 -9.93
CA LYS C 76 -28.28 49.93 -10.80
C LYS C 76 -26.83 49.46 -10.81
N LEU C 77 -26.27 49.20 -9.61
CA LEU C 77 -24.88 48.77 -9.53
C LEU C 77 -24.66 47.45 -10.29
N LEU C 78 -25.64 46.55 -10.25
CA LEU C 78 -25.54 45.32 -11.02
C LEU C 78 -25.54 45.62 -12.51
N SER C 79 -26.67 46.14 -13.02
CA SER C 79 -26.83 46.32 -14.46
C SER C 79 -25.69 47.13 -15.07
N ASP C 80 -25.09 48.02 -14.28
CA ASP C 80 -23.97 48.81 -14.78
C ASP C 80 -22.70 47.98 -14.92
N THR C 81 -22.57 46.89 -14.14
CA THR C 81 -21.33 46.14 -14.08
C THR C 81 -21.42 44.73 -14.66
N MET C 82 -22.58 44.33 -15.19
CA MET C 82 -22.79 42.95 -15.63
C MET C 82 -23.14 42.89 -17.10
N ILE C 83 -22.65 41.83 -17.76
CA ILE C 83 -23.01 41.56 -19.14
C ILE C 83 -24.40 40.96 -19.28
N ASN C 84 -25.08 40.70 -18.16
CA ASN C 84 -26.37 40.04 -18.20
C ASN C 84 -27.48 41.05 -18.48
N SER C 85 -28.47 40.61 -19.25
CA SER C 85 -29.67 41.42 -19.46
C SER C 85 -30.38 41.66 -18.13
N PRO C 86 -30.64 42.91 -17.76
CA PRO C 86 -31.47 43.17 -16.58
C PRO C 86 -32.97 43.25 -16.87
N LYS C 87 -33.37 43.01 -18.11
CA LYS C 87 -34.75 43.22 -18.56
C LYS C 87 -35.57 41.97 -18.30
N GLY C 88 -36.60 42.11 -17.47
CA GLY C 88 -37.42 40.99 -17.07
C GLY C 88 -37.03 40.34 -15.76
N TRP C 89 -36.31 41.05 -14.90
CA TRP C 89 -35.72 40.50 -13.68
C TRP C 89 -36.53 41.00 -12.48
N GLU C 90 -37.36 40.12 -11.93
CA GLU C 90 -38.08 40.36 -10.70
C GLU C 90 -37.45 39.54 -9.58
N PRO C 91 -37.77 39.85 -8.32
CA PRO C 91 -37.34 38.98 -7.22
C PRO C 91 -37.66 37.51 -7.44
N ASN C 92 -36.91 36.63 -6.75
CA ASN C 92 -37.01 35.18 -6.88
C ASN C 92 -36.61 34.69 -8.28
N LYS C 93 -35.69 35.40 -8.92
CA LYS C 93 -34.92 34.89 -10.04
C LYS C 93 -33.45 35.18 -9.77
N ALA C 94 -32.61 34.17 -9.90
CA ALA C 94 -31.17 34.35 -9.76
C ALA C 94 -30.51 34.26 -11.13
N LYS C 95 -29.38 34.94 -11.26
CA LYS C 95 -28.63 34.99 -12.51
C LYS C 95 -27.15 34.79 -12.23
N GLN C 96 -26.44 34.37 -13.27
CA GLN C 96 -25.00 34.15 -13.21
C GLN C 96 -24.29 35.45 -13.56
N TYR C 97 -24.08 36.28 -12.53
CA TYR C 97 -23.45 37.59 -12.70
C TYR C 97 -22.03 37.45 -13.23
N VAL C 98 -21.74 38.09 -14.36
CA VAL C 98 -20.42 38.02 -15.00
C VAL C 98 -19.95 39.43 -15.33
N PRO C 99 -18.99 39.98 -14.59
CA PRO C 99 -18.51 41.34 -14.90
C PRO C 99 -17.24 41.35 -15.73
N VAL C 100 -17.13 42.30 -16.66
CA VAL C 100 -15.92 42.45 -17.46
C VAL C 100 -15.30 43.81 -17.19
N THR C 101 -14.01 43.91 -17.50
CA THR C 101 -13.29 45.17 -17.45
C THR C 101 -13.69 46.04 -18.64
N PRO C 102 -13.35 47.34 -18.61
CA PRO C 102 -13.59 48.17 -19.80
C PRO C 102 -13.07 47.57 -21.09
N TYR C 103 -12.01 46.75 -21.03
CA TYR C 103 -11.43 46.10 -22.21
C TYR C 103 -12.14 44.81 -22.58
N GLY C 104 -13.19 44.42 -21.85
CA GLY C 104 -13.99 43.26 -22.20
C GLY C 104 -13.50 41.93 -21.65
N HIS C 105 -12.65 41.93 -20.64
CA HIS C 105 -12.09 40.70 -20.11
C HIS C 105 -12.79 40.34 -18.80
N VAL C 106 -13.00 39.04 -18.58
CA VAL C 106 -13.75 38.59 -17.42
C VAL C 106 -12.99 38.89 -16.14
N ILE C 107 -13.68 39.46 -15.17
CA ILE C 107 -13.08 39.67 -13.84
C ILE C 107 -13.32 38.47 -12.93
N GLY C 108 -14.33 37.67 -13.21
CA GLY C 108 -14.76 36.61 -12.32
C GLY C 108 -16.24 36.37 -12.56
N ASP C 109 -16.87 35.63 -11.64
CA ASP C 109 -18.30 35.43 -11.76
C ASP C 109 -18.85 34.98 -10.41
N GLY C 110 -20.18 34.88 -10.36
CA GLY C 110 -20.85 34.46 -9.16
C GLY C 110 -22.32 34.23 -9.44
N ILE C 111 -23.11 34.17 -8.37
CA ILE C 111 -24.56 34.06 -8.48
C ILE C 111 -25.16 35.23 -7.72
N ILE C 112 -25.97 36.02 -8.41
CA ILE C 112 -26.74 37.10 -7.81
C ILE C 112 -28.14 36.56 -7.53
N PHE C 113 -28.56 36.65 -6.28
CA PHE C 113 -29.91 36.29 -5.88
C PHE C 113 -30.75 37.56 -5.79
N TYR C 114 -31.85 37.59 -6.53
CA TYR C 114 -32.84 38.67 -6.39
C TYR C 114 -33.79 38.23 -5.28
N LEU C 115 -33.49 38.66 -4.05
CA LEU C 115 -34.25 38.22 -2.88
C LEU C 115 -35.61 38.91 -2.82
N ALA C 116 -35.59 40.24 -2.84
CA ALA C 116 -36.79 41.06 -2.92
C ALA C 116 -36.37 42.39 -3.50
N GLU C 117 -37.34 43.30 -3.66
CA GLU C 117 -37.05 44.63 -4.19
C GLU C 117 -35.94 45.29 -3.39
N GLU C 118 -34.89 45.74 -4.09
CA GLU C 118 -33.70 46.36 -3.49
C GLU C 118 -32.93 45.42 -2.55
N GLU C 119 -33.11 44.10 -2.69
CA GLU C 119 -32.44 43.13 -1.83
C GLU C 119 -31.72 42.11 -2.70
N PHE C 120 -30.38 42.10 -2.60
CA PHE C 120 -29.56 41.21 -3.43
C PHE C 120 -28.44 40.62 -2.58
N VAL C 121 -28.04 39.40 -2.95
CA VAL C 121 -26.85 38.77 -2.38
C VAL C 121 -26.03 38.14 -3.51
N TYR C 122 -24.74 38.45 -3.54
CA TYR C 122 -23.78 37.81 -4.43
C TYR C 122 -23.07 36.70 -3.67
N VAL C 123 -23.00 35.52 -4.29
CA VAL C 123 -22.29 34.36 -3.74
C VAL C 123 -21.28 33.89 -4.77
N GLY C 124 -19.99 34.03 -4.47
CA GLY C 124 -18.97 33.52 -5.36
C GLY C 124 -17.58 33.86 -4.88
N ARG C 125 -16.63 33.77 -5.80
CA ARG C 125 -15.22 34.01 -5.53
C ARG C 125 -14.94 35.50 -5.29
N ALA C 126 -13.76 35.77 -4.74
CA ALA C 126 -13.43 37.14 -4.32
C ALA C 126 -13.36 38.18 -5.44
N PRO C 127 -12.91 37.87 -6.67
CA PRO C 127 -12.70 38.96 -7.64
C PRO C 127 -13.96 39.76 -7.94
N ALA C 128 -15.05 39.09 -8.34
CA ALA C 128 -16.28 39.80 -8.62
C ALA C 128 -16.83 40.51 -7.38
N ALA C 129 -16.60 39.95 -6.19
CA ALA C 129 -17.04 40.63 -4.97
C ALA C 129 -16.28 41.93 -4.76
N ASN C 130 -14.95 41.89 -4.94
CA ASN C 130 -14.15 43.11 -4.79
C ASN C 130 -14.49 44.14 -5.86
N TRP C 131 -14.82 43.69 -7.07
CA TRP C 131 -15.28 44.59 -8.13
C TRP C 131 -16.48 45.40 -7.66
N LEU C 132 -17.52 44.71 -7.23
CA LEU C 132 -18.73 45.38 -6.76
C LEU C 132 -18.43 46.31 -5.59
N MET C 133 -17.68 45.82 -4.60
CA MET C 133 -17.37 46.64 -3.43
C MET C 133 -16.68 47.94 -3.81
N TYR C 134 -15.81 47.89 -4.82
CA TYR C 134 -15.11 49.10 -5.26
C TYR C 134 -16.06 50.09 -5.91
N HIS C 135 -16.96 49.61 -6.77
CA HIS C 135 -17.89 50.51 -7.45
C HIS C 135 -18.93 51.07 -6.50
N ALA C 136 -19.39 50.25 -5.54
CA ALA C 136 -20.33 50.76 -4.56
C ALA C 136 -19.75 51.93 -3.79
N GLN C 137 -18.47 51.84 -3.40
CA GLN C 137 -17.82 52.92 -2.67
C GLN C 137 -17.46 54.08 -3.59
N THR C 138 -16.77 53.78 -4.70
CA THR C 138 -16.19 54.81 -5.57
C THR C 138 -17.19 55.38 -6.58
N GLY C 139 -18.16 54.59 -7.03
CA GLY C 139 -19.09 55.00 -8.06
C GLY C 139 -20.25 55.86 -7.61
N GLY C 140 -20.33 56.18 -6.32
CA GLY C 140 -21.36 57.07 -5.83
C GLY C 140 -22.77 56.50 -5.81
N TYR C 141 -22.92 55.19 -5.66
CA TYR C 141 -24.25 54.59 -5.59
C TYR C 141 -24.83 54.70 -4.19
N ASN C 142 -26.16 54.83 -4.11
CA ASN C 142 -26.87 54.74 -2.85
C ASN C 142 -27.21 53.27 -2.63
N VAL C 143 -26.18 52.52 -2.21
CA VAL C 143 -26.31 51.10 -1.89
C VAL C 143 -25.53 50.82 -0.61
N ASP C 144 -26.05 49.91 0.21
CA ASP C 144 -25.41 49.52 1.48
C ASP C 144 -24.96 48.07 1.38
N ILE C 145 -23.65 47.84 1.46
CA ILE C 145 -23.05 46.54 1.18
C ILE C 145 -22.59 45.90 2.48
N VAL C 146 -22.89 44.60 2.62
CA VAL C 146 -22.43 43.79 3.75
C VAL C 146 -21.57 42.65 3.19
N HIS C 147 -20.28 42.68 3.50
CA HIS C 147 -19.31 41.72 2.96
C HIS C 147 -19.11 40.58 3.96
N ASP C 148 -19.29 39.35 3.50
CA ASP C 148 -19.11 38.14 4.31
C ASP C 148 -18.03 37.28 3.65
N ASP C 149 -16.80 37.40 4.13
CA ASP C 149 -15.69 36.69 3.53
C ASP C 149 -15.91 35.18 3.58
N ARG C 150 -15.30 34.48 2.62
CA ARG C 150 -15.18 33.03 2.73
C ARG C 150 -14.36 32.70 3.98
N SER C 151 -14.66 31.54 4.58
CA SER C 151 -14.00 31.19 5.82
C SER C 151 -12.54 30.82 5.56
N PRO C 152 -11.65 31.00 6.55
CA PRO C 152 -10.22 30.82 6.31
C PRO C 152 -9.87 29.42 5.82
N SER C 153 -8.84 29.36 4.95
CA SER C 153 -8.47 28.09 4.33
C SER C 153 -7.90 27.10 5.33
N ARG C 154 -7.19 27.59 6.34
CA ARG C 154 -6.58 26.74 7.38
C ARG C 154 -6.95 27.32 8.74
N PRO C 155 -8.22 27.17 9.15
CA PRO C 155 -8.67 27.81 10.40
C PRO C 155 -7.95 27.30 11.64
N MET C 156 -7.57 26.01 11.67
CA MET C 156 -6.74 25.43 12.73
C MET C 156 -7.40 25.54 14.10
N GLY C 157 -8.68 25.19 14.16
CA GLY C 157 -9.41 25.16 15.41
C GLY C 157 -10.03 26.46 15.86
N LYS C 158 -9.81 27.56 15.14
CA LYS C 158 -10.52 28.79 15.45
C LYS C 158 -11.99 28.62 15.07
N PRO C 159 -12.91 29.22 15.83
CA PRO C 159 -14.33 29.13 15.45
C PRO C 159 -14.60 29.87 14.15
N VAL C 160 -15.51 29.31 13.37
CA VAL C 160 -15.89 29.84 12.06
C VAL C 160 -17.35 30.27 12.12
N GLN C 161 -17.65 31.44 11.53
CA GLN C 161 -19.01 31.90 11.39
C GLN C 161 -19.23 32.46 9.99
N ARG C 162 -20.44 32.27 9.48
CA ARG C 162 -20.93 32.91 8.26
C ARG C 162 -22.28 33.54 8.58
N ILE C 163 -22.83 34.27 7.59
CA ILE C 163 -24.17 34.81 7.74
C ILE C 163 -25.21 33.74 7.45
N SER C 164 -25.02 32.97 6.37
CA SER C 164 -25.94 31.90 5.99
C SER C 164 -25.18 30.59 5.83
N TRP C 165 -25.93 29.49 5.94
CA TRP C 165 -25.51 28.22 5.38
C TRP C 165 -26.12 28.05 3.99
N ARG C 166 -25.43 27.32 3.13
CA ARG C 166 -25.90 27.05 1.78
C ARG C 166 -25.59 25.60 1.46
N PHE C 167 -26.62 24.84 1.09
CA PHE C 167 -26.50 23.45 0.72
C PHE C 167 -27.04 23.24 -0.68
N GLN C 168 -26.79 22.06 -1.22
CA GLN C 168 -27.43 21.58 -2.44
C GLN C 168 -27.83 20.13 -2.23
N ILE C 169 -29.05 19.80 -2.62
CA ILE C 169 -29.51 18.41 -2.66
C ILE C 169 -29.60 18.06 -4.14
N GLN C 170 -28.59 17.33 -4.63
CA GLN C 170 -28.46 16.98 -6.04
C GLN C 170 -28.46 15.48 -6.21
N GLY C 171 -28.62 15.05 -7.46
CA GLY C 171 -28.60 13.64 -7.77
C GLY C 171 -29.94 13.16 -8.26
N PRO C 172 -29.97 11.96 -8.87
CA PRO C 172 -31.22 11.46 -9.48
C PRO C 172 -32.34 11.16 -8.49
N LYS C 173 -32.06 11.10 -7.19
CA LYS C 173 -33.12 10.95 -6.21
C LYS C 173 -33.26 12.20 -5.35
N ALA C 174 -32.64 13.30 -5.74
CA ALA C 174 -32.71 14.52 -4.95
C ALA C 174 -34.16 14.97 -4.76
N TRP C 175 -34.97 14.90 -5.81
CA TRP C 175 -36.33 15.37 -5.69
C TRP C 175 -37.15 14.47 -4.77
N ASP C 176 -36.87 13.16 -4.77
CA ASP C 176 -37.55 12.28 -3.85
C ASP C 176 -37.23 12.60 -2.40
N VAL C 177 -36.00 13.04 -2.12
CA VAL C 177 -35.68 13.52 -0.77
C VAL C 177 -36.38 14.84 -0.50
N ILE C 178 -36.33 15.75 -1.48
CA ILE C 178 -36.88 17.09 -1.31
C ILE C 178 -38.37 17.01 -0.96
N GLU C 179 -39.12 16.21 -1.71
CA GLU C 179 -40.56 16.15 -1.46
C GLU C 179 -40.89 15.42 -0.17
N LYS C 180 -39.98 14.55 0.30
CA LYS C 180 -40.18 13.94 1.61
C LYS C 180 -39.96 14.96 2.72
N LEU C 181 -38.93 15.80 2.58
CA LEU C 181 -38.73 16.90 3.51
C LEU C 181 -39.90 17.87 3.48
N HIS C 182 -40.47 18.09 2.29
CA HIS C 182 -41.52 19.08 2.14
C HIS C 182 -42.85 18.57 2.68
N GLY C 183 -43.06 17.27 2.70
CA GLY C 183 -44.32 16.68 3.10
C GLY C 183 -45.32 16.49 1.98
N GLY C 184 -45.01 16.94 0.77
CA GLY C 184 -45.90 16.74 -0.35
C GLY C 184 -45.22 17.09 -1.65
N THR C 185 -45.99 16.98 -2.74
CA THR C 185 -45.48 17.34 -4.05
C THR C 185 -44.97 18.77 -4.03
N LEU C 186 -43.87 19.00 -4.74
CA LEU C 186 -43.28 20.32 -4.89
C LEU C 186 -43.05 20.57 -6.36
N GLU C 187 -43.52 21.71 -6.86
CA GLU C 187 -43.44 21.99 -8.28
C GLU C 187 -42.00 22.24 -8.70
N LYS C 188 -41.62 21.68 -9.85
CA LYS C 188 -40.27 21.85 -10.39
C LYS C 188 -40.24 23.12 -11.22
N LEU C 189 -39.97 24.26 -10.56
CA LEU C 189 -39.85 25.53 -11.25
C LEU C 189 -38.68 25.50 -12.24
N LYS C 190 -38.62 26.53 -13.08
CA LYS C 190 -37.62 26.57 -14.13
C LYS C 190 -36.24 26.90 -13.55
N PHE C 191 -35.21 26.64 -14.35
CA PHE C 191 -33.84 26.79 -13.91
C PHE C 191 -33.57 28.20 -13.39
N PHE C 192 -32.90 28.27 -12.24
CA PHE C 192 -32.53 29.50 -11.55
C PHE C 192 -33.76 30.35 -11.17
N ASN C 193 -34.93 29.73 -11.10
CA ASN C 193 -36.07 30.31 -10.40
C ASN C 193 -35.97 29.98 -8.91
N MET C 194 -36.56 30.83 -8.08
CA MET C 194 -36.50 30.69 -6.64
C MET C 194 -37.90 30.54 -6.03
N ALA C 195 -37.96 29.81 -4.92
CA ALA C 195 -39.22 29.53 -4.23
C ALA C 195 -38.97 29.20 -2.76
N GLU C 196 -39.68 28.21 -2.22
CA GLU C 196 -39.47 27.82 -0.84
C GLU C 196 -39.92 26.39 -0.62
N MET C 197 -39.44 25.80 0.48
CA MET C 197 -39.83 24.46 0.89
C MET C 197 -39.80 24.37 2.40
N ASN C 198 -40.42 23.31 2.91
CA ASN C 198 -40.42 23.02 4.35
C ASN C 198 -39.24 22.10 4.66
N ILE C 199 -38.43 22.51 5.63
CA ILE C 199 -37.41 21.64 6.22
C ILE C 199 -37.49 21.84 7.73
N ALA C 200 -37.88 20.79 8.45
CA ALA C 200 -37.94 20.76 9.91
C ALA C 200 -38.58 22.03 10.49
N GLY C 201 -39.81 22.31 10.02
CA GLY C 201 -40.59 23.43 10.49
C GLY C 201 -40.17 24.79 9.96
N MET C 202 -39.04 24.87 9.26
CA MET C 202 -38.59 26.13 8.68
C MET C 202 -39.10 26.26 7.24
N LYS C 203 -39.38 27.50 6.86
CA LYS C 203 -39.65 27.85 5.47
C LYS C 203 -38.30 28.19 4.85
N ILE C 204 -37.81 27.33 3.96
CA ILE C 204 -36.45 27.43 3.43
C ILE C 204 -36.51 27.86 1.98
N ARG C 205 -35.85 28.98 1.67
CA ARG C 205 -35.81 29.47 0.30
C ARG C 205 -35.02 28.51 -0.58
N THR C 206 -35.46 28.38 -1.83
CA THR C 206 -34.90 27.40 -2.75
C THR C 206 -34.51 28.09 -4.05
N LEU C 207 -33.48 27.54 -4.69
CA LEU C 207 -33.04 27.97 -6.01
C LEU C 207 -32.89 26.71 -6.86
N ARG C 208 -33.66 26.64 -7.95
CA ARG C 208 -33.73 25.39 -8.71
C ARG C 208 -32.44 25.14 -9.47
N HIS C 209 -31.96 23.90 -9.42
CA HIS C 209 -30.90 23.39 -10.29
C HIS C 209 -31.49 22.24 -11.13
N ALA C 214 -31.51 15.63 -14.15
CA ALA C 214 -32.03 15.33 -12.82
C ALA C 214 -32.14 16.60 -11.96
N PRO C 215 -33.37 16.91 -11.53
CA PRO C 215 -33.60 18.18 -10.82
C PRO C 215 -33.13 18.15 -9.37
N GLY C 216 -32.49 19.25 -8.95
CA GLY C 216 -32.05 19.44 -7.59
C GLY C 216 -32.34 20.85 -7.10
N LEU C 217 -31.82 21.22 -5.93
CA LEU C 217 -32.04 22.54 -5.38
C LEU C 217 -30.83 23.00 -4.60
N GLU C 218 -30.53 24.30 -4.70
CA GLU C 218 -29.69 24.95 -3.70
C GLU C 218 -30.59 25.59 -2.65
N ILE C 219 -30.29 25.32 -1.39
CA ILE C 219 -31.09 25.85 -0.29
C ILE C 219 -30.16 26.65 0.61
N TRP C 220 -30.74 27.60 1.33
CA TRP C 220 -29.98 28.42 2.24
C TRP C 220 -30.89 28.92 3.36
N GLY C 221 -30.26 29.27 4.47
CA GLY C 221 -30.94 29.80 5.62
C GLY C 221 -29.96 30.44 6.57
N PRO C 222 -30.44 30.98 7.69
CA PRO C 222 -29.53 31.58 8.67
C PRO C 222 -28.52 30.55 9.17
N TYR C 223 -27.24 30.96 9.13
CA TYR C 223 -26.13 30.04 9.40
C TYR C 223 -26.30 29.27 10.70
N GLU C 224 -27.01 29.84 11.66
CA GLU C 224 -27.09 29.24 12.98
C GLU C 224 -28.13 28.12 13.07
N THR C 225 -29.00 27.98 12.07
CA THR C 225 -29.89 26.82 11.95
C THR C 225 -29.25 25.69 11.14
N GLN C 226 -27.93 25.77 10.90
CA GLN C 226 -27.30 24.88 9.93
C GLN C 226 -27.44 23.42 10.32
N GLU C 227 -27.13 23.10 11.58
CA GLU C 227 -27.14 21.70 12.02
C GLU C 227 -28.56 21.13 12.01
N LYS C 228 -29.55 21.93 12.41
CA LYS C 228 -30.93 21.48 12.33
C LYS C 228 -31.30 21.09 10.90
N ALA C 229 -30.96 21.95 9.94
CA ALA C 229 -31.28 21.66 8.55
C ALA C 229 -30.57 20.39 8.07
N ARG C 230 -29.25 20.29 8.34
N ARG C 230 -29.26 20.30 8.34
CA ARG C 230 -28.48 19.15 7.85
CA ARG C 230 -28.48 19.15 7.85
C ARG C 230 -29.00 17.84 8.40
C ARG C 230 -29.00 17.84 8.40
N ASN C 231 -29.21 17.77 9.72
CA ASN C 231 -29.72 16.56 10.35
C ASN C 231 -31.03 16.10 9.73
N ALA C 232 -31.97 17.03 9.55
CA ALA C 232 -33.24 16.68 8.93
C ALA C 232 -33.04 16.14 7.51
N ILE C 233 -32.19 16.79 6.72
CA ILE C 233 -31.95 16.35 5.35
C ILE C 233 -31.31 14.96 5.33
N LEU C 234 -30.29 14.75 6.17
CA LEU C 234 -29.63 13.46 6.20
C LEU C 234 -30.57 12.37 6.67
N GLU C 235 -31.37 12.65 7.70
CA GLU C 235 -32.31 11.65 8.20
C GLU C 235 -33.33 11.26 7.12
N ALA C 236 -33.98 12.26 6.53
CA ALA C 236 -34.97 11.97 5.49
C ALA C 236 -34.33 11.27 4.30
N GLY C 237 -33.08 11.64 3.97
CA GLY C 237 -32.44 11.11 2.78
C GLY C 237 -31.94 9.68 2.89
N LYS C 238 -31.79 9.17 4.11
CA LYS C 238 -31.31 7.80 4.29
C LYS C 238 -32.13 6.81 3.47
N GLU C 239 -33.45 6.98 3.45
CA GLU C 239 -34.33 6.11 2.68
C GLU C 239 -33.92 6.01 1.22
N PHE C 240 -33.34 7.07 0.65
CA PHE C 240 -32.96 7.09 -0.75
C PHE C 240 -31.45 7.03 -0.96
N GLY C 241 -30.68 6.69 0.07
CA GLY C 241 -29.26 6.58 -0.08
C GLY C 241 -28.52 7.89 -0.18
N LEU C 242 -29.10 8.99 0.29
CA LEU C 242 -28.40 10.27 0.30
C LEU C 242 -27.20 10.22 1.25
N ILE C 243 -26.09 10.80 0.81
CA ILE C 243 -24.91 10.89 1.67
C ILE C 243 -24.29 12.27 1.53
N PRO C 244 -23.62 12.72 2.58
CA PRO C 244 -22.89 14.00 2.51
C PRO C 244 -21.61 13.84 1.70
N VAL C 245 -21.27 14.90 0.97
CA VAL C 245 -20.08 14.96 0.14
C VAL C 245 -19.06 15.86 0.82
N GLY C 246 -17.78 15.40 0.87
CA GLY C 246 -16.74 16.16 1.52
C GLY C 246 -16.07 17.19 0.59
N SER C 247 -15.21 18.01 1.19
CA SER C 247 -14.49 19.05 0.47
C SER C 247 -13.47 18.49 -0.52
N ARG C 248 -13.13 17.21 -0.42
CA ARG C 248 -12.18 16.63 -1.36
C ARG C 248 -12.85 16.35 -2.69
N ALA C 249 -13.99 15.66 -2.65
CA ALA C 249 -14.72 15.33 -3.87
C ALA C 249 -15.55 16.50 -4.41
N TYR C 250 -15.98 17.44 -3.57
CA TYR C 250 -16.94 18.44 -4.03
C TYR C 250 -16.43 19.27 -5.20
N PRO C 251 -15.28 19.95 -5.13
CA PRO C 251 -14.89 20.84 -6.24
C PRO C 251 -14.63 20.10 -7.54
N SER C 252 -14.55 18.77 -7.51
CA SER C 252 -14.38 17.98 -8.71
C SER C 252 -15.69 17.75 -9.44
N ASN C 253 -16.83 18.09 -8.84
CA ASN C 253 -18.09 17.93 -9.56
C ASN C 253 -18.10 18.77 -10.84
N THR C 254 -17.46 19.94 -10.81
CA THR C 254 -17.51 20.87 -11.93
C THR C 254 -16.78 20.34 -13.16
N LEU C 255 -15.94 19.31 -13.02
CA LEU C 255 -15.32 18.72 -14.21
C LEU C 255 -16.34 17.99 -15.07
N GLU C 256 -17.42 17.50 -14.47
CA GLU C 256 -18.45 16.81 -15.25
C GLU C 256 -19.51 17.76 -15.79
N SER C 257 -19.66 18.94 -15.17
CA SER C 257 -20.71 19.88 -15.51
C SER C 257 -20.22 20.93 -16.51
N GLY C 258 -19.07 21.53 -16.27
CA GLY C 258 -18.44 22.38 -17.26
C GLY C 258 -18.06 23.77 -16.79
N TRP C 259 -18.43 24.09 -15.56
CA TRP C 259 -18.17 25.44 -15.04
C TRP C 259 -16.71 25.62 -14.66
N ILE C 260 -16.07 26.66 -15.20
CA ILE C 260 -14.66 26.95 -14.92
C ILE C 260 -14.63 28.01 -13.82
N PRO C 261 -14.21 27.66 -12.60
CA PRO C 261 -14.28 28.62 -11.49
C PRO C 261 -13.16 29.63 -11.44
N SER C 262 -12.08 29.45 -12.20
CA SER C 262 -10.83 30.11 -11.83
C SER C 262 -10.20 31.04 -12.89
N PRO C 263 -10.97 31.82 -13.67
CA PRO C 263 -10.32 32.71 -14.63
C PRO C 263 -9.53 33.78 -13.89
N LEU C 264 -8.38 34.14 -14.43
CA LEU C 264 -7.61 35.21 -13.82
C LEU C 264 -8.42 36.50 -13.87
N PRO C 265 -8.58 37.20 -12.74
CA PRO C 265 -9.18 38.55 -12.80
C PRO C 265 -8.30 39.46 -13.65
N ALA C 266 -8.87 39.95 -14.74
CA ALA C 266 -8.10 40.62 -15.79
C ALA C 266 -7.97 42.11 -15.46
N ILE C 267 -7.21 42.38 -14.40
CA ILE C 267 -7.15 43.70 -13.80
C ILE C 267 -5.73 44.21 -13.61
N TYR C 268 -4.72 43.44 -14.00
CA TYR C 268 -3.33 43.81 -13.73
C TYR C 268 -2.76 44.82 -14.71
N THR C 269 -3.46 45.10 -15.81
CA THR C 269 -3.02 46.01 -16.84
C THR C 269 -4.15 46.96 -17.21
N GLY C 270 -3.80 48.03 -17.95
CA GLY C 270 -4.80 48.94 -18.48
C GLY C 270 -4.95 50.22 -17.68
N ASP C 271 -4.97 51.36 -18.37
CA ASP C 271 -5.12 52.63 -17.66
C ASP C 271 -6.52 52.78 -17.08
N LYS C 272 -7.53 52.20 -17.73
CA LYS C 272 -8.90 52.23 -17.22
C LYS C 272 -9.06 51.47 -15.92
N LEU C 273 -8.01 50.79 -15.42
CA LEU C 273 -8.10 49.98 -14.22
C LEU C 273 -7.06 50.32 -13.17
N LYS C 274 -6.21 51.33 -13.41
CA LYS C 274 -5.21 51.71 -12.41
C LYS C 274 -5.87 52.24 -11.14
N ALA C 275 -7.05 52.84 -11.27
CA ALA C 275 -7.80 53.29 -10.11
C ALA C 275 -8.31 52.12 -9.29
N TYR C 276 -8.58 50.99 -9.94
CA TYR C 276 -8.96 49.78 -9.22
C TYR C 276 -7.76 49.18 -8.50
N ARG C 277 -6.62 49.05 -9.20
CA ARG C 277 -5.42 48.48 -8.59
C ARG C 277 -4.94 49.31 -7.41
N GLU C 278 -5.26 50.61 -7.39
CA GLU C 278 -4.90 51.45 -6.26
C GLU C 278 -5.85 51.26 -5.09
N TRP C 279 -7.06 50.75 -5.33
CA TRP C 279 -8.01 50.49 -4.25
C TRP C 279 -7.90 49.08 -3.69
N LEU C 280 -7.47 48.11 -4.51
CA LEU C 280 -7.31 46.73 -4.04
C LEU C 280 -6.15 46.64 -3.05
N PRO C 281 -6.36 46.09 -1.86
CA PRO C 281 -5.29 46.04 -0.85
C PRO C 281 -4.15 45.12 -1.27
N ALA C 282 -3.04 45.25 -0.53
CA ALA C 282 -1.85 44.46 -0.85
C ALA C 282 -2.04 42.99 -0.48
N ASN C 283 -2.94 42.70 0.46
CA ASN C 283 -3.25 41.33 0.83
C ASN C 283 -4.41 40.76 0.02
N SER C 284 -4.82 41.45 -1.03
CA SER C 284 -5.99 41.01 -1.79
C SER C 284 -5.74 39.66 -2.45
N TYR C 285 -6.83 38.99 -2.78
CA TYR C 285 -6.78 37.78 -3.62
C TYR C 285 -5.93 38.02 -4.85
N GLU C 286 -6.15 39.14 -5.52
CA GLU C 286 -5.48 39.42 -6.78
C GLU C 286 -3.99 39.69 -6.57
N ALA C 287 -3.62 40.19 -5.38
CA ALA C 287 -2.23 40.59 -5.14
C ALA C 287 -1.36 39.43 -4.68
N SER C 288 -1.92 38.46 -3.94
CA SER C 288 -1.14 37.37 -3.40
C SER C 288 -1.52 36.01 -3.98
N GLY C 289 -2.52 35.94 -4.85
CA GLY C 289 -2.88 34.69 -5.51
C GLY C 289 -1.75 34.13 -6.34
N ALA C 290 -1.97 32.98 -6.98
CA ALA C 290 -0.90 32.36 -7.75
C ALA C 290 -1.45 31.72 -9.01
N ILE C 291 -0.60 31.68 -10.03
CA ILE C 291 -0.88 31.01 -11.30
C ILE C 291 0.06 29.82 -11.42
N GLY C 292 -0.47 28.68 -11.82
CA GLY C 292 0.33 27.49 -12.00
C GLY C 292 -0.01 26.82 -13.31
N GLY C 293 0.97 26.13 -13.86
CA GLY C 293 0.78 25.36 -15.07
C GLY C 293 1.88 25.62 -16.09
N SER C 294 1.72 24.97 -17.25
CA SER C 294 2.80 24.95 -18.24
C SER C 294 2.81 26.15 -19.17
N PHE C 295 1.69 26.84 -19.34
CA PHE C 295 1.67 27.97 -20.27
C PHE C 295 2.47 29.14 -19.71
N VAL C 296 3.52 29.54 -20.43
CA VAL C 296 4.42 30.59 -20.00
C VAL C 296 4.35 31.74 -21.01
N SER C 297 4.12 32.96 -20.51
CA SER C 297 4.27 34.19 -21.27
C SER C 297 4.70 35.30 -20.33
N SER C 298 5.48 36.24 -20.87
CA SER C 298 5.87 37.39 -20.05
C SER C 298 4.82 38.49 -20.02
N ASN C 299 3.65 38.27 -20.64
CA ASN C 299 2.56 39.25 -20.67
C ASN C 299 1.34 38.67 -19.96
N ILE C 300 0.99 39.26 -18.81
CA ILE C 300 -0.13 38.77 -18.01
C ILE C 300 -1.42 38.71 -18.81
N GLU C 301 -1.58 39.62 -19.78
CA GLU C 301 -2.81 39.65 -20.58
C GLU C 301 -3.03 38.36 -21.37
N ASP C 302 -1.97 37.60 -21.65
CA ASP C 302 -2.15 36.30 -22.28
C ASP C 302 -2.90 35.33 -21.39
N TYR C 303 -3.11 35.67 -20.12
CA TYR C 303 -3.87 34.86 -19.18
C TYR C 303 -5.30 35.38 -19.00
N TYR C 304 -5.70 36.35 -19.82
CA TYR C 304 -7.06 36.88 -19.79
C TYR C 304 -7.98 36.02 -20.64
N VAL C 305 -9.25 35.98 -20.26
CA VAL C 305 -10.29 35.44 -21.11
C VAL C 305 -11.44 36.43 -21.15
N ASN C 306 -12.23 36.36 -22.20
CA ASN C 306 -13.43 37.17 -22.34
C ASN C 306 -14.65 36.26 -22.22
N PRO C 307 -15.85 36.83 -22.01
CA PRO C 307 -17.04 35.98 -21.76
C PRO C 307 -17.28 34.89 -22.80
N TYR C 308 -16.97 35.14 -24.07
CA TYR C 308 -17.27 34.15 -25.09
C TYR C 308 -16.35 32.93 -24.99
N GLU C 309 -15.20 33.08 -24.33
CA GLU C 309 -14.20 32.03 -24.35
C GLU C 309 -14.45 30.93 -23.31
N ILE C 310 -15.28 31.19 -22.30
CA ILE C 310 -15.47 30.21 -21.23
C ILE C 310 -16.94 29.85 -21.06
N GLY C 311 -17.72 29.94 -22.15
CA GLY C 311 -19.08 29.45 -22.15
C GLY C 311 -20.15 30.46 -21.81
N TYR C 312 -19.80 31.70 -21.45
CA TYR C 312 -20.78 32.70 -21.05
C TYR C 312 -21.18 33.63 -22.20
N GLY C 313 -20.89 33.23 -23.45
CA GLY C 313 -21.28 33.99 -24.61
C GLY C 313 -22.75 34.37 -24.63
N PRO C 314 -23.64 33.37 -24.51
CA PRO C 314 -25.08 33.66 -24.51
C PRO C 314 -25.52 34.70 -23.48
N PHE C 315 -24.85 34.79 -22.33
CA PHE C 315 -25.24 35.78 -21.32
C PHE C 315 -25.04 37.21 -21.79
N VAL C 316 -24.23 37.42 -22.84
CA VAL C 316 -23.97 38.76 -23.34
C VAL C 316 -25.22 39.29 -24.01
N LYS C 317 -25.74 40.41 -23.51
CA LYS C 317 -26.89 41.09 -24.08
C LYS C 317 -26.58 42.57 -24.16
N PHE C 318 -26.65 43.13 -25.38
CA PHE C 318 -26.38 44.55 -25.60
C PHE C 318 -27.64 45.39 -25.53
N ASP C 319 -28.41 45.19 -24.46
CA ASP C 319 -29.63 45.94 -24.20
C ASP C 319 -29.48 46.93 -23.05
N HIS C 320 -28.27 47.16 -22.57
CA HIS C 320 -28.05 48.11 -21.48
C HIS C 320 -26.61 48.60 -21.55
N ASP C 321 -26.34 49.64 -20.76
CA ASP C 321 -25.02 50.28 -20.70
C ASP C 321 -24.24 49.66 -19.55
N PHE C 322 -23.24 48.85 -19.87
CA PHE C 322 -22.46 48.15 -18.86
C PHE C 322 -20.98 48.24 -19.20
N ILE C 323 -20.15 48.23 -18.15
CA ILE C 323 -18.70 48.35 -18.30
C ILE C 323 -18.20 47.31 -19.31
N GLY C 324 -17.30 47.74 -20.19
CA GLY C 324 -16.75 46.88 -21.21
C GLY C 324 -17.70 46.54 -22.34
N ARG C 325 -18.86 47.20 -22.45
CA ARG C 325 -19.79 46.91 -23.53
C ARG C 325 -19.19 47.23 -24.89
N ASP C 326 -18.57 48.41 -25.01
CA ASP C 326 -17.98 48.81 -26.29
C ASP C 326 -16.89 47.86 -26.73
N ALA C 327 -16.06 47.40 -25.78
CA ALA C 327 -15.05 46.39 -26.09
C ALA C 327 -15.71 45.07 -26.48
N LEU C 328 -16.77 44.67 -25.77
CA LEU C 328 -17.50 43.45 -26.12
C LEU C 328 -18.17 43.58 -27.48
N GLU C 329 -18.68 44.78 -27.80
CA GLU C 329 -19.32 45.01 -29.09
C GLU C 329 -18.39 44.69 -30.24
N ALA C 330 -17.12 45.05 -30.11
CA ALA C 330 -16.16 44.88 -31.21
C ALA C 330 -15.90 43.40 -31.50
N ILE C 331 -15.85 42.56 -30.47
CA ILE C 331 -15.45 41.17 -30.64
C ILE C 331 -16.51 40.40 -31.44
N ASP C 332 -16.04 39.54 -32.35
CA ASP C 332 -16.91 38.64 -33.09
C ASP C 332 -17.03 37.32 -32.33
N PRO C 333 -18.24 36.94 -31.88
CA PRO C 333 -18.37 35.67 -31.14
C PRO C 333 -18.04 34.44 -31.98
N ALA C 334 -18.32 34.47 -33.28
CA ALA C 334 -18.13 33.28 -34.11
C ALA C 334 -16.66 32.88 -34.21
N THR C 335 -15.73 33.75 -33.83
CA THR C 335 -14.31 33.48 -33.98
C THR C 335 -13.58 33.30 -32.67
N GLN C 336 -14.25 33.45 -31.53
CA GLN C 336 -13.58 33.36 -30.25
C GLN C 336 -13.25 31.91 -29.90
N ARG C 337 -12.21 31.74 -29.09
CA ARG C 337 -11.92 30.44 -28.50
C ARG C 337 -13.13 29.93 -27.73
N LYS C 338 -13.26 28.60 -27.65
CA LYS C 338 -14.48 27.98 -27.14
C LYS C 338 -14.16 27.04 -25.98
N LYS C 339 -15.06 27.02 -24.99
CA LYS C 339 -14.92 26.12 -23.85
C LYS C 339 -15.20 24.68 -24.28
N VAL C 340 -14.33 23.75 -23.86
CA VAL C 340 -14.45 22.33 -24.16
C VAL C 340 -13.95 21.56 -22.95
N THR C 341 -14.26 20.27 -22.92
CA THR C 341 -13.62 19.33 -21.99
C THR C 341 -12.56 18.54 -22.74
N LEU C 342 -11.40 18.37 -22.12
CA LEU C 342 -10.32 17.55 -22.67
C LEU C 342 -10.27 16.25 -21.87
N ALA C 343 -10.46 15.13 -22.56
CA ALA C 343 -10.40 13.81 -21.94
C ALA C 343 -8.96 13.32 -21.99
N TRP C 344 -8.31 13.23 -20.82
CA TRP C 344 -6.89 12.86 -20.79
C TRP C 344 -6.69 11.37 -20.97
N ASN C 345 -5.56 11.01 -21.61
CA ASN C 345 -5.30 9.64 -22.02
C ASN C 345 -4.97 8.76 -20.83
N GLY C 346 -5.63 7.59 -20.74
CA GLY C 346 -5.48 6.75 -19.57
C GLY C 346 -4.07 6.20 -19.42
N ASP C 347 -3.46 5.77 -20.53
CA ASP C 347 -2.09 5.30 -20.46
C ASP C 347 -1.14 6.39 -20.00
N ASP C 348 -1.35 7.61 -20.50
CA ASP C 348 -0.51 8.71 -20.03
C ASP C 348 -0.72 8.99 -18.55
N MET C 349 -1.95 8.83 -18.04
CA MET C 349 -2.19 9.04 -16.62
C MET C 349 -1.42 8.01 -15.78
N ALA C 350 -1.46 6.75 -16.20
CA ALA C 350 -0.72 5.69 -15.51
C ALA C 350 0.78 5.94 -15.52
N LYS C 351 1.30 6.58 -16.56
CA LYS C 351 2.73 6.81 -16.64
C LYS C 351 3.15 7.94 -15.71
N ILE C 352 2.32 8.98 -15.60
CA ILE C 352 2.53 10.01 -14.58
C ILE C 352 2.67 9.36 -13.21
N TYR C 353 1.73 8.48 -12.87
CA TYR C 353 1.69 7.92 -11.51
C TYR C 353 2.81 6.92 -11.30
N ALA C 354 3.16 6.14 -12.34
CA ALA C 354 4.24 5.16 -12.21
C ALA C 354 5.56 5.82 -11.84
N SER C 355 5.80 7.04 -12.31
CA SER C 355 7.09 7.68 -12.02
C SER C 355 7.29 7.91 -10.52
N LEU C 356 6.19 8.03 -9.76
CA LEU C 356 6.28 8.20 -8.30
C LEU C 356 6.92 7.00 -7.62
N PHE C 357 6.83 5.84 -8.25
CA PHE C 357 7.30 4.58 -7.69
C PHE C 357 8.58 4.08 -8.35
N ASP C 358 9.32 4.96 -9.04
CA ASP C 358 10.56 4.59 -9.73
C ASP C 358 11.72 5.00 -8.85
N THR C 359 12.38 4.02 -8.26
CA THR C 359 13.47 4.34 -7.36
C THR C 359 14.76 4.71 -8.09
N GLU C 360 14.83 4.46 -9.39
CA GLU C 360 16.02 4.81 -10.17
C GLU C 360 15.93 6.19 -10.81
N ALA C 361 14.72 6.63 -11.20
CA ALA C 361 14.57 7.78 -12.07
C ALA C 361 15.04 9.07 -11.39
N ASP C 362 15.65 9.95 -12.20
CA ASP C 362 16.19 11.22 -11.70
C ASP C 362 15.06 12.19 -11.34
N ALA C 363 13.94 12.09 -12.03
CA ALA C 363 12.80 12.96 -11.77
C ALA C 363 11.53 12.21 -12.15
N HIS C 364 10.41 12.67 -11.58
CA HIS C 364 9.09 12.10 -11.82
C HIS C 364 8.21 13.19 -12.42
N TYR C 365 7.07 12.76 -12.99
CA TYR C 365 6.12 13.72 -13.51
C TYR C 365 5.38 14.41 -12.37
N LYS C 366 4.83 15.59 -12.68
CA LYS C 366 4.14 16.40 -11.68
C LYS C 366 3.06 15.59 -10.98
N PHE C 367 3.05 15.64 -9.66
CA PHE C 367 2.03 14.93 -8.91
C PHE C 367 0.65 15.41 -9.32
N PHE C 368 -0.22 14.45 -9.63
CA PHE C 368 -1.59 14.65 -10.07
C PHE C 368 -2.55 14.19 -8.95
N ASP C 369 -2.92 15.11 -8.06
CA ASP C 369 -3.77 14.77 -6.93
C ASP C 369 -5.15 14.33 -7.40
N LEU C 370 -5.82 13.49 -6.61
CA LEU C 370 -7.14 12.97 -6.94
C LEU C 370 -8.14 13.25 -5.81
N PRO C 371 -9.37 13.69 -6.16
CA PRO C 371 -9.85 13.84 -7.54
C PRO C 371 -9.62 15.21 -8.17
N LEU C 372 -8.89 16.11 -7.50
CA LEU C 372 -8.62 17.43 -8.02
C LEU C 372 -7.11 17.66 -8.05
N ALA C 373 -6.57 18.00 -9.23
CA ALA C 373 -5.13 18.07 -9.40
C ALA C 373 -4.58 19.50 -9.39
N ASN C 374 -5.45 20.51 -9.32
CA ASN C 374 -4.98 21.89 -9.40
C ASN C 374 -3.98 22.19 -8.29
N TYR C 375 -2.97 23.01 -8.60
CA TYR C 375 -2.01 23.39 -7.56
C TYR C 375 -1.76 24.89 -7.54
N ALA C 376 -2.77 25.68 -7.92
CA ALA C 376 -2.70 27.12 -7.81
C ALA C 376 -4.11 27.68 -7.82
N ASN C 377 -4.23 28.94 -7.40
CA ASN C 377 -5.53 29.62 -7.45
C ASN C 377 -6.01 29.78 -8.89
N THR C 378 -5.10 30.11 -9.79
CA THR C 378 -5.40 30.19 -11.22
C THR C 378 -4.60 29.14 -11.96
N ASN C 379 -5.27 28.37 -12.83
CA ASN C 379 -4.65 27.32 -13.59
C ASN C 379 -4.50 27.71 -15.05
N ALA C 380 -3.33 27.42 -15.63
CA ALA C 380 -3.05 27.77 -17.02
C ALA C 380 -2.04 26.77 -17.56
N ASP C 381 -2.54 25.64 -18.06
CA ASP C 381 -1.70 24.68 -18.76
C ASP C 381 -1.83 24.90 -20.25
N ALA C 382 -0.71 24.76 -20.96
CA ALA C 382 -0.73 24.91 -22.41
C ALA C 382 -1.38 23.70 -23.07
N VAL C 383 -2.16 23.94 -24.12
CA VAL C 383 -2.73 22.92 -24.98
C VAL C 383 -2.10 23.07 -26.37
N LEU C 384 -1.52 22.00 -26.89
CA LEU C 384 -0.75 22.03 -28.13
C LEU C 384 -1.46 21.23 -29.22
N ASP C 385 -1.37 21.71 -30.47
CA ASP C 385 -1.79 20.90 -31.60
C ASP C 385 -0.60 20.09 -32.10
N ALA C 386 -0.82 19.25 -33.13
CA ALA C 386 0.23 18.37 -33.62
C ALA C 386 1.45 19.15 -34.08
N ALA C 387 1.25 20.40 -34.51
CA ALA C 387 2.34 21.27 -34.93
C ALA C 387 3.17 21.76 -33.75
N GLY C 388 2.60 21.74 -32.53
CA GLY C 388 3.26 22.31 -31.39
C GLY C 388 2.91 23.77 -31.12
N ASN C 389 1.96 24.32 -31.88
CA ASN C 389 1.41 25.63 -31.59
C ASN C 389 0.50 25.56 -30.37
N VAL C 390 0.51 26.62 -29.57
CA VAL C 390 -0.43 26.72 -28.47
C VAL C 390 -1.79 27.10 -29.04
N VAL C 391 -2.78 26.21 -28.82
CA VAL C 391 -4.11 26.39 -29.39
C VAL C 391 -5.17 26.57 -28.30
N GLY C 392 -4.76 26.69 -27.04
CA GLY C 392 -5.71 26.91 -25.98
C GLY C 392 -5.04 26.84 -24.61
N MET C 393 -5.89 26.85 -23.58
CA MET C 393 -5.47 26.95 -22.19
C MET C 393 -6.31 26.00 -21.37
N SER C 394 -5.66 25.11 -20.62
CA SER C 394 -6.34 24.23 -19.67
C SER C 394 -6.40 24.89 -18.29
N MET C 395 -7.61 24.98 -17.73
CA MET C 395 -7.84 25.83 -16.56
C MET C 395 -8.45 25.14 -15.34
N PHE C 396 -8.82 23.86 -15.42
CA PHE C 396 -9.34 23.15 -14.24
C PHE C 396 -9.20 21.65 -14.48
N THR C 397 -8.52 20.95 -13.57
CA THR C 397 -8.02 19.61 -13.85
C THR C 397 -8.27 18.65 -12.68
N GLY C 398 -8.76 17.45 -13.00
CA GLY C 398 -8.93 16.43 -12.00
C GLY C 398 -9.35 15.11 -12.58
N TYR C 399 -10.15 14.34 -11.83
CA TYR C 399 -10.50 12.99 -12.22
C TYR C 399 -11.92 12.70 -11.78
N SER C 400 -12.62 11.89 -12.59
CA SER C 400 -13.99 11.52 -12.32
C SER C 400 -14.06 10.00 -12.17
N TYR C 401 -14.41 9.55 -10.97
CA TYR C 401 -14.63 8.12 -10.75
C TYR C 401 -15.83 7.60 -11.52
N ASN C 402 -16.78 8.48 -11.81
CA ASN C 402 -17.91 8.09 -12.64
C ASN C 402 -17.43 7.71 -14.03
N GLU C 403 -16.58 8.54 -14.65
CA GLU C 403 -16.07 8.28 -15.99
C GLU C 403 -14.80 7.43 -16.01
N LYS C 404 -14.13 7.29 -14.87
CA LYS C 404 -12.82 6.62 -14.83
C LYS C 404 -11.83 7.30 -15.76
N ARG C 405 -11.87 8.64 -15.78
CA ARG C 405 -11.01 9.40 -16.68
C ARG C 405 -10.47 10.62 -15.95
N ALA C 406 -9.23 10.97 -16.24
CA ALA C 406 -8.80 12.32 -15.94
C ALA C 406 -9.44 13.26 -16.96
N LEU C 407 -9.85 14.43 -16.49
CA LEU C 407 -10.53 15.41 -17.33
C LEU C 407 -9.97 16.79 -17.03
N SER C 408 -9.99 17.67 -18.03
CA SER C 408 -9.72 19.07 -17.79
C SER C 408 -10.74 19.91 -18.55
N LEU C 409 -10.93 21.14 -18.08
CA LEU C 409 -11.73 22.15 -18.75
C LEU C 409 -10.80 23.16 -19.38
N ALA C 410 -11.00 23.44 -20.67
CA ALA C 410 -10.11 24.32 -21.40
C ALA C 410 -10.88 25.10 -22.45
N THR C 411 -10.36 26.28 -22.79
CA THR C 411 -10.85 27.08 -23.89
C THR C 411 -9.87 26.92 -25.05
N ILE C 412 -10.37 26.57 -26.24
CA ILE C 412 -9.50 26.26 -27.35
C ILE C 412 -9.96 26.98 -28.62
N ASP C 413 -9.05 27.04 -29.59
CA ASP C 413 -9.31 27.60 -30.91
C ASP C 413 -10.61 27.05 -31.50
N HIS C 414 -11.50 27.98 -31.89
CA HIS C 414 -12.87 27.59 -32.22
C HIS C 414 -12.95 26.56 -33.34
N GLU C 415 -11.97 26.54 -34.23
CA GLU C 415 -12.04 25.71 -35.42
C GLU C 415 -11.56 24.28 -35.19
N ILE C 416 -11.14 23.94 -33.98
CA ILE C 416 -10.71 22.57 -33.70
C ILE C 416 -11.94 21.70 -33.45
N PRO C 417 -12.11 20.60 -34.18
CA PRO C 417 -13.33 19.80 -34.07
C PRO C 417 -13.30 18.84 -32.89
N VAL C 418 -14.50 18.47 -32.45
CA VAL C 418 -14.63 17.47 -31.39
C VAL C 418 -14.04 16.15 -31.88
N GLY C 419 -13.38 15.43 -30.96
CA GLY C 419 -12.67 14.21 -31.28
C GLY C 419 -11.19 14.41 -31.53
N THR C 420 -10.75 15.65 -31.73
CA THR C 420 -9.35 15.96 -31.99
C THR C 420 -8.48 15.59 -30.80
N GLU C 421 -7.44 14.78 -31.05
CA GLU C 421 -6.45 14.48 -30.04
C GLU C 421 -5.43 15.62 -30.01
N LEU C 422 -5.47 16.43 -28.96
CA LEU C 422 -4.45 17.42 -28.71
C LEU C 422 -3.52 16.90 -27.61
N THR C 423 -2.66 17.79 -27.11
CA THR C 423 -1.77 17.45 -26.00
C THR C 423 -1.82 18.55 -24.96
N VAL C 424 -1.87 18.15 -23.69
CA VAL C 424 -1.77 19.07 -22.57
C VAL C 424 -0.38 18.91 -21.97
N LEU C 425 0.35 20.02 -21.88
CA LEU C 425 1.66 20.01 -21.21
C LEU C 425 1.39 20.02 -19.71
N TRP C 426 1.71 18.92 -19.06
CA TRP C 426 1.44 18.75 -17.63
C TRP C 426 2.74 18.98 -16.85
N GLY C 427 2.73 19.97 -15.98
CA GLY C 427 3.90 20.32 -15.20
C GLY C 427 4.51 21.63 -15.66
N GLU C 428 5.47 22.09 -14.87
CA GLU C 428 6.10 23.38 -15.04
C GLU C 428 7.55 23.18 -15.49
N GLU C 429 8.09 24.23 -16.09
CA GLU C 429 9.41 24.23 -16.71
C GLU C 429 10.53 24.28 -15.67
N ASN C 430 11.72 23.82 -16.09
CA ASN C 430 12.96 24.00 -15.33
C ASN C 430 12.87 23.42 -13.91
N GLY C 431 12.17 22.30 -13.76
CA GLY C 431 11.98 21.69 -12.46
C GLY C 431 10.84 22.23 -11.63
N GLY C 432 10.18 23.31 -12.07
CA GLY C 432 9.01 23.83 -11.43
C GLY C 432 9.25 25.19 -10.81
N THR C 433 8.16 25.95 -10.66
CA THR C 433 8.25 27.27 -10.05
C THR C 433 8.48 27.16 -8.54
N ARG C 434 8.70 28.31 -7.91
CA ARG C 434 8.93 28.35 -6.47
C ARG C 434 7.64 28.28 -5.64
N LYS C 435 6.49 27.99 -6.25
CA LYS C 435 5.25 27.89 -5.48
C LYS C 435 5.38 26.78 -4.44
N THR C 436 4.80 27.01 -3.26
CA THR C 436 4.95 26.02 -2.20
C THR C 436 4.19 24.73 -2.50
N THR C 437 3.36 24.72 -3.53
CA THR C 437 2.59 23.54 -3.92
C THR C 437 3.29 22.67 -4.92
N VAL C 438 4.51 23.01 -5.31
CA VAL C 438 5.16 22.39 -6.45
C VAL C 438 6.40 21.64 -5.97
N GLU C 439 6.35 20.33 -6.09
CA GLU C 439 7.52 19.51 -5.87
C GLU C 439 8.36 19.46 -7.15
N PRO C 440 9.66 19.22 -7.03
CA PRO C 440 10.51 19.06 -8.22
C PRO C 440 9.93 17.98 -9.13
N HIS C 441 9.90 18.27 -10.44
CA HIS C 441 9.28 17.36 -11.39
C HIS C 441 9.67 17.77 -12.81
N LYS C 442 9.44 16.84 -13.74
CA LYS C 442 9.62 17.06 -15.16
C LYS C 442 8.25 17.12 -15.80
N GLN C 443 8.19 17.69 -17.00
CA GLN C 443 6.91 17.85 -17.66
C GLN C 443 6.59 16.65 -18.53
N MET C 444 5.34 16.57 -18.97
CA MET C 444 4.94 15.55 -19.93
C MET C 444 3.85 16.16 -20.80
N ALA C 445 3.88 15.80 -22.08
CA ALA C 445 2.80 16.16 -23.00
C ALA C 445 1.75 15.05 -22.94
N VAL C 446 0.67 15.29 -22.21
CA VAL C 446 -0.40 14.30 -22.09
C VAL C 446 -1.33 14.40 -23.29
N ARG C 447 -1.68 13.25 -23.86
CA ARG C 447 -2.63 13.25 -24.97
C ARG C 447 -4.05 13.48 -24.45
N ALA C 448 -4.82 14.30 -25.17
CA ALA C 448 -6.14 14.70 -24.68
C ALA C 448 -7.12 14.86 -25.85
N VAL C 449 -8.32 14.30 -25.69
CA VAL C 449 -9.33 14.30 -26.74
C VAL C 449 -10.33 15.42 -26.49
N VAL C 450 -10.57 16.24 -27.52
CA VAL C 450 -11.55 17.31 -27.42
C VAL C 450 -12.92 16.68 -27.29
N SER C 451 -13.71 17.17 -26.34
CA SER C 451 -14.96 16.54 -25.92
C SER C 451 -16.00 17.60 -25.61
N PRO C 452 -17.27 17.23 -25.60
CA PRO C 452 -18.33 18.21 -25.27
C PRO C 452 -18.24 18.70 -23.83
N VAL C 453 -18.90 19.83 -23.58
CA VAL C 453 -19.05 20.36 -22.24
C VAL C 453 -20.54 20.67 -22.05
N PRO C 454 -21.24 20.04 -21.08
CA PRO C 454 -20.75 19.05 -20.10
C PRO C 454 -20.16 17.82 -20.76
N TYR C 455 -19.27 17.12 -20.05
CA TYR C 455 -18.54 16.02 -20.67
C TYR C 455 -19.49 14.90 -21.11
N SER C 456 -19.18 14.30 -22.25
CA SER C 456 -19.79 13.08 -22.74
C SER C 456 -18.74 12.32 -23.53
N VAL C 457 -18.81 10.99 -23.49
CA VAL C 457 -17.75 10.17 -24.07
C VAL C 457 -17.74 10.27 -25.60
C1 EDO D . 23.57 -31.13 -17.59
O1 EDO D . 22.17 -31.41 -17.38
C2 EDO D . 23.79 -29.64 -17.82
O2 EDO D . 23.60 -28.90 -16.60
C1 EDO E . 35.07 -36.10 1.11
O1 EDO E . 34.23 -37.24 1.33
C2 EDO E . 36.36 -36.39 1.86
O2 EDO E . 36.96 -37.52 1.22
C1 EDO F . -5.97 -2.14 5.00
O1 EDO F . -4.74 -2.41 5.67
C2 EDO F . -6.90 -1.33 5.90
O2 EDO F . -6.35 -0.03 6.12
C1 EDO G . -0.69 -20.93 8.28
O1 EDO G . 0.45 -20.89 7.41
C2 EDO G . -1.94 -20.92 7.41
O2 EDO G . -1.85 -19.83 6.48
#